data_7ZGK
#
_entry.id   7ZGK
#
_cell.length_a   1.00
_cell.length_b   1.00
_cell.length_c   1.00
_cell.angle_alpha   90.00
_cell.angle_beta   90.00
_cell.angle_gamma   90.00
#
_symmetry.space_group_name_H-M   'P 1'
#
loop_
_entity.id
_entity.type
_entity.pdbx_description
1 polymer 'Complement C3 beta chain'
2 polymer "Complement C3b alpha' chain"
3 polymer '65 kDa invariant surface glycoprotein, putative'
#
loop_
_entity_poly.entity_id
_entity_poly.type
_entity_poly.pdbx_seq_one_letter_code
_entity_poly.pdbx_strand_id
1 'polypeptide(L)'
;SPMYSIITPNILRLESEETMVLEAHDAQGDVPVTVTVHDFPGKKLVLSSEKTVLTPATNHMGNVTFTIPANREFKSEKGR
NKFVTVQATFGTQVVEKVVLVSLQSGYLFIQTDKTIYTPGSTVLYRIFTVNHKLLPVGRTVMVNIENPEGIPVKQDSLSS
QNQLGVLPLSWDIPELVNMGQWKIRAYYENSPQQVFSTEFEVKEYVLPSFEVIVEPTEKFYYIYNEKGLEVTITARFLYG
KKVEGTAFVIFGIQDGEQRISLPESLKRIPIEDGSGEVVLSRKVLLDGVQNPRAEDLVGKSLYVSATVILHSGSDMVQAE
RSGIPIVTSPYQIHFTKTPKYFKPGMPFDLMVFVTNPDGSPAYRVPVAVQGEDTVQSLTQGDGVAKLSINTHPSQKPLSI
TVRTKKQELSEAEQATRTMQALPYSTVGNSNNYLHLSVLRTELRPGETLNVNFLLRMDRAHEAKIRYYTYLIMNKGRLLK
AGRQVREPGQDLVVLPLSITTDFIPSFRLVAYYTLIGASGQREVVADSVWVDVKDSCVGSLVVKSGQSEDRQPVPGQQMT
LKIEGDHGARVVLVAVDKGVFVLNKKNKLTQSKIWDVVEKADIGCTPGSGKDYAGVFSDAGLTFTSSSGQQTAQRAELQC
PQPAA
;
A
2 'polypeptide(L)'
;SNLDEDIIAEENIVSRSEFPESWLWNVEDLKEPPKNGISTKLMNIFLKDSITTWEILAVSMSDKKGICVADPFEVTVMQD
FFIDLRLPYSVVRNEQVEIRAVLYNYRQNQELKVRVELLHNPAFCSLATTKRRHQQTVTIPPKSSLSVPYVIVPLKTGLQ
EVEVKAAVYHHFISDGVRKSLKVVPEGIRMNKTVAVRTLDPERLGREGVQKEDIPPADLSDQVPDTESETRILLQGTPVA
QMTEDAVDAERLKHLIVTPSGCGEENMIGMTPTVIAVHYLDETEQWEKFGLEKRQGALELIKKGYTQQLAFRQPSSAFAA
FVKRAPSTWLTAYVVKVFSLAVNLIAIDSQVLCGAVKWLILEKQKPDGVFQEDAPVIHQEMIGGLRNNNEKDMALTAFVL
ISLQEAKDICEEQVNSLPGSITKAGDFLEANYMNLQRSYTVAIAGYALAQMGRLKGPLLNKFLTTAKDKNRWEDPGKQLY
NVEATSYALLALLQLKDFDFVPPVVRWLNEQRYYGGGYGSTQATFMVFQALAQYQKDAPDHQELNLDVSLQLPSRSSKIT
HRIHWESASLLRSEETKENEGFTVTAEGKGQGTLSVVTMYHAKAKDQLTCNKFDLKVTIKPAPETEKRPQDAKNTMILEI
CTRYRGDQDATMSILDISMMTGFAPDTDDLKQLANGVDRYISKYELDKAFSDRNTLIIYLDKVSHSEDDCLAFKVHQYFN
VELIQPGAVKVYAYYNLEESCTRFYHPEKEDGKLNKLCRDELCRCAEENCFIQKSDDKVTLEERLDKACEPGVDYVYKTR
LVKVQLSNDFDEYIMAIEQTIKSGSDEVQVGQQRTFISPIKCREALKLEEKKHYLMWGLSSDFWGEKPNLSYIIGKDTWV
EHWPEEDECQDEENQKQCQDLGAFTESMVVFGCPN
;
B
3 'polypeptide(L)'
;MGSSHHHHHHSSGLVPRGSHMLLVIGSEDNRVPGDKKLTKEGAAALCKMKHLADKVAKERSQELKDRTQNFAGYIEFELY
RIDYWLEKLNGPKGRKDGYAKLSDSDIEKVKEIFNKAKDGITKQLPEAKKAGEEAGKLHTEVKKAAENARGQDLDDDTAK
STGLYRVLNWYCITKEERHNATPNCDGIQFRKHYLSVNRSAIDCSSTSYEENYDWSANALQVALNSWEDVKPKKLESAGS
DKNCNIGQSSESHPCTMTEEWQTPYKETVEKLRELEDAYQRGKKAHDAMLGYANTAYAVNTKVEQEKPLTEVIAAAKEAG
KKGAKIIIPAAAPATPTNSTKNDDSAPTEHVDRGIATNETQVEVGID
;
C
#
# COMPACT_ATOMS: atom_id res chain seq x y z
N SER A 1 2.63 57.10 -7.83
CA SER A 1 3.48 55.87 -7.92
C SER A 1 2.66 54.62 -7.59
N PRO A 2 1.79 54.22 -8.50
CA PRO A 2 0.97 53.02 -8.26
C PRO A 2 1.84 51.79 -8.06
N MET A 3 1.42 50.92 -7.15
CA MET A 3 2.12 49.68 -6.85
C MET A 3 1.15 48.52 -6.97
N TYR A 4 1.46 47.57 -7.85
CA TYR A 4 0.60 46.42 -8.09
C TYR A 4 1.14 45.22 -7.33
N SER A 5 0.25 44.51 -6.63
CA SER A 5 0.62 43.38 -5.80
C SER A 5 -0.31 42.20 -6.07
N ILE A 6 0.23 41.00 -5.89
CA ILE A 6 -0.49 39.75 -6.12
C ILE A 6 -0.26 38.83 -4.91
N ILE A 7 -1.34 38.17 -4.48
CA ILE A 7 -1.30 37.21 -3.40
C ILE A 7 -1.73 35.86 -3.95
N THR A 8 -0.90 34.84 -3.72
CA THR A 8 -1.07 33.50 -4.26
C THR A 8 -0.94 32.48 -3.14
N PRO A 9 -1.55 31.31 -3.30
CA PRO A 9 -1.29 30.22 -2.35
C PRO A 9 0.17 29.77 -2.42
N ASN A 10 0.70 29.37 -1.26
CA ASN A 10 2.08 28.89 -1.21
C ASN A 10 2.25 27.62 -2.03
N ILE A 11 1.30 26.68 -1.91
CA ILE A 11 1.35 25.41 -2.62
C ILE A 11 0.04 25.22 -3.36
N LEU A 12 0.12 24.94 -4.65
CA LEU A 12 -1.05 24.66 -5.47
C LEU A 12 -1.29 23.16 -5.57
N ARG A 13 -2.49 22.81 -5.99
CA ARG A 13 -2.92 21.41 -6.09
C ARG A 13 -3.54 21.17 -7.45
N LEU A 14 -3.31 19.97 -7.98
CA LEU A 14 -3.86 19.61 -9.28
C LEU A 14 -5.37 19.46 -9.21
N GLU A 15 -6.04 19.80 -10.31
CA GLU A 15 -7.49 19.70 -10.46
C GLU A 15 -8.22 20.15 -9.21
N SER A 16 -7.66 21.16 -8.52
CA SER A 16 -8.26 21.72 -7.32
C SER A 16 -8.47 23.21 -7.53
N GLU A 17 -9.66 23.69 -7.17
CA GLU A 17 -9.97 25.11 -7.34
C GLU A 17 -9.00 25.96 -6.55
N GLU A 18 -8.46 26.99 -7.20
CA GLU A 18 -7.53 27.92 -6.59
C GLU A 18 -7.93 29.34 -6.91
N THR A 19 -7.60 30.26 -6.01
CA THR A 19 -7.95 31.67 -6.16
C THR A 19 -6.70 32.53 -5.96
N MET A 20 -6.60 33.58 -6.78
CA MET A 20 -5.50 34.53 -6.72
C MET A 20 -6.09 35.92 -6.47
N VAL A 21 -5.40 36.71 -5.65
CA VAL A 21 -5.86 38.04 -5.26
C VAL A 21 -4.96 39.08 -5.90
N LEU A 22 -5.58 40.08 -6.54
CA LEU A 22 -4.86 41.17 -7.19
C LEU A 22 -5.25 42.49 -6.54
N GLU A 23 -4.26 43.33 -6.24
CA GLU A 23 -4.52 44.61 -5.60
C GLU A 23 -3.58 45.66 -6.17
N ALA A 24 -3.98 46.93 -6.04
CA ALA A 24 -3.20 48.05 -6.53
C ALA A 24 -3.31 49.21 -5.54
N HIS A 25 -2.17 49.62 -4.98
CA HIS A 25 -2.10 50.80 -4.14
C HIS A 25 -1.85 52.03 -4.99
N ASP A 26 -2.60 53.10 -4.72
CA ASP A 26 -2.44 54.39 -5.40
C ASP A 26 -2.60 54.23 -6.91
N ALA A 27 -3.80 53.82 -7.31
CA ALA A 27 -4.15 53.65 -8.71
C ALA A 27 -5.40 54.46 -9.02
N GLN A 28 -5.48 54.94 -10.27
CA GLN A 28 -6.59 55.75 -10.74
C GLN A 28 -7.22 55.11 -11.96
N GLY A 29 -8.56 55.07 -11.97
CA GLY A 29 -9.30 54.55 -13.10
C GLY A 29 -9.30 53.04 -13.15
N ASP A 30 -10.03 52.52 -14.14
CA ASP A 30 -10.10 51.08 -14.35
C ASP A 30 -8.85 50.58 -15.04
N VAL A 31 -8.47 49.34 -14.75
CA VAL A 31 -7.27 48.74 -15.33
C VAL A 31 -7.55 47.28 -15.69
N PRO A 32 -7.26 46.84 -16.91
CA PRO A 32 -7.38 45.41 -17.22
C PRO A 32 -6.20 44.60 -16.70
N VAL A 33 -6.49 43.36 -16.36
CA VAL A 33 -5.52 42.44 -15.78
C VAL A 33 -5.63 41.09 -16.49
N THR A 34 -4.49 40.54 -16.89
CA THR A 34 -4.42 39.24 -17.53
C THR A 34 -3.56 38.31 -16.67
N VAL A 35 -4.00 37.06 -16.54
CA VAL A 35 -3.31 36.06 -15.74
C VAL A 35 -2.96 34.88 -16.62
N THR A 36 -1.71 34.43 -16.53
CA THR A 36 -1.23 33.29 -17.31
C THR A 36 -0.49 32.33 -16.39
N VAL A 37 -0.57 31.04 -16.71
CA VAL A 37 0.07 29.97 -15.94
C VAL A 37 0.90 29.14 -16.89
N HIS A 38 2.14 28.84 -16.49
CA HIS A 38 3.06 28.06 -17.30
C HIS A 38 3.70 26.98 -16.44
N ASP A 39 4.09 25.89 -17.08
CA ASP A 39 4.74 24.77 -16.40
C ASP A 39 6.24 25.01 -16.36
N PHE A 40 6.84 24.89 -15.18
CA PHE A 40 8.23 25.30 -15.01
C PHE A 40 9.19 24.56 -15.94
N PRO A 41 9.14 23.24 -16.07
CA PRO A 41 10.14 22.57 -16.92
C PRO A 41 10.11 23.05 -18.37
N GLY A 42 8.94 23.36 -18.91
CA GLY A 42 8.82 23.79 -20.29
C GLY A 42 8.54 25.26 -20.44
N LYS A 43 7.73 25.81 -19.53
CA LYS A 43 7.35 27.22 -19.53
C LYS A 43 6.49 27.59 -20.73
N LYS A 44 5.95 26.61 -21.44
CA LYS A 44 5.10 26.84 -22.61
C LYS A 44 3.68 26.34 -22.43
N LEU A 45 3.49 25.21 -21.77
CA LEU A 45 2.15 24.68 -21.54
C LEU A 45 1.33 25.69 -20.75
N VAL A 46 0.10 25.93 -21.21
CA VAL A 46 -0.80 26.90 -20.60
C VAL A 46 -1.83 26.11 -19.80
N LEU A 47 -1.57 25.93 -18.50
CA LEU A 47 -2.52 25.22 -17.65
C LEU A 47 -3.85 25.96 -17.57
N SER A 48 -3.80 27.28 -17.37
CA SER A 48 -5.01 28.08 -17.28
C SER A 48 -4.64 29.54 -17.54
N SER A 49 -5.67 30.33 -17.84
CA SER A 49 -5.48 31.76 -18.09
C SER A 49 -6.82 32.45 -17.98
N GLU A 50 -6.83 33.61 -17.31
CA GLU A 50 -8.05 34.40 -17.16
C GLU A 50 -7.67 35.87 -17.04
N LYS A 51 -8.63 36.73 -17.36
CA LYS A 51 -8.43 38.17 -17.31
C LYS A 51 -9.70 38.83 -16.79
N THR A 52 -9.53 39.98 -16.15
CA THR A 52 -10.65 40.75 -15.60
C THR A 52 -10.27 42.22 -15.61
N VAL A 53 -11.05 43.04 -14.90
CA VAL A 53 -10.82 44.47 -14.81
C VAL A 53 -10.95 44.89 -13.35
N LEU A 54 -10.02 45.72 -12.89
CA LEU A 54 -10.06 46.29 -11.54
C LEU A 54 -10.57 47.73 -11.64
N THR A 55 -11.50 48.08 -10.76
CA THR A 55 -12.13 49.39 -10.75
C THR A 55 -12.02 50.02 -9.38
N PRO A 56 -12.04 51.36 -9.31
CA PRO A 56 -11.94 52.02 -7.99
C PRO A 56 -13.12 51.73 -7.08
N ALA A 57 -14.25 51.27 -7.63
CA ALA A 57 -15.40 50.97 -6.78
C ALA A 57 -15.07 49.90 -5.74
N THR A 58 -14.18 48.97 -6.08
CA THR A 58 -13.75 47.93 -5.17
C THR A 58 -12.41 48.24 -4.51
N ASN A 59 -11.96 49.49 -4.59
CA ASN A 59 -10.68 49.90 -4.02
C ASN A 59 -9.52 49.07 -4.61
N HIS A 60 -9.65 48.74 -5.90
CA HIS A 60 -8.62 47.99 -6.61
C HIS A 60 -8.35 46.65 -5.93
N MET A 61 -9.40 45.83 -5.85
CA MET A 61 -9.32 44.48 -5.32
C MET A 61 -10.00 43.53 -6.29
N GLY A 62 -9.31 42.45 -6.63
CA GLY A 62 -9.86 41.48 -7.55
C GLY A 62 -9.50 40.07 -7.14
N ASN A 63 -10.40 39.14 -7.46
CA ASN A 63 -10.20 37.72 -7.22
C ASN A 63 -10.38 36.97 -8.54
N VAL A 64 -9.41 36.14 -8.88
CA VAL A 64 -9.46 35.35 -10.11
C VAL A 64 -9.34 33.88 -9.76
N THR A 65 -10.25 33.07 -10.30
CA THR A 65 -10.31 31.64 -10.01
C THR A 65 -9.67 30.86 -11.15
N PHE A 66 -8.73 29.98 -10.81
CA PHE A 66 -8.06 29.14 -11.78
C PHE A 66 -7.95 27.72 -11.23
N THR A 67 -7.88 26.76 -12.14
CA THR A 67 -7.75 25.35 -11.78
C THR A 67 -6.80 24.68 -12.75
N ILE A 68 -5.91 23.85 -12.21
CA ILE A 68 -4.96 23.12 -13.05
C ILE A 68 -5.69 22.02 -13.82
N PRO A 69 -5.53 21.91 -15.14
CA PRO A 69 -6.23 20.84 -15.88
C PRO A 69 -5.91 19.45 -15.34
N ALA A 70 -4.67 19.22 -14.92
CA ALA A 70 -4.26 17.91 -14.41
C ALA A 70 -4.48 16.82 -15.45
N ARG A 80 12.16 15.57 -7.14
CA ARG A 80 11.50 16.09 -8.33
C ARG A 80 10.16 16.73 -7.97
N ASN A 81 10.22 17.94 -7.43
CA ASN A 81 9.02 18.67 -7.04
C ASN A 81 8.52 19.51 -8.22
N LYS A 82 7.25 19.36 -8.55
CA LYS A 82 6.67 20.12 -9.65
C LYS A 82 6.53 21.59 -9.27
N PHE A 83 6.80 22.46 -10.24
CA PHE A 83 6.69 23.90 -10.04
C PHE A 83 5.93 24.52 -11.21
N VAL A 84 5.30 25.66 -10.96
CA VAL A 84 4.60 26.42 -11.98
C VAL A 84 4.98 27.88 -11.85
N THR A 85 4.73 28.64 -12.92
CA THR A 85 5.00 30.07 -12.94
C THR A 85 3.71 30.79 -13.30
N VAL A 86 3.28 31.71 -12.42
CA VAL A 86 2.06 32.47 -12.63
C VAL A 86 2.46 33.92 -12.88
N GLN A 87 2.00 34.47 -14.00
CA GLN A 87 2.35 35.82 -14.43
C GLN A 87 1.09 36.66 -14.56
N ALA A 88 1.11 37.83 -13.92
CA ALA A 88 0.01 38.79 -13.98
C ALA A 88 0.49 40.04 -14.69
N THR A 89 -0.23 40.44 -15.73
CA THR A 89 0.05 41.64 -16.50
C THR A 89 -1.05 42.66 -16.20
N PHE A 90 -0.64 43.85 -15.77
CA PHE A 90 -1.57 44.87 -15.31
C PHE A 90 -1.74 46.01 -16.32
N GLY A 91 -1.28 45.81 -17.56
CA GLY A 91 -1.35 46.84 -18.58
C GLY A 91 -0.01 47.49 -18.81
N THR A 92 0.74 47.74 -17.73
CA THR A 92 2.06 48.33 -17.85
C THR A 92 3.09 47.66 -16.95
N GLN A 93 2.71 46.67 -16.15
CA GLN A 93 3.64 45.98 -15.26
C GLN A 93 3.35 44.49 -15.29
N VAL A 94 4.40 43.68 -15.40
CA VAL A 94 4.28 42.22 -15.42
C VAL A 94 4.99 41.68 -14.19
N VAL A 95 4.26 40.93 -13.37
CA VAL A 95 4.80 40.33 -12.15
C VAL A 95 4.62 38.82 -12.25
N GLU A 96 5.72 38.08 -12.16
CA GLU A 96 5.71 36.63 -12.29
C GLU A 96 6.30 36.00 -11.04
N LYS A 97 5.62 34.96 -10.55
CA LYS A 97 6.02 34.26 -9.33
C LYS A 97 6.00 32.75 -9.56
N VAL A 98 6.96 32.07 -8.94
CA VAL A 98 7.09 30.62 -9.04
C VAL A 98 6.48 30.00 -7.80
N VAL A 99 5.59 29.02 -8.02
CA VAL A 99 4.84 28.37 -6.94
C VAL A 99 4.99 26.87 -7.06
N LEU A 100 5.29 26.22 -5.94
CA LEU A 100 5.35 24.76 -5.90
C LEU A 100 3.95 24.17 -6.06
N VAL A 101 3.90 22.99 -6.68
CA VAL A 101 2.66 22.27 -6.91
C VAL A 101 2.74 20.92 -6.23
N SER A 102 1.74 20.61 -5.41
CA SER A 102 1.67 19.34 -4.71
C SER A 102 0.86 18.33 -5.52
N LEU A 103 1.34 17.09 -5.56
CA LEU A 103 0.67 16.03 -6.30
C LEU A 103 -0.53 15.46 -5.56
N GLN A 104 -0.74 15.83 -4.30
CA GLN A 104 -1.87 15.30 -3.54
C GLN A 104 -3.18 15.72 -4.20
N SER A 105 -4.10 14.75 -4.31
CA SER A 105 -5.41 14.97 -4.91
C SER A 105 -6.55 14.97 -3.91
N GLY A 106 -6.45 14.18 -2.84
CA GLY A 106 -7.49 14.13 -1.84
C GLY A 106 -7.15 13.22 -0.68
N TYR A 107 -8.16 12.67 -0.02
CA TYR A 107 -7.98 11.78 1.12
C TYR A 107 -8.80 10.52 0.93
N LEU A 108 -8.25 9.40 1.40
CA LEU A 108 -8.90 8.10 1.32
C LEU A 108 -9.08 7.55 2.74
N PHE A 109 -10.31 7.15 3.06
CA PHE A 109 -10.64 6.58 4.35
C PHE A 109 -11.10 5.15 4.16
N ILE A 110 -10.52 4.23 4.93
CA ILE A 110 -10.84 2.81 4.84
C ILE A 110 -11.60 2.43 6.11
N GLN A 111 -12.83 1.96 5.94
CA GLN A 111 -13.67 1.54 7.05
C GLN A 111 -13.85 0.03 6.99
N THR A 112 -13.53 -0.64 8.10
CA THR A 112 -13.61 -2.08 8.20
C THR A 112 -14.82 -2.48 9.04
N ASP A 113 -15.50 -3.55 8.61
CA ASP A 113 -16.68 -4.00 9.34
C ASP A 113 -16.32 -4.42 10.76
N LYS A 114 -15.23 -5.16 10.91
CA LYS A 114 -14.78 -5.64 12.22
C LYS A 114 -13.30 -5.37 12.38
N THR A 115 -12.89 -5.09 13.63
CA THR A 115 -11.49 -4.82 13.91
C THR A 115 -10.65 -6.09 13.86
N ILE A 116 -11.23 -7.23 14.21
CA ILE A 116 -10.54 -8.51 14.23
C ILE A 116 -11.36 -9.52 13.43
N TYR A 117 -10.66 -10.37 12.68
CA TYR A 117 -11.29 -11.36 11.83
C TYR A 117 -10.70 -12.74 12.11
N THR A 118 -11.47 -13.76 11.77
CA THR A 118 -11.08 -15.15 11.92
C THR A 118 -10.94 -15.82 10.56
N PRO A 119 -10.20 -16.93 10.48
CA PRO A 119 -10.03 -17.60 9.18
C PRO A 119 -11.37 -18.02 8.60
N GLY A 120 -11.47 -17.90 7.28
CA GLY A 120 -12.67 -18.27 6.55
C GLY A 120 -13.72 -17.18 6.47
N SER A 121 -13.84 -16.35 7.49
CA SER A 121 -14.82 -15.28 7.47
C SER A 121 -14.48 -14.24 6.41
N THR A 122 -15.50 -13.81 5.67
CA THR A 122 -15.29 -12.80 4.64
C THR A 122 -15.08 -11.43 5.27
N VAL A 123 -14.22 -10.62 4.65
CA VAL A 123 -13.92 -9.28 5.12
C VAL A 123 -14.58 -8.29 4.16
N LEU A 124 -15.50 -7.50 4.69
CA LEU A 124 -16.19 -6.46 3.93
C LEU A 124 -15.72 -5.11 4.42
N TYR A 125 -15.30 -4.25 3.50
CA TYR A 125 -14.79 -2.92 3.85
C TYR A 125 -15.32 -1.90 2.86
N ARG A 126 -15.13 -0.63 3.20
CA ARG A 126 -15.58 0.48 2.38
C ARG A 126 -14.44 1.50 2.23
N ILE A 127 -14.39 2.12 1.06
CA ILE A 127 -13.41 3.16 0.75
C ILE A 127 -14.17 4.44 0.48
N PHE A 128 -13.82 5.50 1.21
CA PHE A 128 -14.42 6.82 1.04
C PHE A 128 -13.36 7.75 0.47
N THR A 129 -13.65 8.35 -0.68
CA THR A 129 -12.74 9.26 -1.36
C THR A 129 -13.27 10.69 -1.23
N VAL A 130 -12.43 11.60 -0.74
CA VAL A 130 -12.81 12.99 -0.57
C VAL A 130 -11.69 13.87 -1.12
N ASN A 131 -12.02 15.15 -1.32
CA ASN A 131 -11.04 16.13 -1.74
C ASN A 131 -10.49 16.86 -0.51
N HIS A 132 -9.61 17.84 -0.75
CA HIS A 132 -9.07 18.62 0.35
C HIS A 132 -10.12 19.45 1.06
N LYS A 133 -11.27 19.66 0.42
CA LYS A 133 -12.41 20.34 1.04
C LYS A 133 -13.39 19.36 1.69
N LEU A 134 -13.05 18.08 1.74
CA LEU A 134 -13.88 17.02 2.31
C LEU A 134 -15.12 16.73 1.48
N LEU A 135 -15.25 17.35 0.31
CA LEU A 135 -16.39 17.08 -0.56
C LEU A 135 -16.21 15.74 -1.27
N PRO A 136 -17.30 15.09 -1.68
CA PRO A 136 -17.18 13.81 -2.37
C PRO A 136 -16.62 13.99 -3.78
N VAL A 137 -15.54 13.27 -4.07
CA VAL A 137 -14.88 13.32 -5.37
C VAL A 137 -14.65 11.90 -5.86
N GLY A 138 -14.96 11.64 -7.12
CA GLY A 138 -14.77 10.33 -7.72
C GLY A 138 -13.49 10.28 -8.52
N ARG A 139 -12.68 9.26 -8.23
CA ARG A 139 -11.40 9.09 -8.91
C ARG A 139 -11.00 7.62 -8.81
N THR A 140 -10.06 7.23 -9.68
CA THR A 140 -9.53 5.87 -9.69
C THR A 140 -8.61 5.67 -8.49
N VAL A 141 -8.82 4.57 -7.77
CA VAL A 141 -8.06 4.26 -6.56
C VAL A 141 -7.58 2.82 -6.65
N MET A 142 -6.30 2.60 -6.36
CA MET A 142 -5.71 1.27 -6.29
C MET A 142 -5.65 0.82 -4.84
N VAL A 143 -6.08 -0.41 -4.59
CA VAL A 143 -6.17 -0.97 -3.24
C VAL A 143 -5.38 -2.27 -3.20
N ASN A 144 -4.64 -2.46 -2.10
CA ASN A 144 -3.84 -3.66 -1.89
C ASN A 144 -4.09 -4.20 -0.48
N ILE A 145 -4.02 -5.52 -0.36
CA ILE A 145 -4.15 -6.20 0.93
C ILE A 145 -2.83 -6.90 1.20
N GLU A 146 -2.19 -6.57 2.32
CA GLU A 146 -0.87 -7.05 2.67
C GLU A 146 -0.92 -7.87 3.95
N ASN A 147 -0.26 -9.03 3.93
CA ASN A 147 -0.12 -9.87 5.10
C ASN A 147 0.95 -9.30 6.02
N PRO A 148 1.04 -9.78 7.26
CA PRO A 148 1.99 -9.17 8.21
C PRO A 148 3.42 -9.15 7.71
N GLU A 149 3.85 -10.20 7.00
CA GLU A 149 5.22 -10.24 6.49
C GLU A 149 5.47 -9.24 5.37
N GLY A 150 4.42 -8.68 4.77
CA GLY A 150 4.56 -7.66 3.75
C GLY A 150 4.55 -8.21 2.34
N ILE A 151 3.62 -9.11 2.06
CA ILE A 151 3.43 -9.69 0.74
C ILE A 151 2.00 -9.42 0.30
N PRO A 152 1.78 -8.42 -0.55
CA PRO A 152 0.41 -8.15 -1.02
C PRO A 152 -0.21 -9.37 -1.67
N VAL A 153 -1.42 -9.71 -1.22
CA VAL A 153 -2.12 -10.88 -1.72
C VAL A 153 -3.17 -10.51 -2.75
N LYS A 154 -3.96 -9.47 -2.47
CA LYS A 154 -5.02 -9.02 -3.36
C LYS A 154 -4.73 -7.59 -3.80
N GLN A 155 -4.82 -7.35 -5.11
CA GLN A 155 -4.62 -6.04 -5.70
C GLN A 155 -5.80 -5.72 -6.62
N ASP A 156 -6.37 -4.54 -6.46
CA ASP A 156 -7.51 -4.12 -7.27
C ASP A 156 -7.34 -2.65 -7.64
N SER A 157 -8.01 -2.26 -8.73
CA SER A 157 -8.00 -0.87 -9.19
C SER A 157 -9.45 -0.49 -9.52
N LEU A 158 -10.09 0.20 -8.59
CA LEU A 158 -11.50 0.55 -8.72
C LEU A 158 -11.66 2.01 -9.09
N SER A 159 -12.88 2.36 -9.50
CA SER A 159 -13.23 3.72 -9.87
C SER A 159 -14.64 4.03 -9.39
N SER A 160 -14.88 5.29 -9.03
CA SER A 160 -16.18 5.74 -8.57
C SER A 160 -16.61 6.93 -9.40
N GLN A 161 -17.79 6.83 -10.03
CA GLN A 161 -18.35 7.90 -10.85
C GLN A 161 -19.64 8.45 -10.28
N ASN A 162 -20.61 7.57 -9.99
CA ASN A 162 -21.89 7.98 -9.42
C ASN A 162 -22.14 7.36 -8.05
N GLN A 163 -21.08 6.89 -7.39
CA GLN A 163 -21.19 6.27 -6.07
C GLN A 163 -20.98 7.27 -4.94
N LEU A 164 -20.80 8.55 -5.24
CA LEU A 164 -20.57 9.58 -4.24
C LEU A 164 -19.33 9.29 -3.39
N GLY A 165 -18.33 8.66 -4.01
CA GLY A 165 -17.08 8.38 -3.34
C GLY A 165 -17.07 7.14 -2.46
N VAL A 166 -18.19 6.42 -2.37
CA VAL A 166 -18.29 5.23 -1.54
C VAL A 166 -18.06 4.01 -2.42
N LEU A 167 -17.03 3.23 -2.10
CA LEU A 167 -16.70 2.01 -2.84
C LEU A 167 -16.68 0.82 -1.89
N PRO A 168 -17.68 -0.05 -1.91
CA PRO A 168 -17.61 -1.26 -1.09
C PRO A 168 -16.78 -2.35 -1.76
N LEU A 169 -16.11 -3.14 -0.92
CA LEU A 169 -15.27 -4.22 -1.42
C LEU A 169 -15.35 -5.39 -0.45
N SER A 170 -15.14 -6.60 -0.98
CA SER A 170 -15.19 -7.83 -0.21
C SER A 170 -13.99 -8.70 -0.56
N TRP A 171 -13.52 -9.43 0.45
CA TRP A 171 -12.39 -10.35 0.29
C TRP A 171 -12.68 -11.64 1.04
N ASP A 172 -12.15 -12.74 0.53
CA ASP A 172 -12.33 -14.07 1.13
C ASP A 172 -11.02 -14.50 1.77
N ILE A 173 -11.05 -14.76 3.07
CA ILE A 173 -9.88 -15.20 3.81
C ILE A 173 -9.67 -16.69 3.54
N PRO A 174 -8.50 -17.11 3.04
CA PRO A 174 -8.27 -18.55 2.86
C PRO A 174 -8.28 -19.28 4.19
N GLU A 175 -8.56 -20.59 4.12
CA GLU A 175 -8.64 -21.39 5.33
C GLU A 175 -7.32 -21.39 6.09
N LEU A 176 -6.20 -21.52 5.37
CA LEU A 176 -4.87 -21.55 5.98
C LEU A 176 -4.24 -20.18 5.78
N VAL A 177 -4.24 -19.37 6.84
CA VAL A 177 -3.64 -18.04 6.83
C VAL A 177 -2.89 -17.83 8.13
N ASN A 178 -1.71 -17.22 8.04
CA ASN A 178 -0.92 -16.94 9.22
C ASN A 178 -1.61 -15.89 10.10
N MET A 179 -1.39 -16.01 11.40
CA MET A 179 -1.98 -15.09 12.37
C MET A 179 -1.07 -13.90 12.59
N GLY A 180 -1.66 -12.71 12.67
CA GLY A 180 -0.87 -11.50 12.89
C GLY A 180 -1.61 -10.21 12.61
N GLN A 181 -0.92 -9.25 12.02
CA GLN A 181 -1.47 -7.93 11.73
C GLN A 181 -1.50 -7.75 10.21
N TRP A 182 -2.70 -7.70 9.64
CA TRP A 182 -2.89 -7.47 8.22
C TRP A 182 -3.15 -5.99 7.96
N LYS A 183 -2.88 -5.57 6.72
CA LYS A 183 -3.02 -4.17 6.34
C LYS A 183 -3.79 -4.06 5.03
N ILE A 184 -4.54 -2.97 4.90
CA ILE A 184 -5.24 -2.62 3.67
C ILE A 184 -4.81 -1.20 3.30
N ARG A 185 -4.23 -1.05 2.12
CA ARG A 185 -3.72 0.22 1.65
C ARG A 185 -4.50 0.67 0.43
N ALA A 186 -4.77 1.97 0.34
CA ALA A 186 -5.46 2.55 -0.80
C ALA A 186 -4.77 3.85 -1.20
N TYR A 187 -4.63 4.07 -2.50
CA TYR A 187 -3.97 5.27 -2.98
C TYR A 187 -4.53 5.67 -4.34
N TYR A 188 -4.62 6.98 -4.58
CA TYR A 188 -5.05 7.49 -5.86
C TYR A 188 -4.04 7.14 -6.95
N GLU A 189 -4.54 6.89 -8.16
CA GLU A 189 -3.66 6.57 -9.27
C GLU A 189 -2.73 7.73 -9.59
N ASN A 190 -3.26 8.96 -9.56
CA ASN A 190 -2.46 10.12 -9.91
C ASN A 190 -1.39 10.43 -8.87
N SER A 191 -1.52 9.89 -7.65
CA SER A 191 -0.57 10.15 -6.56
C SER A 191 -0.13 8.82 -5.96
N PRO A 192 0.70 8.06 -6.69
CA PRO A 192 1.18 6.78 -6.14
C PRO A 192 2.06 6.94 -4.91
N GLN A 193 2.68 8.10 -4.71
CA GLN A 193 3.61 8.27 -3.59
C GLN A 193 2.90 8.44 -2.26
N GLN A 194 1.60 8.76 -2.27
CA GLN A 194 0.82 8.93 -1.05
C GLN A 194 -0.17 7.78 -0.93
N VAL A 195 -0.16 7.10 0.21
CA VAL A 195 -0.99 5.93 0.44
C VAL A 195 -1.59 6.02 1.83
N PHE A 196 -2.87 5.67 1.95
CA PHE A 196 -3.57 5.60 3.22
C PHE A 196 -3.75 4.14 3.60
N SER A 197 -3.23 3.76 4.75
CA SER A 197 -3.21 2.37 5.19
C SER A 197 -3.94 2.20 6.51
N THR A 198 -4.71 1.12 6.60
CA THR A 198 -5.39 0.72 7.83
C THR A 198 -4.90 -0.66 8.25
N GLU A 199 -4.78 -0.87 9.54
CA GLU A 199 -4.20 -2.10 10.09
C GLU A 199 -5.23 -2.79 10.98
N PHE A 200 -5.46 -4.07 10.73
CA PHE A 200 -6.38 -4.88 11.53
C PHE A 200 -5.68 -6.19 11.93
N GLU A 201 -6.36 -6.95 12.77
CA GLU A 201 -5.79 -8.14 13.39
C GLU A 201 -6.46 -9.39 12.86
N VAL A 202 -5.65 -10.39 12.49
CA VAL A 202 -6.15 -11.72 12.16
C VAL A 202 -5.59 -12.69 13.19
N LYS A 203 -6.35 -12.92 14.27
CA LYS A 203 -5.90 -13.74 15.38
C LYS A 203 -7.07 -14.59 15.85
N GLU A 204 -6.79 -15.86 16.16
CA GLU A 204 -7.83 -16.75 16.65
C GLU A 204 -8.30 -16.30 18.02
N TYR A 205 -9.62 -16.22 18.20
CA TYR A 205 -10.19 -15.70 19.43
C TYR A 205 -11.62 -16.23 19.57
N VAL A 206 -12.14 -16.11 20.79
CA VAL A 206 -13.53 -16.44 21.10
C VAL A 206 -14.16 -15.23 21.77
N LEU A 207 -15.36 -14.86 21.34
CA LEU A 207 -16.00 -13.67 21.86
C LEU A 207 -16.25 -13.84 23.36
N PRO A 208 -15.97 -12.82 24.17
CA PRO A 208 -16.18 -12.92 25.62
C PRO A 208 -17.63 -12.63 25.98
N SER A 209 -17.91 -12.65 27.28
CA SER A 209 -19.25 -12.38 27.80
C SER A 209 -19.32 -11.11 28.65
N PHE A 210 -18.17 -10.50 28.99
CA PHE A 210 -18.18 -9.31 29.80
C PHE A 210 -16.92 -8.49 29.50
N GLU A 211 -16.96 -7.22 29.88
CA GLU A 211 -15.85 -6.29 29.69
C GLU A 211 -15.31 -5.85 31.04
N VAL A 212 -13.98 -5.77 31.14
CA VAL A 212 -13.29 -5.38 32.36
C VAL A 212 -12.52 -4.10 32.06
N ILE A 213 -12.61 -3.13 32.97
CA ILE A 213 -11.91 -1.86 32.85
C ILE A 213 -11.16 -1.58 34.14
N VAL A 214 -9.97 -1.01 34.02
CA VAL A 214 -9.15 -0.62 35.16
C VAL A 214 -9.03 0.89 35.13
N GLU A 215 -9.41 1.54 36.23
CA GLU A 215 -9.42 2.99 36.32
C GLU A 215 -8.55 3.45 37.49
N PRO A 216 -7.47 4.19 37.26
CA PRO A 216 -6.73 4.75 38.40
C PRO A 216 -7.47 5.91 39.03
N THR A 217 -7.41 5.99 40.36
CA THR A 217 -8.06 7.09 41.06
C THR A 217 -7.48 8.43 40.63
N GLU A 218 -6.16 8.51 40.50
CA GLU A 218 -5.48 9.70 40.02
C GLU A 218 -4.80 9.37 38.70
N LYS A 219 -4.94 10.25 37.71
CA LYS A 219 -4.35 10.01 36.40
C LYS A 219 -2.83 9.94 36.47
N PHE A 220 -2.22 10.46 37.53
CA PHE A 220 -0.78 10.42 37.74
C PHE A 220 -0.48 9.74 39.07
N TYR A 221 0.80 9.69 39.41
CA TYR A 221 1.25 9.04 40.65
C TYR A 221 2.38 9.89 41.22
N TYR A 222 2.07 10.67 42.26
CA TYR A 222 3.06 11.54 42.86
C TYR A 222 4.16 10.72 43.54
N ILE A 223 5.39 11.21 43.44
CA ILE A 223 6.53 10.47 44.00
C ILE A 223 6.42 10.37 45.52
N TYR A 224 5.94 11.44 46.16
CA TYR A 224 5.89 11.50 47.62
C TYR A 224 4.57 11.00 48.20
N ASN A 225 3.67 10.46 47.38
CA ASN A 225 2.40 9.95 47.86
C ASN A 225 2.65 8.64 48.61
N GLU A 226 2.76 8.73 49.93
CA GLU A 226 3.01 7.53 50.74
C GLU A 226 1.85 6.57 50.66
N LYS A 227 0.63 7.06 50.41
CA LYS A 227 -0.52 6.17 50.34
C LYS A 227 -0.37 5.16 49.22
N GLY A 228 0.11 5.59 48.06
CA GLY A 228 0.29 4.70 46.93
C GLY A 228 -0.61 5.05 45.76
N LEU A 229 -0.85 4.08 44.88
CA LEU A 229 -1.72 4.28 43.73
C LEU A 229 -2.93 3.38 43.86
N GLU A 230 -4.12 3.95 43.70
CA GLU A 230 -5.37 3.23 43.83
C GLU A 230 -5.95 2.94 42.45
N VAL A 231 -6.32 1.68 42.21
CA VAL A 231 -6.87 1.25 40.93
C VAL A 231 -8.18 0.52 41.19
N THR A 232 -9.23 0.91 40.49
CA THR A 232 -10.54 0.27 40.61
C THR A 232 -10.78 -0.62 39.39
N ILE A 233 -11.18 -1.86 39.65
CA ILE A 233 -11.46 -2.84 38.60
C ILE A 233 -12.97 -2.99 38.49
N THR A 234 -13.53 -2.61 37.33
CA THR A 234 -14.96 -2.68 37.07
C THR A 234 -15.18 -3.72 35.99
N ALA A 235 -15.81 -4.84 36.34
CA ALA A 235 -16.16 -5.89 35.40
C ALA A 235 -17.67 -5.93 35.27
N ARG A 236 -18.16 -5.77 34.03
CA ARG A 236 -19.59 -5.72 33.78
C ARG A 236 -19.92 -6.49 32.52
N PHE A 237 -21.05 -7.20 32.53
CA PHE A 237 -21.47 -7.96 31.37
C PHE A 237 -21.67 -7.03 30.17
N LEU A 238 -21.46 -7.59 28.97
CA LEU A 238 -21.57 -6.78 27.76
C LEU A 238 -22.96 -6.19 27.59
N TYR A 239 -23.98 -6.75 28.24
CA TYR A 239 -25.33 -6.23 28.15
C TYR A 239 -25.69 -5.28 29.29
N GLY A 240 -24.75 -4.97 30.18
CA GLY A 240 -24.93 -3.97 31.21
C GLY A 240 -24.87 -4.53 32.63
N LYS A 241 -25.29 -5.78 32.81
CA LYS A 241 -25.32 -6.35 34.14
C LYS A 241 -23.90 -6.48 34.71
N LYS A 242 -23.81 -6.35 36.03
CA LYS A 242 -22.51 -6.41 36.70
C LYS A 242 -22.00 -7.85 36.76
N VAL A 243 -20.71 -7.98 37.07
CA VAL A 243 -20.03 -9.26 37.08
C VAL A 243 -19.41 -9.49 38.45
N GLU A 244 -19.49 -10.73 38.93
CA GLU A 244 -18.88 -11.13 40.20
C GLU A 244 -17.89 -12.25 39.93
N GLY A 245 -16.68 -12.12 40.48
CA GLY A 245 -15.65 -13.13 40.27
C GLY A 245 -14.37 -12.83 41.04
N THR A 246 -13.24 -13.28 40.51
CA THR A 246 -11.94 -13.04 41.11
C THR A 246 -11.02 -12.38 40.10
N ALA A 247 -10.36 -11.30 40.50
CA ALA A 247 -9.51 -10.52 39.62
C ALA A 247 -8.08 -10.55 40.13
N PHE A 248 -7.15 -10.92 39.25
CA PHE A 248 -5.72 -10.89 39.53
C PHE A 248 -5.13 -9.68 38.81
N VAL A 249 -4.47 -8.81 39.57
CA VAL A 249 -3.92 -7.56 39.06
C VAL A 249 -2.42 -7.54 39.34
N ILE A 250 -1.63 -7.19 38.33
CA ILE A 250 -0.18 -7.09 38.45
C ILE A 250 0.26 -5.75 37.88
N PHE A 251 1.10 -5.05 38.63
CA PHE A 251 1.64 -3.75 38.22
C PHE A 251 3.01 -3.92 37.59
N GLY A 252 3.41 -2.93 36.80
CA GLY A 252 4.72 -2.97 36.17
C GLY A 252 5.14 -1.61 35.66
N ILE A 253 6.44 -1.50 35.39
CA ILE A 253 7.04 -0.26 34.91
C ILE A 253 7.37 -0.44 33.43
N GLN A 254 7.46 0.68 32.72
CA GLN A 254 7.72 0.65 31.28
C GLN A 254 8.30 1.98 30.85
N ASP A 255 9.54 1.96 30.37
CA ASP A 255 10.12 3.08 29.62
C ASP A 255 10.04 2.80 28.12
N GLY A 256 8.81 2.68 27.64
CA GLY A 256 8.59 2.30 26.23
C GLY A 256 8.64 0.79 26.05
N GLU A 257 9.73 0.29 25.48
CA GLU A 257 9.90 -1.15 25.26
C GLU A 257 10.71 -1.78 26.39
N GLN A 258 10.20 -1.66 27.61
CA GLN A 258 10.82 -2.27 28.78
C GLN A 258 9.94 -3.35 29.39
N ARG A 259 8.72 -3.01 29.78
CA ARG A 259 7.77 -3.99 30.33
C ARG A 259 8.39 -4.79 31.47
N ILE A 260 8.90 -4.07 32.47
CA ILE A 260 9.49 -4.69 33.65
C ILE A 260 8.36 -4.98 34.63
N SER A 261 8.03 -6.26 34.81
CA SER A 261 6.96 -6.65 35.70
C SER A 261 7.42 -6.60 37.15
N LEU A 262 6.45 -6.55 38.07
CA LEU A 262 6.72 -6.53 39.50
C LEU A 262 6.11 -7.77 40.14
N PRO A 263 6.89 -8.83 40.37
CA PRO A 263 6.29 -10.05 40.95
C PRO A 263 5.67 -9.82 42.32
N GLU A 264 6.24 -8.92 43.13
CA GLU A 264 5.71 -8.67 44.46
C GLU A 264 4.40 -7.87 44.45
N SER A 265 4.04 -7.27 43.32
CA SER A 265 2.83 -6.48 43.22
C SER A 265 1.62 -7.30 42.83
N LEU A 266 1.79 -8.58 42.52
CA LEU A 266 0.67 -9.43 42.14
C LEU A 266 -0.33 -9.51 43.29
N LYS A 267 -1.59 -9.18 43.01
CA LYS A 267 -2.64 -9.19 44.02
C LYS A 267 -3.89 -9.86 43.45
N ARG A 268 -4.69 -10.44 44.35
CA ARG A 268 -5.94 -11.09 44.01
C ARG A 268 -7.05 -10.48 44.83
N ILE A 269 -8.14 -10.09 44.18
CA ILE A 269 -9.26 -9.44 44.86
C ILE A 269 -10.57 -10.06 44.44
N PRO A 270 -11.55 -10.20 45.35
CA PRO A 270 -12.89 -10.67 44.95
C PRO A 270 -13.72 -9.52 44.42
N ILE A 271 -13.99 -9.55 43.12
CA ILE A 271 -14.81 -8.51 42.48
C ILE A 271 -16.27 -8.84 42.78
N GLU A 272 -16.88 -8.06 43.67
CA GLU A 272 -18.28 -8.22 44.05
C GLU A 272 -19.09 -7.07 43.48
N ASP A 273 -20.19 -7.40 42.80
CA ASP A 273 -21.03 -6.39 42.16
C ASP A 273 -20.23 -5.55 41.18
N GLY A 274 -19.29 -6.19 40.49
CA GLY A 274 -18.47 -5.48 39.51
C GLY A 274 -17.69 -4.33 40.08
N SER A 275 -17.08 -4.51 41.25
CA SER A 275 -16.31 -3.46 41.89
C SER A 275 -15.17 -4.08 42.67
N GLY A 276 -13.96 -3.54 42.48
CA GLY A 276 -12.79 -4.01 43.20
C GLY A 276 -11.68 -2.98 43.23
N GLU A 277 -11.14 -2.70 44.41
CA GLU A 277 -10.11 -1.69 44.59
C GLU A 277 -8.82 -2.34 45.04
N VAL A 278 -7.71 -1.92 44.44
CA VAL A 278 -6.38 -2.41 44.78
C VAL A 278 -5.47 -1.20 45.00
N VAL A 279 -4.48 -1.37 45.88
CA VAL A 279 -3.58 -0.30 46.27
C VAL A 279 -2.15 -0.79 46.05
N LEU A 280 -1.35 0.01 45.35
CA LEU A 280 0.07 -0.25 45.16
C LEU A 280 0.84 0.70 46.06
N SER A 281 1.50 0.14 47.08
CA SER A 281 2.23 0.93 48.06
C SER A 281 3.54 1.44 47.47
N ARG A 282 4.03 2.54 48.04
CA ARG A 282 5.30 3.11 47.59
C ARG A 282 6.45 2.17 47.89
N LYS A 283 6.42 1.50 49.04
CA LYS A 283 7.51 0.60 49.42
C LYS A 283 7.66 -0.54 48.43
N VAL A 284 6.53 -1.12 47.98
CA VAL A 284 6.60 -2.21 47.02
C VAL A 284 7.23 -1.73 45.71
N LEU A 285 6.82 -0.55 45.24
CA LEU A 285 7.38 0.00 44.01
C LEU A 285 8.88 0.24 44.16
N LEU A 286 9.30 0.78 45.30
CA LEU A 286 10.72 1.01 45.52
C LEU A 286 11.50 -0.31 45.53
N ASP A 287 10.95 -1.34 46.20
CA ASP A 287 11.63 -2.61 46.28
C ASP A 287 11.71 -3.30 44.92
N GLY A 288 10.69 -3.11 44.08
CA GLY A 288 10.70 -3.75 42.77
C GLY A 288 11.88 -3.33 41.92
N VAL A 289 12.20 -2.04 41.94
CA VAL A 289 13.32 -1.51 41.17
C VAL A 289 14.64 -1.88 41.86
N ARG A 293 16.33 4.95 44.04
CA ARG A 293 16.05 6.32 44.43
C ARG A 293 14.63 6.71 44.04
N ALA A 294 13.97 7.48 44.91
CA ALA A 294 12.62 7.95 44.65
C ALA A 294 12.56 8.89 43.46
N GLU A 295 13.54 9.78 43.32
CA GLU A 295 13.54 10.75 42.23
C GLU A 295 13.95 10.15 40.89
N ASP A 296 14.47 8.93 40.88
CA ASP A 296 14.85 8.28 39.63
C ASP A 296 13.67 7.67 38.89
N LEU A 297 12.48 7.67 39.48
CA LEU A 297 11.30 7.12 38.84
C LEU A 297 10.61 8.10 37.91
N VAL A 298 11.10 9.34 37.81
CA VAL A 298 10.50 10.32 36.92
C VAL A 298 10.68 9.85 35.47
N GLY A 299 9.58 9.89 34.71
CA GLY A 299 9.58 9.44 33.33
C GLY A 299 9.12 8.01 33.14
N LYS A 300 9.14 7.20 34.21
CA LYS A 300 8.66 5.84 34.11
C LYS A 300 7.15 5.81 33.89
N SER A 301 6.69 4.92 33.03
CA SER A 301 5.26 4.76 32.74
C SER A 301 4.76 3.52 33.44
N LEU A 302 3.79 3.70 34.35
CA LEU A 302 3.19 2.57 35.03
C LEU A 302 2.16 1.89 34.13
N TYR A 303 2.00 0.59 34.31
CA TYR A 303 0.96 -0.17 33.62
C TYR A 303 0.44 -1.25 34.56
N VAL A 304 -0.82 -1.64 34.34
CA VAL A 304 -1.49 -2.64 35.17
C VAL A 304 -2.16 -3.65 34.26
N SER A 305 -1.94 -4.93 34.53
CA SER A 305 -2.58 -6.02 33.80
C SER A 305 -3.53 -6.73 34.75
N ALA A 306 -4.80 -6.81 34.36
CA ALA A 306 -5.85 -7.39 35.19
C ALA A 306 -6.55 -8.50 34.42
N THR A 307 -6.70 -9.65 35.07
CA THR A 307 -7.41 -10.80 34.51
C THR A 307 -8.53 -11.18 35.46
N VAL A 308 -9.75 -11.24 34.95
CA VAL A 308 -10.95 -11.52 35.75
C VAL A 308 -11.48 -12.88 35.35
N ILE A 309 -11.75 -13.73 36.33
CA ILE A 309 -12.31 -15.06 36.13
C ILE A 309 -13.63 -15.15 36.88
N LEU A 310 -14.68 -15.57 36.17
CA LEU A 310 -16.00 -15.68 36.77
C LEU A 310 -16.03 -16.81 37.80
N HIS A 311 -16.95 -16.69 38.76
CA HIS A 311 -17.12 -17.74 39.75
C HIS A 311 -17.50 -19.07 39.10
N SER A 312 -18.13 -19.02 37.93
CA SER A 312 -18.46 -20.25 37.22
C SER A 312 -17.23 -20.87 36.57
N GLY A 313 -16.22 -20.06 36.26
CA GLY A 313 -15.01 -20.58 35.65
C GLY A 313 -15.15 -20.99 34.21
N SER A 314 -16.13 -20.43 33.49
CA SER A 314 -16.37 -20.79 32.10
C SER A 314 -15.81 -19.78 31.11
N ASP A 315 -15.68 -18.51 31.50
CA ASP A 315 -15.19 -17.46 30.62
C ASP A 315 -14.15 -16.62 31.36
N MET A 316 -13.13 -16.19 30.63
CA MET A 316 -12.08 -15.33 31.16
C MET A 316 -11.85 -14.17 30.21
N VAL A 317 -11.70 -12.98 30.76
CA VAL A 317 -11.46 -11.77 29.98
C VAL A 317 -10.27 -11.04 30.59
N GLN A 318 -9.34 -10.59 29.74
CA GLN A 318 -8.14 -9.89 30.16
C GLN A 318 -8.23 -8.44 29.71
N ALA A 319 -8.04 -7.52 30.66
CA ALA A 319 -8.04 -6.09 30.39
C ALA A 319 -6.86 -5.45 31.11
N GLU A 320 -6.20 -4.51 30.43
CA GLU A 320 -5.03 -3.85 30.97
C GLU A 320 -4.97 -2.42 30.47
N ARG A 321 -4.50 -1.53 31.34
CA ARG A 321 -4.26 -0.13 30.99
C ARG A 321 -2.78 0.15 31.21
N SER A 322 -2.11 0.69 30.19
CA SER A 322 -0.69 0.95 30.23
C SER A 322 -0.41 2.39 29.82
N GLY A 323 0.57 3.00 30.48
CA GLY A 323 1.01 4.34 30.13
C GLY A 323 0.54 5.41 31.08
N ILE A 324 0.51 5.12 32.38
CA ILE A 324 0.20 6.11 33.40
C ILE A 324 1.48 6.88 33.71
N PRO A 325 1.52 8.19 33.50
CA PRO A 325 2.78 8.92 33.69
C PRO A 325 3.05 9.21 35.15
N ILE A 326 4.34 9.34 35.48
CA ILE A 326 4.80 9.71 36.80
C ILE A 326 5.47 11.07 36.68
N VAL A 327 4.84 12.09 37.23
CA VAL A 327 5.33 13.45 37.14
C VAL A 327 5.27 14.10 38.52
N THR A 328 6.13 15.10 38.73
CA THR A 328 6.14 15.85 39.98
C THR A 328 5.11 16.96 40.01
N SER A 329 4.50 17.31 38.87
CA SER A 329 3.52 18.37 38.80
C SER A 329 2.23 17.81 38.20
N PRO A 330 1.06 18.12 38.77
CA PRO A 330 -0.20 17.64 38.15
C PRO A 330 -0.54 18.30 36.84
N TYR A 331 0.17 19.36 36.44
CA TYR A 331 -0.14 20.08 35.21
C TYR A 331 1.17 20.40 34.48
N GLN A 332 1.05 20.56 33.17
CA GLN A 332 2.18 20.91 32.31
C GLN A 332 1.81 22.12 31.47
N ILE A 333 2.79 23.00 31.25
CA ILE A 333 2.59 24.25 30.53
C ILE A 333 3.28 24.14 29.18
N HIS A 334 2.60 24.60 28.13
CA HIS A 334 3.13 24.58 26.78
C HIS A 334 2.82 25.89 26.09
N PHE A 335 3.66 26.23 25.09
CA PHE A 335 3.50 27.43 24.30
C PHE A 335 3.36 27.09 22.81
N THR A 336 2.88 25.88 22.51
CA THR A 336 2.76 25.44 21.12
C THR A 336 1.82 26.34 20.32
N LYS A 337 0.87 26.99 20.97
CA LYS A 337 -0.07 27.89 20.30
C LYS A 337 0.25 29.35 20.54
N THR A 338 1.50 29.66 20.93
CA THR A 338 1.90 31.03 21.22
C THR A 338 2.91 31.50 20.19
N PRO A 339 2.78 32.71 19.65
CA PRO A 339 3.79 33.20 18.71
C PRO A 339 5.16 33.30 19.37
N LYS A 340 6.20 33.05 18.58
CA LYS A 340 7.57 33.11 19.05
C LYS A 340 8.23 34.47 18.83
N TYR A 341 7.47 35.45 18.34
CA TYR A 341 7.99 36.79 18.09
C TYR A 341 7.06 37.83 18.71
N PHE A 342 7.63 38.96 19.09
CA PHE A 342 6.90 40.04 19.72
C PHE A 342 7.25 41.37 19.06
N LYS A 343 6.32 42.32 19.14
CA LYS A 343 6.52 43.65 18.60
C LYS A 343 6.91 44.60 19.72
N PRO A 344 8.13 45.16 19.72
CA PRO A 344 8.50 46.08 20.80
C PRO A 344 7.54 47.27 20.87
N GLY A 345 7.28 47.71 22.09
CA GLY A 345 6.36 48.82 22.31
C GLY A 345 4.89 48.46 22.18
N MET A 346 4.56 47.18 22.10
CA MET A 346 3.20 46.72 21.96
C MET A 346 2.90 45.63 22.98
N PRO A 347 1.65 45.48 23.39
CA PRO A 347 1.31 44.40 24.32
C PRO A 347 1.59 43.04 23.72
N PHE A 348 2.06 42.11 24.56
CA PHE A 348 2.39 40.76 24.13
C PHE A 348 1.46 39.78 24.82
N ASP A 349 0.84 38.91 24.03
CA ASP A 349 -0.11 37.92 24.53
C ASP A 349 0.44 36.52 24.31
N LEU A 350 0.47 35.72 25.38
CA LEU A 350 0.90 34.33 25.32
C LEU A 350 -0.32 33.44 25.51
N MET A 351 -0.57 32.56 24.53
CA MET A 351 -1.63 31.57 24.61
C MET A 351 -1.05 30.34 25.30
N VAL A 352 -1.06 30.36 26.63
CA VAL A 352 -0.45 29.29 27.41
C VAL A 352 -1.42 28.12 27.49
N PHE A 353 -0.95 26.93 27.12
CA PHE A 353 -1.78 25.73 27.12
C PHE A 353 -1.42 24.88 28.33
N VAL A 354 -2.40 24.61 29.18
CA VAL A 354 -2.21 23.81 30.39
C VAL A 354 -2.81 22.44 30.13
N THR A 355 -2.03 21.39 30.35
CA THR A 355 -2.43 20.03 30.02
C THR A 355 -2.19 19.10 31.21
N ASN A 356 -2.98 18.03 31.26
CA ASN A 356 -2.79 16.99 32.25
C ASN A 356 -1.59 16.13 31.89
N PRO A 357 -1.04 15.38 32.85
CA PRO A 357 0.14 14.56 32.54
C PRO A 357 -0.09 13.58 31.40
N ASP A 358 -1.29 13.00 31.31
CA ASP A 358 -1.57 12.10 30.21
C ASP A 358 -1.53 12.83 28.87
N GLY A 359 -2.07 14.04 28.82
CA GLY A 359 -2.08 14.82 27.59
C GLY A 359 -3.38 15.58 27.39
N SER A 360 -4.40 15.25 28.17
CA SER A 360 -5.69 15.92 28.05
C SER A 360 -5.61 17.35 28.58
N PRO A 361 -6.54 18.21 28.19
CA PRO A 361 -6.52 19.60 28.67
C PRO A 361 -6.67 19.66 30.18
N ALA A 362 -6.42 20.84 30.72
CA ALA A 362 -6.48 21.06 32.16
C ALA A 362 -7.93 21.33 32.58
N TYR A 363 -8.11 21.60 33.88
CA TYR A 363 -9.43 21.86 34.47
C TYR A 363 -9.33 23.14 35.30
N ARG A 364 -9.51 24.28 34.64
CA ARG A 364 -9.51 25.59 35.31
C ARG A 364 -8.32 25.74 36.25
N VAL A 365 -7.13 25.69 35.67
CA VAL A 365 -5.87 25.83 36.40
C VAL A 365 -5.37 27.26 36.23
N PRO A 366 -5.31 28.06 37.29
CA PRO A 366 -4.82 29.43 37.13
C PRO A 366 -3.37 29.47 36.72
N VAL A 367 -3.01 30.50 35.97
CA VAL A 367 -1.64 30.68 35.47
C VAL A 367 -1.25 32.14 35.69
N ALA A 368 0.00 32.36 36.09
CA ALA A 368 0.51 33.70 36.35
C ALA A 368 1.97 33.77 35.97
N VAL A 369 2.46 34.99 35.76
CA VAL A 369 3.84 35.24 35.38
C VAL A 369 4.59 35.81 36.58
N GLN A 370 5.90 35.58 36.61
CA GLN A 370 6.71 36.11 37.69
C GLN A 370 6.65 37.63 37.73
N GLY A 371 6.76 38.27 36.58
CA GLY A 371 6.61 39.71 36.50
C GLY A 371 5.16 40.10 36.27
N GLU A 372 4.74 41.19 36.92
CA GLU A 372 3.36 41.66 36.84
C GLU A 372 2.39 40.57 37.29
N ASP A 373 2.53 40.19 38.56
CA ASP A 373 1.73 39.09 39.12
C ASP A 373 0.26 39.44 39.23
N THR A 374 -0.12 40.70 39.04
CA THR A 374 -1.53 41.08 39.14
C THR A 374 -2.38 40.31 38.12
N VAL A 375 -1.79 39.93 36.99
CA VAL A 375 -2.53 39.19 35.97
C VAL A 375 -2.80 37.78 36.49
N GLN A 376 -4.07 37.37 36.41
CA GLN A 376 -4.47 36.04 36.86
C GLN A 376 -5.66 35.61 36.01
N SER A 377 -5.40 34.80 34.99
CA SER A 377 -6.44 34.31 34.08
C SER A 377 -6.59 32.81 34.24
N LEU A 378 -7.82 32.37 34.44
CA LEU A 378 -8.12 30.95 34.59
C LEU A 378 -8.31 30.31 33.21
N THR A 379 -7.81 29.09 33.06
CA THR A 379 -7.93 28.38 31.79
C THR A 379 -9.40 28.09 31.49
N GLN A 380 -9.76 28.15 30.22
CA GLN A 380 -11.12 27.89 29.78
C GLN A 380 -11.30 26.39 29.54
N GLY A 381 -12.42 26.02 28.94
CA GLY A 381 -12.67 24.61 28.66
C GLY A 381 -11.61 24.01 27.76
N ASP A 382 -11.14 24.78 26.77
CA ASP A 382 -10.11 24.30 25.86
C ASP A 382 -8.76 24.14 26.54
N GLY A 383 -8.58 24.66 27.75
CA GLY A 383 -7.31 24.55 28.44
C GLY A 383 -6.28 25.56 28.03
N VAL A 384 -6.66 26.60 27.29
CA VAL A 384 -5.75 27.64 26.82
C VAL A 384 -6.13 28.95 27.50
N ALA A 385 -5.13 29.63 28.06
CA ALA A 385 -5.32 30.87 28.79
C ALA A 385 -4.51 31.99 28.14
N LYS A 386 -5.06 33.20 28.22
CA LYS A 386 -4.44 34.39 27.66
C LYS A 386 -3.63 35.08 28.74
N LEU A 387 -2.34 35.30 28.48
CA LEU A 387 -1.47 36.04 29.40
C LEU A 387 -0.98 37.29 28.67
N SER A 388 -1.48 38.46 29.09
CA SER A 388 -1.15 39.72 28.44
C SER A 388 -0.16 40.49 29.32
N ILE A 389 0.93 40.94 28.72
CA ILE A 389 1.97 41.68 29.43
C ILE A 389 2.41 42.85 28.57
N ASN A 390 2.65 43.99 29.22
CA ASN A 390 3.16 45.17 28.53
C ASN A 390 4.65 44.99 28.23
N THR A 391 5.05 45.29 27.01
CA THR A 391 6.42 45.12 26.55
C THR A 391 7.04 46.48 26.28
N HIS A 392 8.28 46.66 26.75
CA HIS A 392 8.99 47.91 26.55
C HIS A 392 9.45 48.02 25.10
N PRO A 393 9.79 49.24 24.64
CA PRO A 393 10.24 49.40 23.25
C PRO A 393 11.66 48.90 23.03
N SER A 394 12.25 48.25 24.03
CA SER A 394 13.60 47.74 23.90
C SER A 394 13.68 46.71 22.76
N GLN A 395 14.89 46.53 22.24
CA GLN A 395 15.12 45.65 21.11
C GLN A 395 15.75 44.32 21.49
N LYS A 396 16.29 44.18 22.70
CA LYS A 396 16.93 42.94 23.09
C LYS A 396 15.89 41.83 23.27
N PRO A 397 16.29 40.58 23.13
CA PRO A 397 15.33 39.48 23.28
C PRO A 397 14.71 39.46 24.67
N LEU A 398 13.45 39.03 24.72
CA LEU A 398 12.70 38.96 25.97
C LEU A 398 12.70 37.52 26.48
N SER A 399 12.73 37.36 27.80
CA SER A 399 12.66 36.06 28.45
C SER A 399 11.47 36.06 29.41
N ILE A 400 10.61 35.06 29.29
CA ILE A 400 9.40 34.99 30.10
C ILE A 400 9.25 33.60 30.67
N THR A 401 8.95 33.53 31.96
CA THR A 401 8.74 32.28 32.68
C THR A 401 7.28 32.16 33.10
N VAL A 402 6.74 30.94 33.03
CA VAL A 402 5.36 30.66 33.40
C VAL A 402 5.36 29.53 34.42
N ARG A 403 4.63 29.72 35.50
CA ARG A 403 4.48 28.75 36.58
C ARG A 403 3.00 28.36 36.70
N THR A 404 2.69 27.60 37.76
CA THR A 404 1.32 27.24 38.09
C THR A 404 1.00 27.76 39.48
N LYS A 405 -0.20 28.32 39.63
CA LYS A 405 -0.66 28.92 40.87
C LYS A 405 -1.93 28.25 41.38
N LYS A 406 -1.98 26.93 41.28
CA LYS A 406 -3.15 26.20 41.76
C LYS A 406 -3.31 26.35 43.26
N GLN A 407 -4.53 26.62 43.70
CA GLN A 407 -4.81 26.79 45.12
C GLN A 407 -4.73 25.45 45.85
N GLU A 408 -4.43 25.53 47.15
CA GLU A 408 -4.33 24.36 48.02
C GLU A 408 -3.18 23.44 47.63
N LEU A 409 -2.24 23.93 46.84
CA LEU A 409 -1.09 23.15 46.39
C LEU A 409 0.20 23.88 46.76
N SER A 410 1.18 23.12 47.24
CA SER A 410 2.46 23.71 47.62
C SER A 410 3.25 24.09 46.37
N GLU A 411 4.39 24.74 46.60
CA GLU A 411 5.26 25.20 45.51
C GLU A 411 6.13 24.10 44.94
N ALA A 412 6.19 22.93 45.59
CA ALA A 412 7.06 21.86 45.11
C ALA A 412 6.54 21.26 43.81
N GLU A 413 5.22 21.12 43.68
CA GLU A 413 4.61 20.44 42.54
C GLU A 413 4.17 21.41 41.45
N GLN A 414 4.46 22.69 41.58
CA GLN A 414 4.07 23.65 40.56
C GLN A 414 4.89 23.46 39.29
N ALA A 415 4.27 23.75 38.15
CA ALA A 415 4.90 23.56 36.85
C ALA A 415 5.90 24.69 36.60
N THR A 416 6.52 24.69 35.43
CA THR A 416 7.53 25.68 35.08
C THR A 416 7.82 25.57 33.60
N ARG A 417 7.98 26.72 32.94
CA ARG A 417 8.38 26.74 31.55
C ARG A 417 8.91 28.13 31.19
N THR A 418 10.15 28.18 30.72
CA THR A 418 10.79 29.44 30.32
C THR A 418 10.92 29.47 28.81
N MET A 419 10.65 30.63 28.22
CA MET A 419 10.70 30.78 26.77
C MET A 419 11.30 32.13 26.40
N GLN A 420 11.83 32.17 25.18
CA GLN A 420 12.48 33.37 24.62
C GLN A 420 11.60 33.91 23.50
N ALA A 421 11.37 35.21 23.52
CA ALA A 421 10.63 35.91 22.47
C ALA A 421 11.59 36.88 21.78
N LEU A 422 11.70 36.75 20.44
CA LEU A 422 12.60 37.59 19.68
C LEU A 422 11.88 38.83 19.15
N PRO A 423 12.59 39.94 18.94
CA PRO A 423 11.95 41.15 18.43
C PRO A 423 11.50 40.98 16.99
N TYR A 424 10.48 41.74 16.61
CA TYR A 424 10.00 41.77 15.23
C TYR A 424 10.94 42.61 14.39
N SER A 425 11.55 41.99 13.37
CA SER A 425 12.53 42.68 12.55
C SER A 425 11.85 43.67 11.61
N THR A 426 11.72 44.93 12.04
CA THR A 426 11.13 45.95 11.20
C THR A 426 12.07 46.29 10.05
N VAL A 427 11.49 46.49 8.87
CA VAL A 427 12.27 46.83 7.68
C VAL A 427 12.59 48.32 7.69
N GLY A 428 13.88 48.65 7.58
CA GLY A 428 14.30 50.03 7.54
C GLY A 428 14.27 50.76 8.86
N ASN A 429 14.05 50.05 9.97
CA ASN A 429 13.98 50.67 11.29
C ASN A 429 12.95 51.80 11.30
N SER A 430 11.79 51.53 10.73
CA SER A 430 10.70 52.50 10.66
C SER A 430 9.70 52.35 11.80
N ASN A 431 10.00 51.50 12.79
CA ASN A 431 9.19 51.32 14.00
C ASN A 431 7.70 51.39 13.68
N ASN A 432 7.30 50.67 12.64
CA ASN A 432 5.89 50.54 12.25
C ASN A 432 5.43 49.13 12.62
N TYR A 433 4.38 49.05 13.43
CA TYR A 433 3.88 47.78 13.93
C TYR A 433 2.37 47.71 13.81
N LEU A 434 1.87 46.53 13.44
CA LEU A 434 0.45 46.26 13.37
C LEU A 434 0.15 45.03 14.21
N HIS A 435 -0.83 45.13 15.10
CA HIS A 435 -1.16 44.08 16.05
C HIS A 435 -2.61 43.66 15.87
N LEU A 436 -2.82 42.35 15.82
CA LEU A 436 -4.16 41.76 15.73
C LEU A 436 -4.45 41.00 17.01
N SER A 437 -5.59 41.31 17.63
CA SER A 437 -5.99 40.66 18.88
C SER A 437 -7.38 40.07 18.75
N VAL A 438 -7.54 38.86 19.26
CA VAL A 438 -8.81 38.14 19.23
C VAL A 438 -9.02 37.47 20.58
N LEU A 439 -10.25 37.56 21.09
CA LEU A 439 -10.60 36.83 22.31
C LEU A 439 -10.59 35.34 22.03
N ARG A 440 -10.06 34.57 22.98
CA ARG A 440 -9.88 33.14 22.82
C ARG A 440 -10.99 32.39 23.56
N THR A 441 -11.62 31.44 22.87
CA THR A 441 -12.66 30.61 23.45
C THR A 441 -12.98 29.52 22.44
N GLU A 442 -13.85 28.59 22.84
CA GLU A 442 -14.29 27.50 21.95
C GLU A 442 -15.36 28.06 21.02
N LEU A 443 -14.91 28.60 19.90
CA LEU A 443 -15.84 29.21 18.93
C LEU A 443 -16.72 28.14 18.31
N ARG A 444 -17.95 28.52 18.00
CA ARG A 444 -18.92 27.67 17.32
C ARG A 444 -19.37 28.33 16.02
N PRO A 445 -19.88 27.55 15.07
CA PRO A 445 -20.36 28.15 13.81
C PRO A 445 -21.45 29.18 14.07
N GLY A 446 -21.42 30.26 13.29
CA GLY A 446 -22.39 31.32 13.39
C GLY A 446 -22.03 32.42 14.36
N GLU A 447 -20.97 32.26 15.14
CA GLU A 447 -20.55 33.30 16.07
C GLU A 447 -19.76 34.37 15.34
N THR A 448 -19.72 35.56 15.95
CA THR A 448 -19.03 36.72 15.40
C THR A 448 -17.82 37.05 16.26
N LEU A 449 -16.66 37.15 15.63
CA LEU A 449 -15.42 37.46 16.34
C LEU A 449 -15.09 38.94 16.14
N ASN A 450 -15.01 39.69 17.24
CA ASN A 450 -14.71 41.12 17.19
C ASN A 450 -13.20 41.29 17.26
N VAL A 451 -12.54 41.08 16.12
CA VAL A 451 -11.10 41.23 16.07
C VAL A 451 -10.74 42.70 16.26
N ASN A 452 -9.57 42.95 16.84
CA ASN A 452 -9.09 44.30 17.10
C ASN A 452 -7.77 44.50 16.37
N PHE A 453 -7.71 45.54 15.55
CA PHE A 453 -6.50 45.94 14.85
C PHE A 453 -5.94 47.20 15.51
N LEU A 454 -4.65 47.19 15.82
CA LEU A 454 -3.98 48.33 16.43
C LEU A 454 -2.73 48.66 15.64
N LEU A 455 -2.48 49.95 15.45
CA LEU A 455 -1.35 50.44 14.66
C LEU A 455 -0.47 51.33 15.52
N ARG A 456 0.85 51.15 15.39
CA ARG A 456 1.83 51.96 16.10
C ARG A 456 2.87 52.43 15.10
N MET A 457 2.94 53.74 14.89
CA MET A 457 3.89 54.32 13.96
C MET A 457 4.09 55.79 14.30
N ASP A 458 5.11 56.38 13.70
CA ASP A 458 5.42 57.79 13.96
C ASP A 458 4.26 58.68 13.54
N ARG A 459 4.03 59.74 14.30
CA ARG A 459 2.93 60.66 14.01
C ARG A 459 3.10 61.38 12.69
N ALA A 460 4.31 61.37 12.12
CA ALA A 460 4.55 62.10 10.89
C ALA A 460 3.67 61.58 9.75
N HIS A 461 3.53 60.26 9.64
CA HIS A 461 2.79 59.64 8.55
C HIS A 461 1.59 58.83 9.06
N GLU A 462 1.00 59.26 10.18
CA GLU A 462 -0.17 58.58 10.71
C GLU A 462 -1.42 58.87 9.90
N ALA A 463 -1.44 59.94 9.11
CA ALA A 463 -2.59 60.31 8.30
C ALA A 463 -2.57 59.65 6.92
N LYS A 464 -1.54 58.89 6.60
CA LYS A 464 -1.44 58.24 5.29
C LYS A 464 -2.17 56.91 5.24
N ILE A 465 -2.17 56.15 6.32
CA ILE A 465 -2.85 54.86 6.34
C ILE A 465 -4.35 55.09 6.32
N ARG A 466 -5.05 54.39 5.42
CA ARG A 466 -6.50 54.51 5.28
C ARG A 466 -7.24 53.18 5.34
N TYR A 467 -6.59 52.06 5.12
CA TYR A 467 -7.27 50.77 5.15
C TYR A 467 -6.24 49.67 5.38
N TYR A 468 -6.75 48.52 5.83
CA TYR A 468 -5.95 47.31 6.01
C TYR A 468 -6.54 46.20 5.17
N THR A 469 -5.69 45.49 4.42
CA THR A 469 -6.13 44.38 3.59
C THR A 469 -5.99 43.09 4.40
N TYR A 470 -7.10 42.39 4.59
CA TYR A 470 -7.14 41.20 5.42
C TYR A 470 -7.55 39.99 4.60
N LEU A 471 -6.97 38.84 4.96
CA LEU A 471 -7.23 37.58 4.27
C LEU A 471 -7.40 36.48 5.31
N ILE A 472 -8.15 35.44 4.91
CA ILE A 472 -8.42 34.28 5.77
C ILE A 472 -7.91 33.05 5.04
N MET A 473 -7.14 32.23 5.74
CA MET A 473 -6.56 31.00 5.21
C MET A 473 -7.15 29.81 5.95
N ASN A 474 -7.61 28.81 5.20
CA ASN A 474 -8.18 27.60 5.79
C ASN A 474 -8.04 26.47 4.79
N LYS A 475 -7.40 25.37 5.21
CA LYS A 475 -7.22 24.20 4.36
C LYS A 475 -6.51 24.59 3.05
N GLY A 476 -5.54 25.49 3.15
CA GLY A 476 -4.80 25.94 1.97
C GLY A 476 -5.51 26.96 1.12
N ARG A 477 -6.73 26.67 0.70
CA ARG A 477 -7.49 27.61 -0.12
C ARG A 477 -7.80 28.88 0.66
N LEU A 478 -7.77 30.00 -0.04
CA LEU A 478 -8.06 31.31 0.57
C LEU A 478 -9.56 31.40 0.81
N LEU A 479 -9.96 31.43 2.08
CA LEU A 479 -11.39 31.43 2.42
C LEU A 479 -12.04 32.74 2.01
N LYS A 480 -11.44 33.86 2.35
CA LYS A 480 -12.02 35.16 2.06
C LYS A 480 -10.94 36.23 2.08
N ALA A 481 -11.23 37.35 1.43
CA ALA A 481 -10.34 38.50 1.41
C ALA A 481 -11.19 39.77 1.42
N GLY A 482 -10.69 40.80 2.09
CA GLY A 482 -11.44 42.03 2.19
C GLY A 482 -10.59 43.16 2.71
N ARG A 483 -11.25 44.30 2.96
CA ARG A 483 -10.60 45.51 3.43
C ARG A 483 -11.31 46.02 4.67
N GLN A 484 -10.53 46.51 5.63
CA GLN A 484 -11.05 47.17 6.82
C GLN A 484 -10.69 48.65 6.76
N VAL A 485 -11.70 49.51 6.87
CA VAL A 485 -11.52 50.94 6.69
C VAL A 485 -10.86 51.53 7.92
N ARG A 486 -9.94 52.46 7.70
CA ARG A 486 -9.24 53.17 8.77
C ARG A 486 -9.25 54.66 8.47
N GLU A 487 -9.34 55.46 9.53
CA GLU A 487 -9.35 56.91 9.42
C GLU A 487 -8.33 57.51 10.36
N PRO A 488 -7.84 58.72 10.07
CA PRO A 488 -6.87 59.35 10.96
C PRO A 488 -7.40 59.47 12.38
N GLY A 489 -6.52 59.22 13.35
CA GLY A 489 -6.87 59.32 14.75
C GLY A 489 -7.47 58.06 15.36
N GLN A 490 -7.74 57.04 14.54
CA GLN A 490 -8.31 55.79 15.04
C GLN A 490 -7.20 54.74 15.06
N ASP A 491 -6.45 54.75 16.17
CA ASP A 491 -5.37 53.77 16.33
C ASP A 491 -5.92 52.36 16.43
N LEU A 492 -7.02 52.19 17.17
CA LEU A 492 -7.64 50.89 17.38
C LEU A 492 -8.96 50.82 16.62
N VAL A 493 -9.14 49.75 15.84
CA VAL A 493 -10.36 49.55 15.07
C VAL A 493 -10.86 48.13 15.31
N VAL A 494 -12.16 47.94 15.12
CA VAL A 494 -12.84 46.69 15.41
C VAL A 494 -13.40 46.12 14.12
N LEU A 495 -13.10 44.85 13.86
CA LEU A 495 -13.65 44.13 12.71
C LEU A 495 -14.55 43.01 13.22
N PRO A 496 -15.87 43.09 13.03
CA PRO A 496 -16.76 41.96 13.40
C PRO A 496 -16.79 40.87 12.33
N LEU A 497 -15.75 40.04 12.32
CA LEU A 497 -15.68 38.95 11.35
C LEU A 497 -16.75 37.92 11.64
N SER A 498 -17.34 37.39 10.57
CA SER A 498 -18.41 36.39 10.67
C SER A 498 -17.83 34.99 10.50
N ILE A 499 -18.32 34.06 11.32
CA ILE A 499 -17.89 32.66 11.29
C ILE A 499 -19.08 31.81 10.92
N THR A 500 -18.90 30.98 9.89
CA THR A 500 -19.97 30.10 9.41
C THR A 500 -19.46 28.67 9.30
N THR A 501 -20.28 27.78 8.72
CA THR A 501 -19.89 26.38 8.58
C THR A 501 -18.69 26.20 7.66
N ASP A 502 -18.42 27.18 6.79
CA ASP A 502 -17.25 27.07 5.91
C ASP A 502 -15.95 27.00 6.69
N PHE A 503 -15.95 27.45 7.94
CA PHE A 503 -14.77 27.38 8.79
C PHE A 503 -14.65 25.96 9.36
N ILE A 504 -13.82 25.81 10.39
CA ILE A 504 -13.56 24.53 11.05
C ILE A 504 -12.48 23.79 10.26
N PRO A 505 -11.45 23.22 10.91
CA PRO A 505 -11.21 23.22 12.35
C PRO A 505 -10.51 24.49 12.85
N SER A 506 -9.65 25.06 12.02
CA SER A 506 -8.92 26.27 12.39
C SER A 506 -8.60 27.06 11.13
N PHE A 507 -8.30 28.34 11.33
CA PHE A 507 -7.99 29.23 10.21
C PHE A 507 -7.03 30.31 10.69
N ARG A 508 -6.34 30.91 9.73
CA ARG A 508 -5.39 31.99 9.98
C ARG A 508 -5.96 33.30 9.44
N LEU A 509 -5.86 34.36 10.23
CA LEU A 509 -6.31 35.69 9.83
C LEU A 509 -5.09 36.58 9.69
N VAL A 510 -4.80 36.99 8.45
CA VAL A 510 -3.66 37.86 8.18
C VAL A 510 -4.18 39.22 7.79
N ALA A 511 -3.42 40.27 8.13
CA ALA A 511 -3.80 41.63 7.80
C ALA A 511 -2.54 42.45 7.56
N TYR A 512 -2.52 43.21 6.47
CA TYR A 512 -1.33 43.94 6.08
C TYR A 512 -1.71 45.32 5.55
N TYR A 513 -0.72 46.21 5.53
CA TYR A 513 -0.88 47.55 4.98
C TYR A 513 0.47 48.05 4.49
N THR A 514 0.45 48.80 3.39
CA THR A 514 1.66 49.28 2.74
C THR A 514 1.66 50.81 2.70
N LEU A 515 2.85 51.39 2.79
CA LEU A 515 3.00 52.84 2.76
C LEU A 515 4.39 53.20 2.27
N ILE A 516 4.55 54.46 1.89
CA ILE A 516 5.84 55.00 1.48
C ILE A 516 6.47 55.70 2.68
N GLY A 517 7.72 55.38 2.96
CA GLY A 517 8.41 55.92 4.11
C GLY A 517 9.03 57.28 3.84
N ALA A 518 9.91 57.69 4.74
CA ALA A 518 10.56 58.98 4.61
C ALA A 518 11.38 59.06 3.32
N SER A 519 12.10 57.99 2.99
CA SER A 519 12.91 57.94 1.79
C SER A 519 12.11 57.51 0.56
N GLY A 520 10.79 57.56 0.63
CA GLY A 520 9.97 57.16 -0.50
C GLY A 520 10.14 55.71 -0.89
N GLN A 521 10.22 54.82 0.10
CA GLN A 521 10.39 53.39 -0.13
C GLN A 521 9.10 52.66 0.22
N ARG A 522 8.65 51.80 -0.69
CA ARG A 522 7.43 51.02 -0.46
C ARG A 522 7.70 49.96 0.61
N GLU A 523 7.05 50.11 1.75
CA GLU A 523 7.21 49.19 2.87
C GLU A 523 5.84 48.65 3.26
N VAL A 524 5.75 47.33 3.42
CA VAL A 524 4.51 46.64 3.77
C VAL A 524 4.70 45.96 5.11
N VAL A 525 3.77 46.20 6.03
CA VAL A 525 3.77 45.59 7.35
C VAL A 525 2.55 44.69 7.46
N ALA A 526 2.77 43.43 7.85
CA ALA A 526 1.71 42.44 7.93
C ALA A 526 1.79 41.71 9.27
N ASP A 527 0.64 41.25 9.75
CA ASP A 527 0.55 40.51 10.99
C ASP A 527 -0.44 39.37 10.82
N SER A 528 -0.10 38.22 11.40
CA SER A 528 -0.93 37.03 11.32
C SER A 528 -1.28 36.55 12.72
N VAL A 529 -2.51 36.07 12.89
CA VAL A 529 -3.00 35.57 14.17
C VAL A 529 -3.65 34.21 13.96
N TRP A 530 -3.65 33.40 15.00
CA TRP A 530 -4.23 32.07 14.98
C TRP A 530 -5.55 32.07 15.74
N VAL A 531 -6.58 31.52 15.10
CA VAL A 531 -7.91 31.41 15.68
C VAL A 531 -8.29 29.94 15.74
N ASP A 532 -8.71 29.47 16.91
CA ASP A 532 -9.10 28.09 17.13
C ASP A 532 -10.61 28.02 17.28
N VAL A 533 -11.24 27.10 16.55
CA VAL A 533 -12.68 26.92 16.59
C VAL A 533 -12.97 25.48 17.00
N LYS A 534 -14.11 25.29 17.67
CA LYS A 534 -14.50 23.96 18.12
C LYS A 534 -14.59 23.00 16.94
N ASP A 535 -14.03 21.81 17.11
CA ASP A 535 -14.05 20.79 16.07
C ASP A 535 -15.41 20.11 16.03
N SER A 536 -16.08 20.18 14.88
CA SER A 536 -17.39 19.56 14.73
C SER A 536 -17.59 19.20 13.26
N CYS A 537 -18.49 18.27 13.03
CA CYS A 537 -18.78 17.82 11.67
C CYS A 537 -19.43 18.93 10.85
N VAL A 538 -19.14 18.94 9.55
CA VAL A 538 -19.72 19.96 8.67
C VAL A 538 -21.24 19.86 8.67
N GLY A 539 -21.77 18.65 8.56
CA GLY A 539 -23.20 18.40 8.57
C GLY A 539 -23.71 18.08 9.96
N SER A 540 -24.77 17.29 10.01
CA SER A 540 -25.37 16.87 11.28
C SER A 540 -26.02 15.50 11.05
N LEU A 541 -25.32 14.45 11.45
CA LEU A 541 -25.81 13.08 11.31
C LEU A 541 -26.11 12.51 12.69
N VAL A 542 -27.33 12.02 12.87
CA VAL A 542 -27.78 11.46 14.13
C VAL A 542 -28.52 10.15 13.86
N VAL A 543 -28.25 9.14 14.67
CA VAL A 543 -28.92 7.85 14.57
C VAL A 543 -29.47 7.50 15.94
N LYS A 544 -30.74 7.10 15.99
CA LYS A 544 -31.38 6.75 17.25
C LYS A 544 -32.49 5.75 16.97
N SER A 545 -33.21 5.38 18.03
CA SER A 545 -34.33 4.45 17.93
C SER A 545 -35.60 5.22 17.59
N GLY A 546 -36.31 4.75 16.57
CA GLY A 546 -37.54 5.42 16.17
C GLY A 546 -38.59 5.43 17.27
N GLN A 547 -38.77 4.29 17.93
CA GLN A 547 -39.75 4.21 19.01
C GLN A 547 -39.34 5.08 20.18
N SER A 548 -40.32 5.77 20.76
CA SER A 548 -40.08 6.66 21.89
C SER A 548 -40.57 6.11 23.21
N GLU A 549 -41.29 4.99 23.21
CA GLU A 549 -41.80 4.39 24.45
C GLU A 549 -41.83 2.86 24.24
N ASP A 550 -40.76 2.20 24.68
CA ASP A 550 -40.65 0.76 24.55
C ASP A 550 -39.59 0.26 25.50
N ARG A 551 -39.70 -1.01 25.88
CA ARG A 551 -38.71 -1.64 26.74
C ARG A 551 -37.55 -2.17 25.90
N GLN A 552 -36.59 -2.80 26.57
CA GLN A 552 -35.45 -3.37 25.86
C GLN A 552 -35.93 -4.47 24.93
N PRO A 553 -35.58 -4.41 23.63
CA PRO A 553 -36.12 -5.40 22.69
C PRO A 553 -35.66 -6.81 23.03
N VAL A 554 -36.55 -7.77 22.80
CA VAL A 554 -36.24 -9.19 22.99
C VAL A 554 -35.57 -9.70 21.72
N PRO A 555 -34.92 -10.86 21.75
CA PRO A 555 -34.23 -11.34 20.55
C PRO A 555 -35.20 -11.49 19.37
N GLY A 556 -34.72 -11.11 18.19
CA GLY A 556 -35.52 -11.23 16.99
C GLY A 556 -36.80 -10.42 17.02
N GLN A 557 -36.72 -9.17 17.47
CA GLN A 557 -37.87 -8.28 17.55
C GLN A 557 -37.67 -7.10 16.62
N GLN A 558 -38.70 -6.79 15.83
CA GLN A 558 -38.62 -5.68 14.89
C GLN A 558 -38.44 -4.36 15.64
N MET A 559 -37.63 -3.47 15.07
CA MET A 559 -37.38 -2.16 15.64
C MET A 559 -37.25 -1.14 14.52
N THR A 560 -37.51 0.12 14.86
CA THR A 560 -37.43 1.23 13.92
C THR A 560 -36.23 2.09 14.27
N LEU A 561 -35.41 2.39 13.26
CA LEU A 561 -34.22 3.22 13.43
C LEU A 561 -34.43 4.54 12.70
N LYS A 562 -34.24 5.64 13.42
CA LYS A 562 -34.42 6.98 12.88
C LYS A 562 -33.04 7.59 12.61
N ILE A 563 -32.83 8.02 11.37
CA ILE A 563 -31.58 8.64 10.94
C ILE A 563 -31.89 10.04 10.42
N GLU A 564 -31.22 11.03 10.98
CA GLU A 564 -31.37 12.42 10.57
C GLU A 564 -30.06 12.91 9.96
N GLY A 565 -30.13 13.47 8.77
CA GLY A 565 -28.95 13.94 8.07
C GLY A 565 -29.33 14.87 6.95
N ASP A 566 -28.30 15.41 6.29
CA ASP A 566 -28.51 16.34 5.20
C ASP A 566 -29.20 15.64 4.02
N HIS A 567 -30.03 16.40 3.32
CA HIS A 567 -30.75 15.85 2.16
C HIS A 567 -29.76 15.44 1.07
N GLY A 568 -30.07 14.34 0.39
CA GLY A 568 -29.22 13.86 -0.68
C GLY A 568 -27.83 13.48 -0.22
N ALA A 569 -27.74 12.79 0.92
CA ALA A 569 -26.46 12.35 1.48
C ALA A 569 -26.40 10.83 1.48
N ARG A 570 -25.26 10.30 1.05
CA ARG A 570 -25.04 8.85 1.02
C ARG A 570 -24.70 8.38 2.43
N VAL A 571 -25.60 7.60 3.03
CA VAL A 571 -25.45 7.11 4.40
C VAL A 571 -25.19 5.61 4.34
N VAL A 572 -24.14 5.18 5.02
CA VAL A 572 -23.76 3.77 5.11
C VAL A 572 -23.80 3.36 6.57
N LEU A 573 -24.45 2.24 6.86
CA LEU A 573 -24.61 1.75 8.22
C LEU A 573 -23.84 0.45 8.39
N VAL A 574 -23.38 0.21 9.62
CA VAL A 574 -22.64 -1.00 9.96
C VAL A 574 -22.90 -1.31 11.43
N ALA A 575 -23.10 -2.60 11.72
CA ALA A 575 -23.35 -3.07 13.08
C ALA A 575 -22.19 -3.97 13.51
N VAL A 576 -21.59 -3.63 14.65
CA VAL A 576 -20.46 -4.38 15.20
C VAL A 576 -20.77 -4.74 16.63
N ASP A 577 -20.59 -6.00 16.99
CA ASP A 577 -20.84 -6.45 18.36
C ASP A 577 -19.88 -5.76 19.32
N LYS A 578 -20.39 -5.44 20.52
CA LYS A 578 -19.55 -4.78 21.51
C LYS A 578 -18.38 -5.64 21.93
N GLY A 579 -18.61 -6.94 22.11
CA GLY A 579 -17.55 -7.84 22.55
C GLY A 579 -16.34 -7.81 21.64
N VAL A 580 -16.54 -7.51 20.36
CA VAL A 580 -15.42 -7.42 19.43
C VAL A 580 -14.46 -6.32 19.86
N PHE A 581 -15.01 -5.16 20.25
CA PHE A 581 -14.16 -4.05 20.65
C PHE A 581 -13.38 -4.33 21.93
N VAL A 582 -13.83 -5.30 22.75
CA VAL A 582 -13.14 -5.59 24.00
C VAL A 582 -11.73 -6.10 23.73
N LEU A 583 -11.57 -6.99 22.75
CA LEU A 583 -10.26 -7.57 22.47
C LEU A 583 -9.34 -6.54 21.85
N ASN A 584 -9.70 -6.01 20.68
CA ASN A 584 -8.90 -5.02 19.98
C ASN A 584 -9.79 -3.88 19.53
N LYS A 585 -9.37 -2.64 19.81
CA LYS A 585 -10.13 -1.46 19.43
C LYS A 585 -9.25 -0.35 18.90
N LYS A 586 -8.00 -0.63 18.54
CA LYS A 586 -7.12 0.42 18.05
C LYS A 586 -7.64 1.02 16.75
N ASN A 587 -8.16 0.17 15.85
CA ASN A 587 -8.65 0.64 14.56
C ASN A 587 -10.09 1.11 14.72
N LYS A 588 -10.29 2.42 14.67
CA LYS A 588 -11.62 3.00 14.79
C LYS A 588 -11.67 4.29 13.98
N LEU A 589 -12.81 4.54 13.36
CA LEU A 589 -13.02 5.73 12.53
C LEU A 589 -13.93 6.71 13.28
N THR A 590 -13.50 7.96 13.37
CA THR A 590 -14.28 8.99 14.03
C THR A 590 -13.93 10.34 13.42
N GLN A 591 -14.83 11.31 13.63
CA GLN A 591 -14.62 12.64 13.07
C GLN A 591 -13.37 13.30 13.64
N SER A 592 -13.02 12.97 14.89
CA SER A 592 -11.82 13.56 15.48
C SER A 592 -10.57 13.17 14.70
N LYS A 593 -10.47 11.91 14.30
CA LYS A 593 -9.31 11.47 13.52
C LYS A 593 -9.25 12.19 12.18
N ILE A 594 -10.41 12.36 11.53
CA ILE A 594 -10.45 13.05 10.24
C ILE A 594 -10.00 14.49 10.40
N TRP A 595 -10.48 15.17 11.45
CA TRP A 595 -10.08 16.55 11.68
C TRP A 595 -8.59 16.64 11.99
N ASP A 596 -8.06 15.71 12.76
CA ASP A 596 -6.63 15.71 13.06
C ASP A 596 -5.81 15.51 11.78
N VAL A 597 -6.25 14.60 10.92
CA VAL A 597 -5.54 14.37 9.66
C VAL A 597 -5.59 15.62 8.80
N VAL A 598 -6.76 16.27 8.73
CA VAL A 598 -6.87 17.50 7.93
C VAL A 598 -5.94 18.57 8.48
N GLU A 599 -5.90 18.74 9.80
CA GLU A 599 -5.01 19.73 10.40
C GLU A 599 -3.55 19.41 10.10
N LYS A 600 -3.17 18.13 10.17
CA LYS A 600 -1.80 17.76 9.87
C LYS A 600 -1.40 18.07 8.45
N ALA A 601 -2.37 18.22 7.54
CA ALA A 601 -2.11 18.53 6.15
C ALA A 601 -1.97 20.03 5.89
N ASP A 602 -2.14 20.86 6.91
CA ASP A 602 -2.03 22.30 6.73
C ASP A 602 -0.60 22.67 6.33
N ILE A 603 -0.49 23.68 5.47
CA ILE A 603 0.82 24.12 4.98
C ILE A 603 1.50 25.11 5.92
N GLY A 604 0.78 25.64 6.91
CA GLY A 604 1.39 26.57 7.84
C GLY A 604 2.42 25.89 8.73
N CYS A 605 3.38 26.69 9.20
CA CYS A 605 4.45 26.17 10.04
C CYS A 605 4.75 27.07 11.24
N THR A 606 3.82 27.95 11.61
CA THR A 606 4.02 28.82 12.77
C THR A 606 2.66 29.25 13.27
N PRO A 607 2.43 29.31 14.59
CA PRO A 607 1.10 29.68 15.09
C PRO A 607 0.93 31.18 15.24
N GLY A 608 1.80 31.96 14.63
CA GLY A 608 1.72 33.40 14.76
C GLY A 608 2.64 34.11 13.80
N SER A 609 2.93 35.37 14.12
CA SER A 609 3.78 36.18 13.27
C SER A 609 5.20 35.62 13.24
N GLY A 610 6.02 36.19 12.37
CA GLY A 610 7.40 35.76 12.20
C GLY A 610 8.40 36.87 12.43
N LYS A 611 9.38 36.99 11.55
CA LYS A 611 10.44 37.98 11.67
C LYS A 611 10.14 39.26 10.89
N ASP A 612 9.56 39.15 9.70
CA ASP A 612 9.26 40.31 8.88
C ASP A 612 8.02 40.00 8.04
N TYR A 613 7.68 40.91 7.13
CA TYR A 613 6.51 40.70 6.29
C TYR A 613 6.66 39.45 5.42
N ALA A 614 7.85 39.26 4.84
CA ALA A 614 8.07 38.06 4.03
C ALA A 614 7.97 36.80 4.88
N GLY A 615 8.54 36.82 6.08
CA GLY A 615 8.42 35.68 6.97
C GLY A 615 6.99 35.42 7.38
N VAL A 616 6.24 36.48 7.68
CA VAL A 616 4.84 36.33 8.05
C VAL A 616 4.05 35.70 6.91
N PHE A 617 4.27 36.18 5.68
CA PHE A 617 3.58 35.64 4.52
C PHE A 617 3.94 34.17 4.31
N SER A 618 5.23 33.83 4.44
CA SER A 618 5.64 32.45 4.25
C SER A 618 5.01 31.54 5.31
N ASP A 619 4.99 31.98 6.56
CA ASP A 619 4.39 31.18 7.62
C ASP A 619 2.90 31.01 7.41
N ALA A 620 2.21 32.08 7.00
CA ALA A 620 0.76 32.02 6.80
C ALA A 620 0.36 31.16 5.62
N GLY A 621 1.31 30.75 4.78
CA GLY A 621 0.99 29.94 3.61
C GLY A 621 0.59 30.72 2.39
N LEU A 622 0.94 32.01 2.31
CA LEU A 622 0.62 32.86 1.17
C LEU A 622 1.88 33.55 0.68
N THR A 623 2.00 33.68 -0.63
CA THR A 623 3.10 34.41 -1.25
C THR A 623 2.58 35.75 -1.76
N PHE A 624 3.25 36.82 -1.35
CA PHE A 624 2.84 38.20 -1.66
C PHE A 624 3.95 38.84 -2.48
N THR A 625 3.67 39.06 -3.76
CA THR A 625 4.66 39.60 -4.69
C THR A 625 4.22 40.98 -5.16
N SER A 626 5.09 41.97 -4.99
CA SER A 626 4.83 43.34 -5.41
C SER A 626 5.63 43.66 -6.66
N SER A 627 5.25 44.78 -7.30
CA SER A 627 5.92 45.23 -8.51
C SER A 627 7.14 46.09 -8.22
N SER A 628 7.41 46.41 -6.96
CA SER A 628 8.56 47.23 -6.58
C SER A 628 9.78 46.41 -6.23
N GLY A 629 9.63 45.13 -5.90
CA GLY A 629 10.75 44.29 -5.55
C GLY A 629 10.48 43.37 -4.38
N GLN A 630 9.53 43.75 -3.53
CA GLN A 630 9.20 42.93 -2.36
C GLN A 630 8.70 41.56 -2.80
N GLN A 631 9.22 40.52 -2.16
CA GLN A 631 8.83 39.16 -2.48
C GLN A 631 9.10 38.26 -1.27
N THR A 632 8.49 37.09 -1.29
CA THR A 632 8.63 36.12 -0.22
C THR A 632 9.58 35.01 -0.64
N ALA A 633 10.26 34.43 0.35
CA ALA A 633 11.22 33.36 0.08
C ALA A 633 10.50 32.14 -0.50
N GLN A 634 11.11 31.53 -1.51
CA GLN A 634 10.53 30.37 -2.15
C GLN A 634 10.55 29.17 -1.20
N ARG A 635 9.51 28.35 -1.28
CA ARG A 635 9.37 27.15 -0.48
C ARG A 635 9.45 25.93 -1.39
N ALA A 636 10.37 25.01 -1.08
CA ALA A 636 10.58 23.81 -1.88
C ALA A 636 10.44 22.54 -1.05
N GLU A 637 9.80 22.62 0.12
CA GLU A 637 9.59 21.48 1.00
C GLU A 637 8.10 21.33 1.28
N LEU A 638 7.56 20.15 0.96
CA LEU A 638 6.14 19.91 1.23
C LEU A 638 5.84 19.95 2.72
N GLN A 639 6.71 19.33 3.52
CA GLN A 639 6.54 19.30 4.97
C GLN A 639 7.23 20.50 5.60
N CYS A 640 6.73 20.89 6.77
CA CYS A 640 7.31 22.03 7.47
C CYS A 640 8.71 21.70 7.99
N PRO A 641 9.58 22.70 8.11
CA PRO A 641 10.92 22.43 8.63
C PRO A 641 10.86 21.86 10.05
N GLN A 642 11.78 20.93 10.33
CA GLN A 642 11.85 20.31 11.64
C GLN A 642 13.05 20.82 12.42
N ASP B 4 -44.33 -35.12 32.44
CA ASP B 4 -44.24 -33.90 31.64
C ASP B 4 -45.60 -33.20 31.56
N GLU B 5 -45.88 -32.33 32.54
CA GLU B 5 -47.13 -31.58 32.60
C GLU B 5 -46.82 -30.10 32.50
N ASP B 6 -47.51 -29.41 31.60
CA ASP B 6 -47.29 -27.98 31.37
C ASP B 6 -45.85 -27.70 30.97
N ILE B 7 -45.28 -28.60 30.17
CA ILE B 7 -43.90 -28.48 29.68
C ILE B 7 -43.95 -28.41 28.16
N ILE B 8 -43.27 -27.41 27.59
CA ILE B 8 -43.23 -27.26 26.14
C ILE B 8 -42.41 -28.39 25.53
N ALA B 9 -42.96 -29.03 24.52
CA ALA B 9 -42.28 -30.14 23.87
C ALA B 9 -41.00 -29.65 23.18
N GLU B 10 -40.02 -30.56 23.09
CA GLU B 10 -38.75 -30.19 22.48
C GLU B 10 -38.95 -29.76 21.02
N GLU B 11 -39.88 -30.39 20.32
CA GLU B 11 -40.13 -30.02 18.93
C GLU B 11 -40.60 -28.58 18.82
N ASN B 12 -41.50 -28.15 19.72
CA ASN B 12 -42.02 -26.79 19.67
C ASN B 12 -40.94 -25.75 19.97
N ILE B 13 -39.87 -26.13 20.65
CA ILE B 13 -38.81 -25.19 21.00
C ILE B 13 -37.96 -24.93 19.77
N VAL B 14 -37.77 -23.65 19.44
CA VAL B 14 -36.95 -23.23 18.30
C VAL B 14 -35.60 -22.77 18.83
N SER B 15 -34.53 -23.34 18.28
CA SER B 15 -33.18 -23.02 18.72
C SER B 15 -32.65 -21.79 17.99
N ARG B 16 -31.82 -21.03 18.69
CA ARG B 16 -31.20 -19.83 18.13
C ARG B 16 -29.84 -20.21 17.55
N SER B 17 -29.70 -20.05 16.23
CA SER B 17 -28.47 -20.42 15.52
C SER B 17 -27.73 -19.23 14.94
N GLU B 18 -28.44 -18.20 14.48
CA GLU B 18 -27.79 -17.05 13.86
C GLU B 18 -27.03 -16.26 14.92
N PHE B 19 -25.69 -16.31 14.84
CA PHE B 19 -24.82 -15.57 15.75
C PHE B 19 -23.76 -14.85 14.93
N PRO B 20 -24.15 -13.87 14.13
CA PRO B 20 -23.17 -13.13 13.33
C PRO B 20 -22.42 -12.10 14.16
N GLU B 21 -21.13 -11.95 13.85
CA GLU B 21 -20.30 -10.96 14.52
C GLU B 21 -20.47 -9.56 13.96
N SER B 22 -21.10 -9.41 12.80
CA SER B 22 -21.32 -8.10 12.20
C SER B 22 -22.43 -8.22 11.17
N TRP B 23 -23.30 -7.22 11.14
CA TRP B 23 -24.43 -7.21 10.22
C TRP B 23 -24.76 -5.76 9.88
N LEU B 24 -25.95 -5.53 9.32
CA LEU B 24 -26.39 -4.19 8.94
C LEU B 24 -25.44 -3.56 7.92
N TRP B 25 -24.95 -4.38 6.99
CA TRP B 25 -24.07 -3.90 5.93
C TRP B 25 -24.89 -3.44 4.72
N ASN B 26 -25.74 -2.46 4.96
CA ASN B 26 -26.65 -1.92 3.96
C ASN B 26 -26.24 -0.50 3.59
N VAL B 27 -26.70 -0.07 2.42
CA VAL B 27 -26.44 1.27 1.90
C VAL B 27 -27.77 1.95 1.64
N GLU B 28 -27.94 3.16 2.16
CA GLU B 28 -29.17 3.91 2.00
C GLU B 28 -28.85 5.35 1.64
N ASP B 29 -29.81 6.00 0.99
CA ASP B 29 -29.69 7.39 0.57
C ASP B 29 -30.83 8.20 1.16
N LEU B 30 -30.50 9.41 1.61
CA LEU B 30 -31.49 10.31 2.22
C LEU B 30 -32.13 11.13 1.11
N LYS B 31 -33.35 10.75 0.71
CA LYS B 31 -34.08 11.43 -0.34
C LYS B 31 -35.46 11.91 0.10
N GLU B 32 -35.82 11.73 1.37
CA GLU B 32 -37.11 12.17 1.84
C GLU B 32 -37.18 13.70 1.87
N PRO B 33 -38.39 14.26 1.83
CA PRO B 33 -38.51 15.73 1.86
C PRO B 33 -37.86 16.31 3.10
N PRO B 34 -36.80 17.09 2.96
CA PRO B 34 -36.15 17.66 4.14
C PRO B 34 -37.02 18.69 4.81
N LYS B 35 -36.85 18.80 6.13
CA LYS B 35 -37.55 19.79 6.95
C LYS B 35 -36.53 20.50 7.81
N ASN B 36 -36.53 21.83 7.75
CA ASN B 36 -35.58 22.66 8.50
C ASN B 36 -34.13 22.26 8.18
N GLY B 37 -33.88 21.88 6.93
CA GLY B 37 -32.54 21.48 6.54
C GLY B 37 -32.11 20.12 7.02
N ILE B 38 -33.04 19.32 7.54
CA ILE B 38 -32.74 17.99 8.06
C ILE B 38 -33.69 16.99 7.41
N SER B 39 -33.12 15.90 6.90
CA SER B 39 -33.89 14.82 6.28
C SER B 39 -33.95 13.64 7.24
N THR B 40 -35.16 13.15 7.51
CA THR B 40 -35.38 12.04 8.42
C THR B 40 -35.75 10.80 7.64
N LYS B 41 -35.06 9.69 7.91
CA LYS B 41 -35.30 8.41 7.25
C LYS B 41 -35.59 7.35 8.30
N LEU B 42 -36.64 6.58 8.07
CA LEU B 42 -37.04 5.50 8.97
C LEU B 42 -36.77 4.15 8.30
N MET B 43 -36.11 3.26 9.03
CA MET B 43 -35.75 1.95 8.52
C MET B 43 -36.22 0.87 9.47
N ASN B 44 -36.55 -0.29 8.91
CA ASN B 44 -36.98 -1.45 9.68
C ASN B 44 -35.90 -2.53 9.58
N ILE B 45 -35.44 -3.02 10.72
CA ILE B 45 -34.38 -4.02 10.78
C ILE B 45 -34.81 -5.13 11.75
N PHE B 46 -34.16 -6.29 11.59
CA PHE B 46 -34.42 -7.46 12.41
C PHE B 46 -33.24 -7.67 13.34
N LEU B 47 -33.49 -7.67 14.65
CA LEU B 47 -32.43 -7.90 15.61
C LEU B 47 -31.95 -9.35 15.54
N LYS B 48 -30.63 -9.54 15.65
CA LYS B 48 -30.07 -10.87 15.62
C LYS B 48 -30.38 -11.62 16.92
N ASP B 49 -30.43 -12.94 16.82
CA ASP B 49 -30.76 -13.76 17.98
C ASP B 49 -29.72 -13.65 19.09
N SER B 50 -28.50 -13.25 18.77
CA SER B 50 -27.46 -13.13 19.76
C SER B 50 -27.85 -12.10 20.82
N ILE B 51 -27.66 -12.45 22.09
CA ILE B 51 -27.98 -11.58 23.20
C ILE B 51 -26.69 -10.85 23.59
N THR B 52 -26.58 -9.60 23.17
CA THR B 52 -25.39 -8.78 23.45
C THR B 52 -25.72 -7.34 23.11
N THR B 53 -24.71 -6.47 23.21
CA THR B 53 -24.86 -5.05 22.90
C THR B 53 -24.38 -4.80 21.47
N TRP B 54 -25.24 -4.21 20.66
CA TRP B 54 -24.93 -3.92 19.26
C TRP B 54 -24.56 -2.45 19.12
N GLU B 55 -23.40 -2.20 18.53
CA GLU B 55 -22.91 -0.85 18.27
C GLU B 55 -23.06 -0.55 16.79
N ILE B 56 -23.74 0.53 16.46
CA ILE B 56 -24.00 0.93 15.09
C ILE B 56 -23.33 2.28 14.84
N LEU B 57 -22.53 2.34 13.78
CA LEU B 57 -21.83 3.56 13.38
C LEU B 57 -22.29 3.94 11.98
N ALA B 58 -22.71 5.19 11.81
CA ALA B 58 -23.22 5.70 10.54
C ALA B 58 -22.30 6.80 10.03
N VAL B 59 -21.93 6.72 8.76
CA VAL B 59 -21.10 7.72 8.10
C VAL B 59 -21.86 8.24 6.89
N SER B 60 -21.99 9.57 6.80
CA SER B 60 -22.70 10.21 5.71
C SER B 60 -21.74 11.01 4.84
N MET B 61 -22.05 11.06 3.55
CA MET B 61 -21.24 11.78 2.56
C MET B 61 -22.20 12.59 1.70
N SER B 62 -22.39 13.86 2.06
CA SER B 62 -23.28 14.74 1.33
C SER B 62 -22.52 15.47 0.23
N ASP B 63 -23.25 15.87 -0.81
CA ASP B 63 -22.64 16.59 -1.93
C ASP B 63 -22.22 18.00 -1.57
N LYS B 64 -22.61 18.51 -0.40
CA LYS B 64 -22.26 19.85 0.04
C LYS B 64 -21.54 19.89 1.37
N LYS B 65 -21.86 18.98 2.29
CA LYS B 65 -21.23 18.97 3.60
C LYS B 65 -19.95 18.15 3.63
N GLY B 66 -19.99 16.94 3.09
CA GLY B 66 -18.85 16.06 3.04
C GLY B 66 -18.97 14.90 4.00
N ILE B 67 -17.80 14.39 4.41
CA ILE B 67 -17.75 13.25 5.32
C ILE B 67 -18.20 13.68 6.70
N CYS B 68 -19.12 12.92 7.29
CA CYS B 68 -19.62 13.19 8.64
C CYS B 68 -19.82 11.87 9.36
N VAL B 69 -19.21 11.73 10.53
CA VAL B 69 -19.30 10.52 11.34
C VAL B 69 -20.14 10.84 12.57
N ALA B 70 -21.21 10.09 12.76
CA ALA B 70 -22.09 10.27 13.91
C ALA B 70 -21.62 9.43 15.09
N ASP B 71 -22.07 9.80 16.28
CA ASP B 71 -21.69 9.08 17.48
C ASP B 71 -22.26 7.65 17.42
N PRO B 72 -21.51 6.65 17.88
CA PRO B 72 -22.03 5.28 17.86
C PRO B 72 -23.31 5.16 18.68
N PHE B 73 -24.24 4.33 18.18
CA PHE B 73 -25.50 4.08 18.85
C PHE B 73 -25.47 2.67 19.42
N GLU B 74 -25.85 2.54 20.70
CA GLU B 74 -25.81 1.26 21.41
C GLU B 74 -27.23 0.74 21.58
N VAL B 75 -27.44 -0.52 21.19
CA VAL B 75 -28.72 -1.19 21.33
C VAL B 75 -28.52 -2.40 22.24
N THR B 76 -29.34 -2.51 23.28
CA THR B 76 -29.25 -3.57 24.26
C THR B 76 -30.38 -4.57 24.04
N VAL B 77 -30.03 -5.85 23.95
CA VAL B 77 -30.99 -6.93 23.80
C VAL B 77 -31.01 -7.72 25.11
N MET B 78 -32.20 -7.85 25.70
CA MET B 78 -32.35 -8.44 27.02
C MET B 78 -33.43 -9.50 27.03
N GLN B 79 -33.24 -10.51 27.87
CA GLN B 79 -34.23 -11.55 28.10
C GLN B 79 -34.22 -11.91 29.58
N ASP B 80 -35.38 -12.35 30.08
CA ASP B 80 -35.48 -12.70 31.49
C ASP B 80 -34.56 -13.86 31.83
N PHE B 81 -34.50 -14.88 30.97
CA PHE B 81 -33.66 -16.04 31.17
C PHE B 81 -33.06 -16.44 29.84
N PHE B 82 -31.76 -16.77 29.84
CA PHE B 82 -31.07 -17.10 28.60
C PHE B 82 -29.94 -18.07 28.89
N ILE B 83 -29.27 -18.49 27.83
CA ILE B 83 -28.16 -19.45 27.90
C ILE B 83 -26.99 -18.87 27.12
N ASP B 84 -25.78 -18.99 27.68
CA ASP B 84 -24.55 -18.56 27.02
C ASP B 84 -23.71 -19.80 26.79
N LEU B 85 -23.93 -20.45 25.65
CA LEU B 85 -23.24 -21.70 25.33
C LEU B 85 -21.81 -21.41 24.93
N ARG B 86 -20.86 -21.89 25.72
CA ARG B 86 -19.44 -21.66 25.49
C ARG B 86 -18.80 -22.94 24.96
N LEU B 87 -18.25 -22.87 23.75
CA LEU B 87 -17.54 -23.95 23.12
C LEU B 87 -16.18 -23.46 22.62
N PRO B 88 -15.18 -24.34 22.53
CA PRO B 88 -13.92 -23.93 21.93
C PRO B 88 -14.07 -23.75 20.42
N TYR B 89 -13.16 -22.94 19.86
CA TYR B 89 -13.20 -22.69 18.42
C TYR B 89 -13.02 -23.99 17.64
N SER B 90 -12.07 -24.83 18.06
CA SER B 90 -11.83 -26.11 17.42
C SER B 90 -11.58 -27.16 18.49
N VAL B 91 -11.95 -28.40 18.17
CA VAL B 91 -11.78 -29.54 19.06
C VAL B 91 -10.95 -30.59 18.34
N VAL B 92 -9.92 -31.10 19.02
CA VAL B 92 -9.06 -32.12 18.41
C VAL B 92 -9.87 -33.38 18.19
N ARG B 93 -9.80 -33.92 16.97
CA ARG B 93 -10.55 -35.13 16.65
C ARG B 93 -10.05 -36.30 17.50
N ASN B 94 -10.99 -37.17 17.86
CA ASN B 94 -10.70 -38.34 18.68
C ASN B 94 -10.12 -37.92 20.04
N GLU B 95 -10.56 -36.78 20.55
CA GLU B 95 -10.09 -36.27 21.83
C GLU B 95 -11.30 -35.73 22.59
N GLN B 96 -11.62 -36.36 23.72
CA GLN B 96 -12.75 -35.92 24.53
C GLN B 96 -12.56 -34.48 24.97
N VAL B 97 -13.62 -33.67 24.82
CA VAL B 97 -13.58 -32.26 25.17
C VAL B 97 -14.81 -31.93 26.01
N GLU B 98 -14.74 -30.81 26.71
CA GLU B 98 -15.81 -30.33 27.57
C GLU B 98 -16.25 -28.95 27.12
N ILE B 99 -17.57 -28.74 27.13
CA ILE B 99 -18.17 -27.47 26.75
C ILE B 99 -19.13 -27.05 27.86
N ARG B 100 -19.43 -25.75 27.91
CA ARG B 100 -20.25 -25.19 28.98
C ARG B 100 -21.58 -24.70 28.43
N ALA B 101 -22.65 -24.93 29.19
CA ALA B 101 -23.98 -24.41 28.89
C ALA B 101 -24.45 -23.68 30.15
N VAL B 102 -24.07 -22.42 30.28
CA VAL B 102 -24.37 -21.64 31.47
C VAL B 102 -25.72 -20.96 31.30
N LEU B 103 -26.64 -21.23 32.21
CA LEU B 103 -27.98 -20.66 32.21
C LEU B 103 -27.98 -19.43 33.13
N TYR B 104 -28.36 -18.29 32.58
CA TYR B 104 -28.43 -17.03 33.31
C TYR B 104 -29.88 -16.65 33.53
N ASN B 105 -30.22 -16.31 34.77
CA ASN B 105 -31.55 -15.83 35.12
C ASN B 105 -31.40 -14.52 35.88
N TYR B 106 -32.32 -13.58 35.63
CA TYR B 106 -32.27 -12.25 36.23
C TYR B 106 -33.63 -11.86 36.76
N ARG B 107 -34.27 -12.79 37.48
CA ARG B 107 -35.54 -12.52 38.15
C ARG B 107 -35.29 -12.05 39.57
N GLN B 108 -36.23 -11.27 40.10
CA GLN B 108 -36.04 -10.66 41.42
C GLN B 108 -36.06 -11.70 42.52
N ASN B 109 -37.18 -12.39 42.69
CA ASN B 109 -37.36 -13.35 43.77
C ASN B 109 -38.07 -14.60 43.26
N GLN B 110 -37.64 -15.10 42.10
CA GLN B 110 -38.22 -16.28 41.49
C GLN B 110 -37.14 -17.35 41.34
N GLU B 111 -37.44 -18.56 41.81
CA GLU B 111 -36.56 -19.70 41.66
C GLU B 111 -37.10 -20.58 40.53
N LEU B 112 -36.26 -20.87 39.55
CA LEU B 112 -36.67 -21.57 38.34
C LEU B 112 -36.18 -23.01 38.38
N LYS B 113 -37.12 -23.95 38.22
CA LYS B 113 -36.77 -25.36 38.09
C LYS B 113 -36.68 -25.66 36.59
N VAL B 114 -35.45 -25.78 36.09
CA VAL B 114 -35.19 -25.88 34.66
C VAL B 114 -34.76 -27.30 34.32
N ARG B 115 -35.11 -27.71 33.11
CA ARG B 115 -34.66 -28.98 32.53
C ARG B 115 -33.81 -28.68 31.32
N VAL B 116 -32.58 -29.21 31.31
CA VAL B 116 -31.61 -28.94 30.26
C VAL B 116 -31.34 -30.24 29.51
N GLU B 117 -31.41 -30.18 28.19
CA GLU B 117 -31.25 -31.35 27.33
C GLU B 117 -30.27 -31.05 26.21
N LEU B 118 -29.53 -32.07 25.81
CA LEU B 118 -28.59 -31.99 24.69
C LEU B 118 -29.09 -32.90 23.57
N LEU B 119 -29.24 -32.33 22.38
CA LEU B 119 -29.77 -33.10 21.26
C LEU B 119 -28.74 -34.10 20.75
N HIS B 120 -29.24 -35.15 20.12
CA HIS B 120 -28.39 -36.20 19.58
C HIS B 120 -27.74 -35.73 18.28
N ASN B 121 -26.42 -35.84 18.21
CA ASN B 121 -25.66 -35.49 17.02
C ASN B 121 -24.85 -36.70 16.57
N PRO B 122 -25.02 -37.20 15.35
CA PRO B 122 -24.26 -38.39 14.93
C PRO B 122 -22.75 -38.17 14.91
N ALA B 123 -22.30 -36.93 14.82
CA ALA B 123 -20.86 -36.64 14.76
C ALA B 123 -20.22 -36.60 16.13
N PHE B 124 -20.98 -36.71 17.21
CA PHE B 124 -20.46 -36.68 18.57
C PHE B 124 -20.90 -37.92 19.32
N CYS B 125 -19.97 -38.51 20.06
CA CYS B 125 -20.24 -39.71 20.86
C CYS B 125 -20.55 -39.28 22.29
N SER B 126 -21.79 -38.81 22.49
CA SER B 126 -22.26 -38.34 23.77
C SER B 126 -23.13 -39.39 24.45
N LEU B 127 -23.45 -39.14 25.72
CA LEU B 127 -24.28 -40.07 26.48
C LEU B 127 -25.67 -40.20 25.87
N ALA B 128 -26.16 -39.14 25.22
CA ALA B 128 -27.48 -39.20 24.61
C ALA B 128 -27.51 -40.22 23.49
N THR B 129 -28.61 -40.97 23.41
CA THR B 129 -28.80 -41.98 22.38
C THR B 129 -30.15 -41.76 21.70
N THR B 130 -30.42 -42.56 20.66
CA THR B 130 -31.67 -42.42 19.94
C THR B 130 -32.86 -42.71 20.85
N LYS B 131 -32.77 -43.75 21.67
CA LYS B 131 -33.87 -44.14 22.56
C LYS B 131 -33.80 -43.44 23.90
N ARG B 132 -32.60 -43.20 24.43
CA ARG B 132 -32.41 -42.55 25.71
C ARG B 132 -31.93 -41.12 25.49
N ARG B 133 -32.57 -40.18 26.17
CA ARG B 133 -32.24 -38.76 26.05
C ARG B 133 -31.44 -38.33 27.28
N HIS B 134 -30.33 -37.64 27.04
CA HIS B 134 -29.47 -37.16 28.12
C HIS B 134 -29.99 -35.80 28.57
N GLN B 135 -30.70 -35.79 29.69
CA GLN B 135 -31.29 -34.57 30.23
C GLN B 135 -31.03 -34.49 31.74
N GLN B 136 -31.02 -33.26 32.25
CA GLN B 136 -30.78 -33.01 33.66
C GLN B 136 -31.78 -31.98 34.16
N THR B 137 -32.00 -32.00 35.47
CA THR B 137 -32.89 -31.05 36.14
C THR B 137 -32.08 -30.25 37.15
N VAL B 138 -32.21 -28.92 37.09
CA VAL B 138 -31.45 -28.02 37.94
C VAL B 138 -32.39 -26.95 38.48
N THR B 139 -31.91 -26.25 39.51
CA THR B 139 -32.64 -25.15 40.13
C THR B 139 -31.77 -23.90 40.08
N ILE B 140 -32.30 -22.83 39.50
CA ILE B 140 -31.60 -21.56 39.35
C ILE B 140 -32.28 -20.55 40.28
N PRO B 141 -31.60 -20.05 41.31
CA PRO B 141 -32.19 -19.01 42.15
C PRO B 141 -32.28 -17.69 41.39
N PRO B 142 -32.97 -16.69 41.95
CA PRO B 142 -33.10 -15.41 41.26
C PRO B 142 -31.74 -14.74 41.05
N LYS B 143 -31.60 -14.10 39.90
CA LYS B 143 -30.38 -13.34 39.56
C LYS B 143 -29.13 -14.20 39.80
N SER B 144 -29.03 -15.29 39.04
CA SER B 144 -27.94 -16.23 39.22
C SER B 144 -27.61 -16.91 37.90
N SER B 145 -26.38 -17.42 37.82
CA SER B 145 -25.89 -18.17 36.67
C SER B 145 -25.47 -19.55 37.14
N LEU B 146 -25.91 -20.58 36.42
CA LEU B 146 -25.61 -21.97 36.76
C LEU B 146 -25.00 -22.67 35.57
N SER B 147 -23.84 -23.30 35.78
CA SER B 147 -23.12 -23.97 34.70
C SER B 147 -23.66 -25.38 34.50
N VAL B 148 -23.70 -25.80 33.24
CA VAL B 148 -24.14 -27.14 32.87
C VAL B 148 -23.11 -27.77 31.95
N PRO B 149 -21.99 -28.26 32.48
CA PRO B 149 -20.95 -28.82 31.61
C PRO B 149 -21.42 -30.07 30.88
N TYR B 150 -20.88 -30.25 29.68
CA TYR B 150 -21.18 -31.41 28.84
C TYR B 150 -19.91 -31.93 28.21
N VAL B 151 -19.75 -33.24 28.16
CA VAL B 151 -18.58 -33.89 27.58
C VAL B 151 -18.95 -34.47 26.23
N ILE B 152 -18.17 -34.15 25.21
CA ILE B 152 -18.42 -34.61 23.85
C ILE B 152 -17.11 -35.08 23.24
N VAL B 153 -17.17 -36.18 22.48
CA VAL B 153 -16.01 -36.75 21.82
C VAL B 153 -16.22 -36.58 20.31
N PRO B 154 -15.50 -35.67 19.65
CA PRO B 154 -15.69 -35.51 18.20
C PRO B 154 -15.26 -36.75 17.44
N LEU B 155 -15.93 -36.97 16.30
CA LEU B 155 -15.67 -38.12 15.44
C LEU B 155 -15.07 -37.73 14.09
N LYS B 156 -15.69 -36.78 13.38
CA LYS B 156 -15.24 -36.39 12.06
C LYS B 156 -15.05 -34.88 12.00
N THR B 157 -14.10 -34.46 11.16
CA THR B 157 -13.81 -33.05 10.99
C THR B 157 -14.92 -32.37 10.19
N GLY B 158 -14.95 -31.05 10.28
CA GLY B 158 -15.90 -30.23 9.54
C GLY B 158 -16.62 -29.26 10.44
N LEU B 159 -17.56 -28.53 9.84
CA LEU B 159 -18.35 -27.53 10.56
C LEU B 159 -19.53 -28.23 11.23
N GLN B 160 -19.27 -28.79 12.40
CA GLN B 160 -20.30 -29.51 13.13
C GLN B 160 -21.15 -28.51 13.93
N GLU B 161 -22.31 -28.98 14.40
CA GLU B 161 -23.24 -28.15 15.15
C GLU B 161 -23.58 -28.82 16.47
N VAL B 162 -23.64 -28.02 17.53
CA VAL B 162 -24.02 -28.48 18.86
C VAL B 162 -25.26 -27.70 19.28
N GLU B 163 -26.32 -28.41 19.66
CA GLU B 163 -27.60 -27.81 20.01
C GLU B 163 -27.98 -28.23 21.41
N VAL B 164 -28.36 -27.26 22.24
CA VAL B 164 -28.81 -27.48 23.60
C VAL B 164 -30.13 -26.76 23.80
N LYS B 165 -30.95 -27.27 24.71
CA LYS B 165 -32.25 -26.68 24.99
C LYS B 165 -32.51 -26.67 26.49
N ALA B 166 -33.30 -25.69 26.92
CA ALA B 166 -33.68 -25.55 28.31
C ALA B 166 -35.16 -25.19 28.39
N ALA B 167 -35.88 -25.84 29.31
CA ALA B 167 -37.30 -25.64 29.49
C ALA B 167 -37.60 -25.33 30.94
N VAL B 168 -38.55 -24.42 31.17
CA VAL B 168 -38.92 -23.98 32.51
C VAL B 168 -40.20 -24.70 32.92
N TYR B 169 -40.20 -25.23 34.15
CA TYR B 169 -41.36 -25.94 34.67
C TYR B 169 -42.46 -24.96 35.06
N HIS B 170 -43.70 -25.31 34.73
CA HIS B 170 -44.89 -24.54 35.10
C HIS B 170 -44.91 -23.16 34.48
N HIS B 171 -44.11 -22.95 33.43
CA HIS B 171 -44.09 -21.66 32.73
C HIS B 171 -43.85 -21.90 31.24
N PHE B 172 -44.28 -20.93 30.44
CA PHE B 172 -44.11 -21.01 28.99
C PHE B 172 -42.81 -20.31 28.57
N ILE B 173 -41.71 -20.79 29.13
CA ILE B 173 -40.37 -20.27 28.86
C ILE B 173 -39.50 -21.43 28.38
N SER B 174 -38.87 -21.25 27.22
CA SER B 174 -37.98 -22.26 26.66
C SER B 174 -36.96 -21.57 25.79
N ASP B 175 -35.70 -22.01 25.87
CA ASP B 175 -34.62 -21.39 25.13
C ASP B 175 -33.74 -22.46 24.51
N GLY B 176 -33.47 -22.33 23.21
CA GLY B 176 -32.59 -23.25 22.52
C GLY B 176 -31.43 -22.55 21.86
N VAL B 177 -30.22 -23.07 22.05
CA VAL B 177 -29.01 -22.47 21.52
C VAL B 177 -28.29 -23.51 20.65
N ARG B 178 -28.05 -23.14 19.39
CA ARG B 178 -27.31 -23.98 18.46
C ARG B 178 -26.10 -23.20 17.97
N LYS B 179 -24.92 -23.80 18.08
CA LYS B 179 -23.68 -23.15 17.71
C LYS B 179 -22.82 -24.08 16.87
N SER B 180 -22.10 -23.50 15.92
CA SER B 180 -21.26 -24.25 14.99
C SER B 180 -19.80 -24.17 15.42
N LEU B 181 -19.12 -25.32 15.36
CA LEU B 181 -17.72 -25.42 15.71
C LEU B 181 -16.98 -26.21 14.63
N LYS B 182 -15.74 -25.81 14.37
CA LYS B 182 -14.92 -26.44 13.33
C LYS B 182 -14.08 -27.54 13.98
N VAL B 183 -14.48 -28.79 13.78
CA VAL B 183 -13.71 -29.93 14.26
C VAL B 183 -12.55 -30.16 13.29
N VAL B 184 -11.33 -30.14 13.82
CA VAL B 184 -10.12 -30.27 13.01
C VAL B 184 -9.49 -31.64 13.29
N PRO B 185 -8.97 -32.33 12.28
CA PRO B 185 -8.32 -33.62 12.56
C PRO B 185 -7.10 -33.44 13.46
N GLU B 186 -6.84 -34.46 14.27
CA GLU B 186 -5.70 -34.42 15.18
C GLU B 186 -4.40 -34.22 14.39
N GLY B 187 -3.58 -33.29 14.86
CA GLY B 187 -2.33 -32.99 14.18
C GLY B 187 -1.67 -31.73 14.72
N ILE B 188 -1.07 -30.94 13.82
CA ILE B 188 -0.42 -29.71 14.19
C ILE B 188 -0.25 -28.86 12.93
N ARG B 189 -0.33 -27.55 13.10
CA ARG B 189 -0.17 -26.61 11.98
C ARG B 189 1.31 -26.49 11.67
N MET B 190 1.80 -27.37 10.79
CA MET B 190 3.19 -27.42 10.39
C MET B 190 3.30 -27.16 8.90
N ASN B 191 4.30 -26.37 8.51
CA ASN B 191 4.54 -26.02 7.12
C ASN B 191 5.99 -26.25 6.77
N LYS B 192 6.24 -26.63 5.52
CA LYS B 192 7.58 -26.91 5.02
C LYS B 192 7.79 -26.18 3.70
N THR B 193 9.03 -25.79 3.46
CA THR B 193 9.41 -25.09 2.23
C THR B 193 9.67 -26.13 1.15
N VAL B 194 8.75 -26.25 0.19
CA VAL B 194 8.89 -27.25 -0.85
C VAL B 194 10.12 -26.95 -1.71
N ALA B 195 10.27 -25.71 -2.15
CA ALA B 195 11.42 -25.35 -2.96
C ALA B 195 11.55 -23.84 -3.05
N VAL B 196 12.76 -23.39 -3.35
CA VAL B 196 13.07 -21.98 -3.59
C VAL B 196 14.14 -21.92 -4.66
N ARG B 197 13.84 -21.27 -5.78
CA ARG B 197 14.74 -21.19 -6.92
C ARG B 197 14.78 -19.76 -7.44
N THR B 198 15.74 -19.49 -8.32
CA THR B 198 15.90 -18.19 -8.94
C THR B 198 15.56 -18.29 -10.42
N LEU B 199 14.62 -17.46 -10.87
CA LEU B 199 14.22 -17.41 -12.28
C LEU B 199 14.92 -16.22 -12.93
N ASP B 200 15.88 -16.52 -13.80
CA ASP B 200 16.63 -15.48 -14.49
C ASP B 200 17.23 -16.03 -15.77
N PRO B 201 16.55 -15.87 -16.92
CA PRO B 201 17.15 -16.32 -18.18
C PRO B 201 18.35 -15.48 -18.58
N GLU B 202 18.87 -15.73 -19.78
CA GLU B 202 20.03 -15.01 -20.34
C GLU B 202 21.20 -14.98 -19.36
N ARG B 203 21.28 -15.96 -18.48
CA ARG B 203 22.44 -16.13 -17.62
C ARG B 203 22.39 -17.54 -17.05
N LEU B 204 23.43 -18.34 -17.32
CA LEU B 204 23.46 -19.74 -16.90
C LEU B 204 22.23 -20.50 -17.37
N GLY B 205 21.57 -20.02 -18.42
CA GLY B 205 20.34 -20.62 -18.89
C GLY B 205 20.53 -21.49 -20.12
N ARG B 206 19.73 -21.24 -21.15
CA ARG B 206 19.77 -22.03 -22.37
C ARG B 206 19.28 -21.18 -23.52
N GLU B 207 19.55 -21.66 -24.75
CA GLU B 207 19.15 -20.92 -25.94
C GLU B 207 17.63 -20.74 -25.99
N GLY B 208 16.87 -21.64 -25.37
CA GLY B 208 15.42 -21.54 -25.37
C GLY B 208 14.89 -20.83 -24.14
N VAL B 209 14.12 -21.55 -23.33
CA VAL B 209 13.53 -20.99 -22.12
C VAL B 209 13.82 -21.95 -20.96
N GLN B 210 14.25 -21.39 -19.83
CA GLN B 210 14.54 -22.21 -18.66
C GLN B 210 13.28 -22.92 -18.17
N LYS B 211 13.44 -24.19 -17.81
CA LYS B 211 12.35 -25.01 -17.29
C LYS B 211 12.78 -25.60 -15.96
N GLU B 212 11.92 -25.48 -14.95
CA GLU B 212 12.17 -26.02 -13.62
C GLU B 212 11.01 -26.92 -13.23
N ASP B 213 11.32 -28.17 -12.89
CA ASP B 213 10.33 -29.15 -12.49
C ASP B 213 10.34 -29.28 -10.97
N ILE B 214 9.21 -28.97 -10.34
CA ILE B 214 9.04 -29.06 -8.90
C ILE B 214 8.26 -30.32 -8.60
N PRO B 215 8.86 -31.35 -7.99
CA PRO B 215 8.12 -32.58 -7.70
C PRO B 215 7.25 -32.42 -6.47
N PRO B 216 6.36 -33.38 -6.20
CA PRO B 216 5.52 -33.29 -5.01
C PRO B 216 6.35 -33.28 -3.74
N ALA B 217 5.86 -32.56 -2.74
CA ALA B 217 6.55 -32.46 -1.47
C ALA B 217 6.57 -33.82 -0.76
N ASP B 218 7.35 -33.90 0.32
CA ASP B 218 7.46 -35.15 1.06
C ASP B 218 6.11 -35.59 1.61
N LEU B 219 5.53 -34.77 2.49
CA LEU B 219 4.22 -35.08 3.08
C LEU B 219 4.24 -36.44 3.75
N SER B 220 5.36 -36.78 4.38
CA SER B 220 5.48 -38.08 5.03
C SER B 220 4.48 -38.21 6.17
N ASP B 221 4.32 -37.17 6.98
CA ASP B 221 3.43 -37.18 8.13
C ASP B 221 2.11 -36.47 7.84
N GLN B 222 1.63 -36.53 6.60
CA GLN B 222 0.38 -35.89 6.23
C GLN B 222 -0.80 -36.73 6.72
N VAL B 223 -1.74 -36.09 7.40
CA VAL B 223 -2.93 -36.79 7.88
C VAL B 223 -3.76 -37.25 6.68
N PRO B 224 -4.34 -38.44 6.70
CA PRO B 224 -5.14 -38.88 5.55
C PRO B 224 -6.32 -37.95 5.29
N ASP B 225 -6.62 -37.75 4.01
CA ASP B 225 -7.78 -36.97 3.59
C ASP B 225 -7.74 -35.57 4.19
N THR B 226 -6.59 -34.91 4.08
CA THR B 226 -6.42 -33.54 4.54
C THR B 226 -5.88 -32.69 3.41
N GLU B 227 -6.43 -31.48 3.27
CA GLU B 227 -6.01 -30.58 2.21
C GLU B 227 -4.57 -30.14 2.42
N SER B 228 -3.83 -30.01 1.31
CA SER B 228 -2.44 -29.56 1.32
C SER B 228 -2.31 -28.48 0.24
N GLU B 229 -2.50 -27.22 0.64
CA GLU B 229 -2.49 -26.12 -0.30
C GLU B 229 -1.05 -25.68 -0.56
N THR B 230 -0.71 -25.51 -1.84
CA THR B 230 0.63 -25.10 -2.24
C THR B 230 0.58 -23.67 -2.75
N ARG B 231 1.37 -22.79 -2.14
CA ARG B 231 1.46 -21.39 -2.51
C ARG B 231 2.79 -21.14 -3.21
N ILE B 232 2.73 -20.51 -4.38
CA ILE B 232 3.91 -20.15 -5.16
C ILE B 232 3.99 -18.63 -5.19
N LEU B 233 5.11 -18.10 -4.72
CA LEU B 233 5.34 -16.67 -4.66
C LEU B 233 6.47 -16.31 -5.63
N LEU B 234 6.22 -15.34 -6.49
CA LEU B 234 7.20 -14.82 -7.45
C LEU B 234 7.61 -13.43 -6.97
N GLN B 235 8.91 -13.25 -6.74
CA GLN B 235 9.46 -12.03 -6.18
C GLN B 235 10.45 -11.41 -7.15
N GLY B 236 10.42 -10.08 -7.23
CA GLY B 236 11.32 -9.36 -8.12
C GLY B 236 12.42 -8.62 -7.38
N THR B 237 13.53 -8.36 -8.06
CA THR B 237 14.68 -7.65 -7.49
C THR B 237 15.12 -6.55 -8.45
N PRO B 238 14.32 -5.48 -8.56
CA PRO B 238 14.68 -4.37 -9.47
C PRO B 238 15.79 -3.48 -8.90
N VAL B 239 17.01 -4.03 -8.87
CA VAL B 239 18.15 -3.29 -8.36
C VAL B 239 18.48 -2.14 -9.32
N ALA B 240 18.70 -0.95 -8.76
CA ALA B 240 19.03 0.24 -9.55
C ALA B 240 20.03 1.08 -8.77
N GLN B 241 21.32 0.88 -9.03
CA GLN B 241 22.37 1.68 -8.42
C GLN B 241 23.63 1.56 -9.28
N MET B 242 23.95 2.64 -9.99
CA MET B 242 25.12 2.70 -10.87
C MET B 242 26.10 3.80 -10.48
N THR B 243 25.84 4.51 -9.39
CA THR B 243 26.71 5.60 -8.94
C THR B 243 26.60 6.82 -9.87
N GLU B 244 25.37 7.15 -10.28
CA GLU B 244 25.17 8.36 -11.07
C GLU B 244 25.64 9.57 -10.28
N ASP B 245 26.41 10.44 -10.96
CA ASP B 245 27.00 11.61 -10.32
C ASP B 245 26.74 12.84 -11.21
N ALA B 246 26.24 13.89 -10.59
CA ALA B 246 26.00 15.16 -11.27
C ALA B 246 27.10 16.15 -10.91
N VAL B 247 26.93 17.41 -11.35
CA VAL B 247 27.86 18.48 -11.06
C VAL B 247 27.16 19.53 -10.22
N ASP B 248 27.85 20.04 -9.20
CA ASP B 248 27.25 21.01 -8.30
C ASP B 248 26.74 22.23 -9.08
N ALA B 249 25.48 22.59 -8.82
CA ALA B 249 24.89 23.74 -9.49
C ALA B 249 25.38 25.06 -8.92
N GLU B 250 25.77 25.07 -7.64
CA GLU B 250 26.23 26.30 -7.01
C GLU B 250 27.64 26.68 -7.44
N ARG B 251 28.42 25.74 -7.98
CA ARG B 251 29.80 26.01 -8.37
C ARG B 251 29.93 26.45 -9.82
N LEU B 252 28.83 26.50 -10.58
CA LEU B 252 28.86 26.97 -11.96
C LEU B 252 28.18 28.32 -12.13
N LYS B 253 27.96 29.05 -11.03
CA LYS B 253 27.33 30.35 -11.11
C LYS B 253 28.12 31.33 -11.96
N HIS B 254 29.44 31.14 -12.06
CA HIS B 254 30.27 31.99 -12.91
C HIS B 254 29.96 31.82 -14.39
N LEU B 255 29.23 30.77 -14.77
CA LEU B 255 28.90 30.51 -16.17
C LEU B 255 27.84 31.46 -16.72
N ILE B 256 27.20 32.25 -15.87
CA ILE B 256 26.20 33.22 -16.32
C ILE B 256 26.91 34.50 -16.71
N VAL B 257 26.79 34.89 -17.97
CA VAL B 257 27.46 36.07 -18.51
C VAL B 257 26.44 36.88 -19.31
N THR B 258 26.44 38.19 -19.10
CA THR B 258 25.53 39.05 -19.85
C THR B 258 25.98 39.13 -21.30
N PRO B 259 25.11 38.86 -22.28
CA PRO B 259 25.51 38.92 -23.68
C PRO B 259 25.62 40.35 -24.17
N SER B 260 26.86 40.78 -24.46
CA SER B 260 27.10 42.14 -24.95
C SER B 260 28.39 42.11 -25.76
N GLY B 261 28.27 42.18 -27.08
CA GLY B 261 29.44 42.13 -27.94
C GLY B 261 29.05 42.35 -29.38
N CYS B 262 30.09 42.42 -30.23
CA CYS B 262 29.90 42.63 -31.66
C CYS B 262 29.88 41.27 -32.38
N GLY B 263 28.83 40.51 -32.09
CA GLY B 263 28.65 39.21 -32.71
C GLY B 263 29.43 38.11 -32.03
N GLU B 264 30.75 38.07 -32.24
CA GLU B 264 31.55 37.00 -31.66
C GLU B 264 31.51 37.06 -30.13
N GLU B 265 31.75 38.24 -29.56
CA GLU B 265 31.71 38.37 -28.11
C GLU B 265 30.32 38.13 -27.56
N ASN B 266 29.29 38.59 -28.28
CA ASN B 266 27.92 38.35 -27.84
C ASN B 266 27.63 36.86 -27.77
N MET B 267 28.03 36.10 -28.80
CA MET B 267 27.82 34.66 -28.78
C MET B 267 28.65 33.99 -27.68
N ILE B 268 29.88 34.44 -27.49
CA ILE B 268 30.72 33.89 -26.43
C ILE B 268 30.03 34.06 -25.08
N GLY B 269 29.44 35.23 -24.85
CA GLY B 269 28.74 35.46 -23.59
C GLY B 269 27.47 34.64 -23.47
N MET B 270 26.70 34.54 -24.57
CA MET B 270 25.38 33.94 -24.48
C MET B 270 25.44 32.41 -24.40
N THR B 271 26.38 31.79 -25.11
CA THR B 271 26.42 30.33 -25.16
C THR B 271 26.49 29.69 -23.77
N PRO B 272 27.40 30.09 -22.89
CA PRO B 272 27.42 29.46 -21.55
C PRO B 272 26.10 29.63 -20.80
N THR B 273 25.47 30.80 -20.90
CA THR B 273 24.21 31.02 -20.19
C THR B 273 23.12 30.08 -20.70
N VAL B 274 22.97 29.99 -22.02
CA VAL B 274 21.91 29.16 -22.58
C VAL B 274 22.17 27.68 -22.29
N ILE B 275 23.42 27.24 -22.41
CA ILE B 275 23.71 25.83 -22.15
C ILE B 275 23.50 25.51 -20.67
N ALA B 276 23.87 26.44 -19.77
CA ALA B 276 23.62 26.21 -18.36
C ALA B 276 22.12 26.14 -18.07
N VAL B 277 21.34 27.03 -18.67
CA VAL B 277 19.90 27.00 -18.47
C VAL B 277 19.32 25.67 -18.94
N HIS B 278 19.76 25.21 -20.11
CA HIS B 278 19.30 23.92 -20.61
C HIS B 278 19.69 22.78 -19.67
N TYR B 279 20.91 22.84 -19.12
CA TYR B 279 21.36 21.79 -18.23
C TYR B 279 20.50 21.73 -16.97
N LEU B 280 20.26 22.88 -16.34
CA LEU B 280 19.42 22.88 -15.14
C LEU B 280 17.99 22.46 -15.47
N ASP B 281 17.47 22.88 -16.63
CA ASP B 281 16.12 22.47 -17.01
C ASP B 281 16.03 20.95 -17.17
N GLU B 282 17.04 20.35 -17.81
CA GLU B 282 17.04 18.90 -17.98
C GLU B 282 17.18 18.19 -16.64
N THR B 283 18.10 18.66 -15.80
CA THR B 283 18.36 18.03 -14.51
C THR B 283 17.43 18.54 -13.40
N GLU B 284 16.68 19.61 -13.66
CA GLU B 284 15.77 20.18 -12.66
C GLU B 284 16.52 20.54 -11.39
N GLN B 285 17.61 21.29 -11.55
CA GLN B 285 18.44 21.74 -10.43
C GLN B 285 18.11 23.17 -10.00
N TRP B 286 17.04 23.75 -10.53
CA TRP B 286 16.69 25.13 -10.18
C TRP B 286 16.33 25.27 -8.71
N GLU B 287 15.97 24.17 -8.03
CA GLU B 287 15.59 24.26 -6.63
C GLU B 287 16.73 24.79 -5.78
N LYS B 288 17.94 24.29 -6.00
CA LYS B 288 19.11 24.71 -5.24
C LYS B 288 19.92 25.80 -5.93
N PHE B 289 19.60 26.11 -7.20
CA PHE B 289 20.32 27.12 -7.94
C PHE B 289 19.64 28.48 -7.94
N GLY B 290 18.35 28.53 -7.61
CA GLY B 290 17.61 29.78 -7.62
C GLY B 290 16.54 29.82 -8.68
N LEU B 291 15.27 29.65 -8.26
CA LEU B 291 14.18 29.62 -9.21
C LEU B 291 14.02 30.96 -9.92
N GLU B 292 14.17 32.07 -9.19
CA GLU B 292 13.98 33.39 -9.77
C GLU B 292 15.06 33.70 -10.81
N LYS B 293 16.27 33.19 -10.64
CA LYS B 293 17.34 33.50 -11.56
C LYS B 293 17.08 32.95 -12.96
N ARG B 294 16.17 31.98 -13.09
CA ARG B 294 15.83 31.48 -14.42
C ARG B 294 15.20 32.57 -15.27
N GLN B 295 14.38 33.43 -14.65
CA GLN B 295 13.76 34.51 -15.39
C GLN B 295 14.81 35.48 -15.92
N GLY B 296 15.79 35.83 -15.10
CA GLY B 296 16.86 36.70 -15.56
C GLY B 296 17.70 36.05 -16.64
N ALA B 297 17.96 34.75 -16.50
CA ALA B 297 18.71 34.04 -17.53
C ALA B 297 17.97 34.05 -18.86
N LEU B 298 16.65 33.83 -18.82
CA LEU B 298 15.87 33.87 -20.05
C LEU B 298 15.85 35.26 -20.65
N GLU B 299 15.75 36.29 -19.80
CA GLU B 299 15.79 37.66 -20.30
C GLU B 299 17.11 37.95 -21.00
N LEU B 300 18.22 37.54 -20.38
CA LEU B 300 19.52 37.74 -21.00
C LEU B 300 19.63 36.97 -22.31
N ILE B 301 19.12 35.74 -22.34
CA ILE B 301 19.19 34.93 -23.55
C ILE B 301 18.43 35.60 -24.69
N LYS B 302 17.22 36.08 -24.41
CA LYS B 302 16.44 36.74 -25.45
C LYS B 302 17.08 38.05 -25.88
N LYS B 303 17.67 38.79 -24.95
CA LYS B 303 18.37 40.02 -25.31
C LYS B 303 19.54 39.72 -26.24
N GLY B 304 20.33 38.69 -25.92
CA GLY B 304 21.43 38.32 -26.78
C GLY B 304 20.97 37.83 -28.14
N TYR B 305 19.85 37.09 -28.17
CA TYR B 305 19.31 36.63 -29.44
C TYR B 305 18.87 37.81 -30.31
N THR B 306 18.21 38.80 -29.71
CA THR B 306 17.84 40.00 -30.46
C THR B 306 19.07 40.75 -30.95
N GLN B 307 20.10 40.85 -30.11
CA GLN B 307 21.33 41.51 -30.52
C GLN B 307 21.96 40.80 -31.71
N GLN B 308 21.97 39.46 -31.68
CA GLN B 308 22.50 38.71 -32.80
C GLN B 308 21.68 38.92 -34.06
N LEU B 309 20.35 38.93 -33.92
CA LEU B 309 19.50 39.24 -35.07
C LEU B 309 19.80 40.62 -35.64
N ALA B 310 20.19 41.56 -34.77
CA ALA B 310 20.47 42.92 -35.24
C ALA B 310 21.51 42.92 -36.36
N PHE B 311 22.42 41.95 -36.36
CA PHE B 311 23.45 41.84 -37.38
C PHE B 311 23.09 40.82 -38.47
N ARG B 312 21.80 40.68 -38.77
CA ARG B 312 21.36 39.73 -39.77
C ARG B 312 21.55 40.32 -41.17
N GLN B 313 22.19 39.56 -42.04
CA GLN B 313 22.44 40.01 -43.40
C GLN B 313 21.16 39.94 -44.23
N PRO B 314 21.10 40.67 -45.35
CA PRO B 314 19.90 40.62 -46.19
C PRO B 314 19.57 39.24 -46.69
N SER B 315 20.58 38.40 -46.94
CA SER B 315 20.38 37.05 -47.46
C SER B 315 20.12 36.03 -46.35
N SER B 316 19.68 36.48 -45.18
CA SER B 316 19.42 35.61 -44.02
C SER B 316 20.69 34.99 -43.46
N ALA B 317 21.84 35.58 -43.74
CA ALA B 317 23.11 35.09 -43.22
C ALA B 317 23.48 35.84 -41.94
N PHE B 318 24.48 35.32 -41.24
CA PHE B 318 24.95 35.89 -39.98
C PHE B 318 26.44 36.17 -40.10
N ALA B 319 26.85 37.38 -39.72
CA ALA B 319 28.25 37.78 -39.76
C ALA B 319 28.51 38.76 -38.64
N ALA B 320 29.77 38.81 -38.18
CA ALA B 320 30.14 39.76 -37.16
C ALA B 320 29.93 41.19 -37.63
N PHE B 321 30.30 41.48 -38.87
CA PHE B 321 30.11 42.79 -39.49
C PHE B 321 29.26 42.61 -40.75
N VAL B 322 28.29 43.51 -40.93
CA VAL B 322 27.39 43.40 -42.08
C VAL B 322 28.17 43.54 -43.38
N LYS B 323 29.11 44.48 -43.44
CA LYS B 323 29.85 44.70 -44.67
C LYS B 323 30.69 43.48 -45.04
N ARG B 324 31.32 42.85 -44.06
CA ARG B 324 32.15 41.69 -44.33
C ARG B 324 31.30 40.51 -44.79
N ALA B 325 31.88 39.67 -45.63
CA ALA B 325 31.17 38.54 -46.17
C ALA B 325 30.88 37.52 -45.06
N PRO B 326 29.78 36.77 -45.18
CA PRO B 326 29.46 35.78 -44.15
C PRO B 326 30.43 34.62 -44.14
N SER B 327 30.56 33.98 -42.99
CA SER B 327 31.41 32.82 -42.81
C SER B 327 30.55 31.57 -42.61
N THR B 328 30.86 30.51 -43.36
CA THR B 328 30.07 29.29 -43.28
C THR B 328 30.12 28.70 -41.87
N TRP B 329 31.30 28.66 -41.26
CA TRP B 329 31.42 28.12 -39.91
C TRP B 329 30.63 28.95 -38.91
N LEU B 330 30.68 30.28 -39.04
CA LEU B 330 29.96 31.14 -38.12
C LEU B 330 28.46 30.92 -38.20
N THR B 331 27.91 30.83 -39.41
CA THR B 331 26.49 30.59 -39.56
C THR B 331 26.10 29.19 -39.12
N ALA B 332 26.98 28.21 -39.34
CA ALA B 332 26.71 26.86 -38.84
C ALA B 332 26.61 26.86 -37.32
N TYR B 333 27.54 27.54 -36.65
CA TYR B 333 27.46 27.67 -35.20
C TYR B 333 26.22 28.42 -34.78
N VAL B 334 25.84 29.45 -35.56
CA VAL B 334 24.65 30.23 -35.24
C VAL B 334 23.42 29.32 -35.23
N VAL B 335 23.25 28.54 -36.30
CA VAL B 335 22.07 27.67 -36.40
C VAL B 335 22.13 26.58 -35.34
N LYS B 336 23.33 26.06 -35.05
CA LYS B 336 23.44 25.04 -34.01
C LYS B 336 23.01 25.59 -32.65
N VAL B 337 23.44 26.82 -32.33
CA VAL B 337 23.05 27.43 -31.07
C VAL B 337 21.55 27.69 -31.03
N PHE B 338 21.00 28.22 -32.12
CA PHE B 338 19.58 28.52 -32.15
C PHE B 338 18.73 27.26 -32.04
N SER B 339 19.20 26.14 -32.58
CA SER B 339 18.42 24.92 -32.53
C SER B 339 18.14 24.47 -31.10
N LEU B 340 19.15 24.58 -30.22
CA LEU B 340 18.96 24.18 -28.83
C LEU B 340 17.99 25.11 -28.11
N ALA B 341 18.03 26.41 -28.40
CA ALA B 341 17.25 27.40 -27.68
C ALA B 341 15.86 27.59 -28.26
N VAL B 342 15.39 26.69 -29.14
CA VAL B 342 14.07 26.83 -29.72
C VAL B 342 13.00 26.73 -28.62
N ASN B 343 13.15 25.77 -27.72
CA ASN B 343 12.16 25.56 -26.67
C ASN B 343 12.29 26.56 -25.54
N LEU B 344 13.41 27.27 -25.43
CA LEU B 344 13.62 28.21 -24.34
C LEU B 344 12.93 29.53 -24.61
N ILE B 345 13.25 30.17 -25.73
CA ILE B 345 12.69 31.46 -26.09
C ILE B 345 11.77 31.28 -27.30
N ALA B 346 11.00 32.33 -27.60
CA ALA B 346 10.07 32.32 -28.73
C ALA B 346 10.85 32.66 -30.01
N ILE B 347 11.65 31.70 -30.45
CA ILE B 347 12.46 31.89 -31.65
C ILE B 347 11.55 32.00 -32.87
N ASP B 348 12.03 32.71 -33.89
CA ASP B 348 11.30 32.87 -35.13
C ASP B 348 11.73 31.76 -36.10
N SER B 349 10.77 30.89 -36.45
CA SER B 349 11.09 29.79 -37.35
C SER B 349 11.48 30.30 -38.74
N GLN B 350 11.00 31.48 -39.12
CA GLN B 350 11.34 32.03 -40.42
C GLN B 350 12.83 32.28 -40.54
N VAL B 351 13.46 32.81 -39.48
CA VAL B 351 14.89 33.07 -39.51
C VAL B 351 15.66 31.77 -39.68
N LEU B 352 15.29 30.73 -38.94
CA LEU B 352 15.98 29.45 -39.05
C LEU B 352 15.80 28.86 -40.45
N CYS B 353 14.59 28.93 -41.00
CA CYS B 353 14.35 28.41 -42.34
C CYS B 353 15.18 29.17 -43.37
N GLY B 354 15.23 30.49 -43.26
CA GLY B 354 16.05 31.27 -44.17
C GLY B 354 17.53 30.94 -44.05
N ALA B 355 18.01 30.75 -42.82
CA ALA B 355 19.42 30.42 -42.62
C ALA B 355 19.75 29.07 -43.26
N VAL B 356 18.91 28.06 -43.05
CA VAL B 356 19.18 26.75 -43.61
C VAL B 356 19.09 26.81 -45.14
N LYS B 357 18.12 27.56 -45.67
CA LYS B 357 18.02 27.68 -47.12
C LYS B 357 19.25 28.35 -47.71
N TRP B 358 19.74 29.41 -47.05
CA TRP B 358 20.96 30.08 -47.50
C TRP B 358 22.15 29.14 -47.46
N LEU B 359 22.27 28.37 -46.37
CA LEU B 359 23.39 27.43 -46.26
C LEU B 359 23.33 26.39 -47.36
N ILE B 360 22.14 25.89 -47.67
CA ILE B 360 22.00 24.88 -48.72
C ILE B 360 22.29 25.47 -50.09
N LEU B 361 21.84 26.70 -50.35
CA LEU B 361 21.89 27.27 -51.69
C LEU B 361 23.22 27.92 -52.03
N GLU B 362 23.98 28.37 -51.03
CA GLU B 362 25.25 29.04 -51.32
C GLU B 362 26.17 28.15 -52.16
N LYS B 363 26.57 27.01 -51.61
CA LYS B 363 27.45 26.09 -52.31
C LYS B 363 26.94 24.65 -52.33
N GLN B 364 25.86 24.34 -51.60
CA GLN B 364 25.27 23.01 -51.58
C GLN B 364 26.35 21.94 -51.41
N LYS B 365 26.08 20.72 -51.85
CA LYS B 365 27.03 19.61 -51.75
C LYS B 365 27.05 18.84 -53.06
N PRO B 366 27.77 19.35 -54.06
CA PRO B 366 27.89 18.58 -55.31
C PRO B 366 28.50 17.20 -55.10
N ASP B 367 29.41 17.08 -54.13
CA ASP B 367 29.97 15.79 -53.76
C ASP B 367 29.99 15.55 -52.26
N GLY B 368 29.62 16.54 -51.44
CA GLY B 368 29.57 16.35 -50.00
C GLY B 368 30.72 17.03 -49.28
N VAL B 369 31.17 18.17 -49.78
CA VAL B 369 32.31 18.88 -49.24
C VAL B 369 31.91 20.32 -48.95
N PHE B 370 32.30 20.81 -47.77
CA PHE B 370 32.05 22.19 -47.38
C PHE B 370 33.34 22.99 -47.47
N GLN B 371 33.23 24.22 -47.98
CA GLN B 371 34.36 25.11 -48.17
C GLN B 371 34.17 26.38 -47.33
N GLU B 372 35.24 26.81 -46.68
CA GLU B 372 35.24 28.01 -45.86
C GLU B 372 36.01 29.11 -46.58
N ASP B 373 35.39 30.30 -46.67
CA ASP B 373 35.98 31.42 -47.38
C ASP B 373 36.28 32.61 -46.49
N ALA B 374 35.57 32.79 -45.38
CA ALA B 374 35.77 33.92 -44.48
C ALA B 374 36.14 33.42 -43.09
N PRO B 375 37.42 33.28 -42.77
CA PRO B 375 37.79 32.84 -41.43
C PRO B 375 37.29 33.80 -40.37
N VAL B 376 36.87 33.24 -39.23
CA VAL B 376 36.36 34.06 -38.14
C VAL B 376 37.49 34.90 -37.56
N ILE B 377 37.14 36.10 -37.09
CA ILE B 377 38.13 37.00 -36.51
C ILE B 377 38.73 36.37 -35.27
N HIS B 378 37.89 35.79 -34.41
CA HIS B 378 38.36 35.15 -33.19
C HIS B 378 38.85 33.74 -33.53
N GLN B 379 40.16 33.53 -33.43
CA GLN B 379 40.76 32.26 -33.81
C GLN B 379 40.58 31.17 -32.77
N GLU B 380 40.17 31.52 -31.54
CA GLU B 380 39.95 30.53 -30.50
C GLU B 380 38.56 29.91 -30.55
N MET B 381 37.64 30.48 -31.34
CA MET B 381 36.30 29.92 -31.43
C MET B 381 36.31 28.53 -32.05
N ILE B 382 37.14 28.34 -33.08
CA ILE B 382 37.17 27.04 -33.76
C ILE B 382 37.61 25.94 -32.80
N GLY B 383 38.61 26.22 -31.97
CA GLY B 383 39.07 25.25 -30.99
C GLY B 383 39.63 23.99 -31.63
N GLY B 384 38.88 22.89 -31.54
CA GLY B 384 39.34 21.63 -32.11
C GLY B 384 39.56 21.68 -33.61
N LEU B 385 39.00 22.68 -34.28
CA LEU B 385 39.16 22.82 -35.73
C LEU B 385 40.38 23.64 -36.11
N ARG B 386 41.21 24.05 -35.14
CA ARG B 386 42.38 24.84 -35.47
C ARG B 386 43.33 24.08 -36.39
N ASN B 387 43.55 22.80 -36.12
CA ASN B 387 44.43 22.00 -36.96
C ASN B 387 43.85 21.89 -38.37
N ASN B 388 44.74 21.97 -39.36
CA ASN B 388 44.36 21.92 -40.77
C ASN B 388 44.47 20.51 -41.35
N ASN B 389 44.61 19.49 -40.49
CA ASN B 389 44.74 18.11 -40.94
C ASN B 389 43.33 17.53 -41.10
N GLU B 390 42.97 17.19 -42.33
CA GLU B 390 41.66 16.62 -42.63
C GLU B 390 40.53 17.52 -42.11
N LYS B 391 40.70 18.83 -42.32
CA LYS B 391 39.67 19.76 -41.91
C LYS B 391 38.34 19.50 -42.63
N ASP B 392 38.41 18.96 -43.85
CA ASP B 392 37.20 18.66 -44.60
C ASP B 392 36.32 17.65 -43.88
N MET B 393 36.89 16.85 -42.97
CA MET B 393 36.09 15.90 -42.20
C MET B 393 35.40 16.59 -41.03
N ALA B 394 36.17 17.25 -40.17
CA ALA B 394 35.59 17.88 -38.98
C ALA B 394 34.61 18.97 -39.35
N LEU B 395 34.95 19.82 -40.32
CA LEU B 395 34.07 20.92 -40.70
C LEU B 395 32.75 20.40 -41.24
N THR B 396 32.81 19.43 -42.17
CA THR B 396 31.57 18.92 -42.77
C THR B 396 30.74 18.19 -41.73
N ALA B 397 31.39 17.43 -40.83
CA ALA B 397 30.64 16.75 -39.78
C ALA B 397 29.94 17.74 -38.86
N PHE B 398 30.64 18.81 -38.47
CA PHE B 398 30.03 19.81 -37.60
C PHE B 398 28.86 20.50 -38.29
N VAL B 399 29.01 20.84 -39.57
CA VAL B 399 27.93 21.50 -40.29
C VAL B 399 26.74 20.55 -40.44
N LEU B 400 27.01 19.26 -40.70
CA LEU B 400 25.93 18.30 -40.79
C LEU B 400 25.18 18.17 -39.48
N ILE B 401 25.93 18.15 -38.36
CA ILE B 401 25.28 18.10 -37.05
C ILE B 401 24.42 19.33 -36.83
N SER B 402 24.95 20.50 -37.21
CA SER B 402 24.18 21.74 -37.05
C SER B 402 22.89 21.69 -37.86
N LEU B 403 22.96 21.20 -39.10
CA LEU B 403 21.75 21.04 -39.90
C LEU B 403 20.78 20.06 -39.25
N GLN B 404 21.30 18.96 -38.71
CA GLN B 404 20.47 17.97 -38.05
C GLN B 404 19.73 18.56 -36.86
N GLU B 405 20.37 19.42 -36.08
CA GLU B 405 19.70 20.04 -34.94
C GLU B 405 18.51 20.88 -35.40
N ALA B 406 18.67 21.63 -36.48
CA ALA B 406 17.64 22.52 -36.99
C ALA B 406 16.71 21.85 -38.00
N LYS B 407 16.93 20.57 -38.31
CA LYS B 407 16.09 19.91 -39.31
C LYS B 407 14.64 19.82 -38.84
N ASP B 408 14.43 19.52 -37.56
CA ASP B 408 13.08 19.29 -37.07
C ASP B 408 12.22 20.54 -37.22
N ILE B 409 12.78 21.71 -36.93
CA ILE B 409 11.99 22.94 -36.96
C ILE B 409 11.62 23.29 -38.40
N CYS B 410 12.63 23.50 -39.25
CA CYS B 410 12.42 23.88 -40.65
C CYS B 410 12.60 22.64 -41.51
N GLU B 411 11.50 21.95 -41.79
CA GLU B 411 11.51 20.76 -42.62
C GLU B 411 10.54 20.84 -43.80
N GLU B 412 9.36 21.44 -43.60
CA GLU B 412 8.39 21.54 -44.69
C GLU B 412 8.77 22.63 -45.68
N GLN B 413 9.38 23.73 -45.22
CA GLN B 413 9.74 24.81 -46.13
C GLN B 413 10.77 24.37 -47.15
N VAL B 414 11.78 23.61 -46.71
CA VAL B 414 12.84 23.11 -47.58
C VAL B 414 12.81 21.60 -47.55
N ASN B 415 12.66 20.99 -48.73
CA ASN B 415 12.61 19.54 -48.87
C ASN B 415 13.92 18.94 -49.38
N SER B 416 14.96 19.76 -49.53
CA SER B 416 16.25 19.28 -50.02
C SER B 416 17.18 18.84 -48.90
N LEU B 417 16.78 19.01 -47.64
CA LEU B 417 17.65 18.62 -46.53
C LEU B 417 17.99 17.13 -46.56
N PRO B 418 17.03 16.22 -46.75
CA PRO B 418 17.41 14.79 -46.75
C PRO B 418 18.44 14.43 -47.81
N GLY B 419 18.30 14.96 -49.02
CA GLY B 419 19.28 14.66 -50.06
C GLY B 419 20.66 15.17 -49.72
N SER B 420 20.73 16.40 -49.20
CA SER B 420 22.02 16.95 -48.77
C SER B 420 22.63 16.09 -47.67
N ILE B 421 21.81 15.63 -46.72
CA ILE B 421 22.32 14.79 -45.65
C ILE B 421 22.88 13.48 -46.22
N THR B 422 22.16 12.88 -47.17
CA THR B 422 22.64 11.64 -47.78
C THR B 422 23.96 11.87 -48.52
N LYS B 423 24.08 12.97 -49.25
CA LYS B 423 25.33 13.25 -49.96
C LYS B 423 26.48 13.44 -48.97
N ALA B 424 26.23 14.21 -47.89
CA ALA B 424 27.28 14.41 -46.89
C ALA B 424 27.70 13.10 -46.26
N GLY B 425 26.73 12.24 -45.92
CA GLY B 425 27.08 10.92 -45.44
C GLY B 425 27.94 10.16 -46.43
N ASP B 426 27.45 9.98 -47.65
CA ASP B 426 28.19 9.23 -48.65
C ASP B 426 29.62 9.74 -48.77
N PHE B 427 29.82 11.06 -48.70
CA PHE B 427 31.18 11.58 -48.71
C PHE B 427 31.94 11.16 -47.46
N LEU B 428 31.28 11.19 -46.29
CA LEU B 428 31.96 10.86 -45.04
C LEU B 428 32.44 9.41 -45.05
N GLU B 429 31.58 8.48 -45.46
CA GLU B 429 31.98 7.08 -45.59
C GLU B 429 32.76 6.79 -46.85
N ALA B 430 32.93 7.76 -47.74
CA ALA B 430 33.73 7.52 -48.95
C ALA B 430 35.17 7.17 -48.61
N ASN B 431 35.77 7.90 -47.66
CA ASN B 431 37.16 7.70 -47.29
C ASN B 431 37.34 7.73 -45.78
N TYR B 432 36.45 7.04 -45.06
CA TYR B 432 36.53 7.03 -43.61
C TYR B 432 37.77 6.30 -43.10
N MET B 433 38.38 5.44 -43.94
CA MET B 433 39.54 4.69 -43.50
C MET B 433 40.78 5.56 -43.29
N ASN B 434 40.76 6.79 -43.80
CA ASN B 434 41.93 7.66 -43.75
C ASN B 434 42.01 8.51 -42.49
N LEU B 435 40.95 8.55 -41.68
CA LEU B 435 40.98 9.35 -40.46
C LEU B 435 42.00 8.79 -39.47
N GLN B 436 42.80 9.69 -38.90
CA GLN B 436 43.83 9.32 -37.94
C GLN B 436 43.62 9.97 -36.58
N ARG B 437 43.37 11.27 -36.53
CA ARG B 437 43.22 11.97 -35.26
C ARG B 437 42.01 11.46 -34.51
N SER B 438 42.15 11.32 -33.19
CA SER B 438 41.05 10.82 -32.37
C SER B 438 39.85 11.77 -32.41
N TYR B 439 40.11 13.09 -32.33
CA TYR B 439 39.01 14.05 -32.34
C TYR B 439 38.25 14.00 -33.66
N THR B 440 38.98 13.92 -34.78
CA THR B 440 38.31 13.86 -36.08
C THR B 440 37.47 12.60 -36.21
N VAL B 441 38.02 11.45 -35.76
CA VAL B 441 37.27 10.21 -35.80
C VAL B 441 36.01 10.32 -34.94
N ALA B 442 36.15 10.89 -33.74
CA ALA B 442 35.01 11.02 -32.84
C ALA B 442 33.92 11.90 -33.44
N ILE B 443 34.30 13.04 -34.02
CA ILE B 443 33.29 13.94 -34.60
C ILE B 443 32.62 13.27 -35.78
N ALA B 444 33.40 12.60 -36.64
CA ALA B 444 32.79 11.90 -37.78
C ALA B 444 31.83 10.82 -37.31
N GLY B 445 32.21 10.05 -36.29
CA GLY B 445 31.34 9.01 -35.79
C GLY B 445 30.06 9.56 -35.19
N TYR B 446 30.18 10.65 -34.41
CA TYR B 446 28.98 11.27 -33.86
C TYR B 446 28.06 11.80 -34.95
N ALA B 447 28.64 12.44 -35.97
CA ALA B 447 27.82 12.96 -37.06
C ALA B 447 27.11 11.83 -37.81
N LEU B 448 27.80 10.71 -38.03
CA LEU B 448 27.22 9.61 -38.78
C LEU B 448 26.31 8.74 -37.93
N ALA B 449 26.37 8.86 -36.60
CA ALA B 449 25.55 8.04 -35.72
C ALA B 449 24.10 8.49 -35.70
N GLN B 450 23.84 9.77 -35.94
CA GLN B 450 22.46 10.26 -35.92
C GLN B 450 21.61 9.55 -36.96
N MET B 451 22.15 9.37 -38.17
CA MET B 451 21.42 8.65 -39.21
C MET B 451 21.30 7.16 -38.89
N GLY B 452 22.35 6.57 -38.33
CA GLY B 452 22.33 5.16 -37.98
C GLY B 452 22.87 4.27 -39.07
N ARG B 453 23.92 4.73 -39.76
CA ARG B 453 24.55 3.98 -40.83
C ARG B 453 26.06 3.96 -40.65
N LEU B 454 26.51 3.90 -39.40
CA LEU B 454 27.94 3.76 -39.07
C LEU B 454 28.09 2.44 -38.30
N LYS B 455 28.16 1.34 -39.04
CA LYS B 455 28.14 -0.01 -38.50
C LYS B 455 29.28 -0.81 -39.11
N GLY B 456 29.36 -2.08 -38.73
CA GLY B 456 30.35 -2.98 -39.28
C GLY B 456 31.76 -2.49 -39.04
N PRO B 457 32.59 -2.46 -40.08
CA PRO B 457 33.99 -2.00 -39.89
C PRO B 457 34.07 -0.58 -39.35
N LEU B 458 33.10 0.27 -39.68
CA LEU B 458 33.11 1.63 -39.15
C LEU B 458 33.03 1.63 -37.63
N LEU B 459 32.13 0.80 -37.08
CA LEU B 459 32.01 0.72 -35.62
C LEU B 459 33.27 0.17 -35.00
N ASN B 460 33.87 -0.85 -35.61
CA ASN B 460 35.12 -1.40 -35.09
C ASN B 460 36.22 -0.36 -35.07
N LYS B 461 36.36 0.41 -36.16
CA LYS B 461 37.36 1.46 -36.20
C LYS B 461 37.10 2.52 -35.15
N PHE B 462 35.84 2.92 -34.99
CA PHE B 462 35.52 3.94 -33.98
C PHE B 462 35.84 3.45 -32.58
N LEU B 463 35.50 2.19 -32.27
CA LEU B 463 35.77 1.66 -30.94
C LEU B 463 37.27 1.50 -30.69
N THR B 464 38.00 0.98 -31.67
CA THR B 464 39.43 0.77 -31.50
C THR B 464 40.19 2.09 -31.31
N THR B 465 39.64 3.20 -31.77
CA THR B 465 40.30 4.49 -31.61
C THR B 465 40.38 4.93 -30.15
N ALA B 466 39.58 4.32 -29.28
CA ALA B 466 39.57 4.69 -27.86
C ALA B 466 40.88 4.28 -27.22
N LYS B 467 41.75 5.26 -26.96
CA LYS B 467 43.02 5.00 -26.29
C LYS B 467 42.81 4.87 -24.80
N ASP B 468 43.49 3.89 -24.19
CA ASP B 468 43.40 3.56 -22.78
C ASP B 468 42.09 2.89 -22.42
N LYS B 469 41.21 2.64 -23.39
CA LYS B 469 39.92 1.97 -23.21
C LYS B 469 38.91 2.81 -22.46
N ASN B 470 39.28 4.01 -21.99
CA ASN B 470 38.37 4.84 -21.21
C ASN B 470 38.46 6.31 -21.55
N ARG B 471 39.26 6.70 -22.55
CA ARG B 471 39.47 8.11 -22.84
C ARG B 471 39.79 8.29 -24.31
N TRP B 472 39.59 9.51 -24.79
CA TRP B 472 40.01 9.94 -26.12
C TRP B 472 40.99 11.09 -25.93
N GLU B 473 42.28 10.80 -26.06
CA GLU B 473 43.34 11.76 -25.79
C GLU B 473 44.16 12.03 -27.04
N ASP B 474 44.59 13.27 -27.20
CA ASP B 474 45.45 13.69 -28.29
C ASP B 474 46.55 14.58 -27.74
N PRO B 475 47.68 14.66 -28.44
CA PRO B 475 48.78 15.50 -27.95
C PRO B 475 48.50 16.99 -28.14
N GLY B 476 47.66 17.54 -27.28
CA GLY B 476 47.32 18.94 -27.36
C GLY B 476 46.77 19.46 -26.06
N LYS B 477 45.99 20.53 -26.17
CA LYS B 477 45.38 21.14 -24.99
C LYS B 477 44.28 20.25 -24.42
N GLN B 478 43.99 20.45 -23.13
CA GLN B 478 42.93 19.69 -22.49
C GLN B 478 41.58 19.94 -23.15
N LEU B 479 41.42 21.10 -23.79
CA LEU B 479 40.16 21.39 -24.47
C LEU B 479 39.88 20.38 -25.58
N TYR B 480 40.90 20.02 -26.35
CA TYR B 480 40.72 19.05 -27.43
C TYR B 480 40.30 17.71 -26.87
N ASN B 481 40.95 17.26 -25.80
CA ASN B 481 40.59 15.97 -25.20
C ASN B 481 39.17 16.00 -24.65
N VAL B 482 38.79 17.11 -24.01
CA VAL B 482 37.43 17.21 -23.47
C VAL B 482 36.40 17.16 -24.60
N GLU B 483 36.68 17.88 -25.70
CA GLU B 483 35.75 17.88 -26.82
C GLU B 483 35.64 16.48 -27.43
N ALA B 484 36.77 15.79 -27.58
CA ALA B 484 36.75 14.44 -28.13
C ALA B 484 35.95 13.50 -27.21
N THR B 485 36.15 13.62 -25.90
CA THR B 485 35.41 12.77 -24.97
C THR B 485 33.92 13.06 -25.03
N SER B 486 33.55 14.34 -25.13
CA SER B 486 32.12 14.67 -25.26
C SER B 486 31.54 14.09 -26.55
N TYR B 487 32.29 14.19 -27.65
CA TYR B 487 31.81 13.62 -28.91
C TYR B 487 31.62 12.12 -28.78
N ALA B 488 32.60 11.44 -28.17
CA ALA B 488 32.49 10.00 -28.01
C ALA B 488 31.31 9.61 -27.13
N LEU B 489 31.11 10.35 -26.03
CA LEU B 489 29.97 10.06 -25.16
C LEU B 489 28.65 10.25 -25.90
N LEU B 490 28.53 11.33 -26.67
CA LEU B 490 27.31 11.55 -27.42
C LEU B 490 27.09 10.44 -28.45
N ALA B 491 28.15 10.02 -29.14
CA ALA B 491 28.03 8.97 -30.14
C ALA B 491 27.58 7.65 -29.50
N LEU B 492 28.21 7.29 -28.37
CA LEU B 492 27.83 6.05 -27.70
C LEU B 492 26.40 6.12 -27.17
N LEU B 493 26.00 7.27 -26.64
CA LEU B 493 24.61 7.42 -26.18
C LEU B 493 23.65 7.26 -27.34
N GLN B 494 23.96 7.85 -28.49
CA GLN B 494 23.10 7.68 -29.66
C GLN B 494 23.07 6.23 -30.13
N LEU B 495 24.18 5.51 -29.97
CA LEU B 495 24.26 4.12 -30.38
C LEU B 495 23.62 3.16 -29.37
N LYS B 496 23.19 3.65 -28.21
CA LYS B 496 22.53 2.82 -27.20
C LYS B 496 23.45 1.68 -26.74
N ASP B 497 24.74 1.98 -26.61
CA ASP B 497 25.73 1.03 -26.10
C ASP B 497 26.05 1.42 -24.66
N PHE B 498 25.24 0.93 -23.72
CA PHE B 498 25.36 1.33 -22.33
C PHE B 498 26.49 0.62 -21.60
N ASP B 499 27.07 -0.43 -22.18
CA ASP B 499 28.14 -1.17 -21.52
C ASP B 499 29.46 -0.40 -21.49
N PHE B 500 29.55 0.72 -22.21
CA PHE B 500 30.79 1.49 -22.28
C PHE B 500 30.61 2.94 -21.83
N VAL B 501 29.42 3.33 -21.42
CA VAL B 501 29.13 4.71 -21.03
C VAL B 501 29.66 5.02 -19.64
N PRO B 502 29.46 4.15 -18.64
CA PRO B 502 29.80 4.53 -17.25
C PRO B 502 31.24 4.96 -17.11
N PRO B 503 32.20 4.30 -17.77
CA PRO B 503 33.60 4.72 -17.62
C PRO B 503 33.87 6.13 -18.11
N VAL B 504 33.41 6.46 -19.32
CA VAL B 504 33.67 7.80 -19.86
C VAL B 504 32.96 8.87 -19.04
N VAL B 505 31.73 8.58 -18.59
CA VAL B 505 31.02 9.52 -17.75
C VAL B 505 31.76 9.74 -16.44
N ARG B 506 32.25 8.66 -15.83
CA ARG B 506 33.00 8.79 -14.59
C ARG B 506 34.24 9.64 -14.80
N TRP B 507 34.99 9.40 -15.89
CA TRP B 507 36.19 10.20 -16.14
C TRP B 507 35.84 11.65 -16.36
N LEU B 508 34.78 11.93 -17.12
CA LEU B 508 34.38 13.32 -17.36
C LEU B 508 34.00 14.01 -16.07
N ASN B 509 33.29 13.31 -15.18
CA ASN B 509 32.97 13.89 -13.88
C ASN B 509 34.23 14.14 -13.07
N GLU B 510 35.19 13.21 -13.12
CA GLU B 510 36.43 13.35 -12.37
C GLU B 510 37.40 14.34 -13.01
N GLN B 511 37.14 14.80 -14.23
CA GLN B 511 38.06 15.73 -14.88
C GLN B 511 38.14 17.07 -14.14
N ARG B 512 37.13 17.40 -13.33
CA ARG B 512 37.13 18.63 -12.55
C ARG B 512 37.30 19.85 -13.46
N TYR B 513 36.63 19.82 -14.60
CA TYR B 513 36.66 20.91 -15.58
C TYR B 513 35.28 21.53 -15.67
N TYR B 514 35.19 22.83 -15.37
CA TYR B 514 33.96 23.58 -15.52
C TYR B 514 34.04 24.63 -16.63
N GLY B 515 35.23 25.05 -17.02
CA GLY B 515 35.38 26.00 -18.11
C GLY B 515 34.92 27.40 -17.71
N GLY B 516 34.72 28.23 -18.74
CA GLY B 516 34.32 29.61 -18.53
C GLY B 516 35.49 30.58 -18.63
N GLY B 517 35.50 31.38 -19.68
CA GLY B 517 36.58 32.34 -19.87
C GLY B 517 36.91 32.57 -21.33
N TYR B 518 38.18 32.41 -21.69
CA TYR B 518 38.67 32.63 -23.05
C TYR B 518 38.89 31.29 -23.73
N GLY B 519 38.31 31.12 -24.91
CA GLY B 519 38.50 29.90 -25.67
C GLY B 519 37.98 28.66 -24.96
N SER B 520 36.80 28.76 -24.35
CA SER B 520 36.23 27.61 -23.64
C SER B 520 34.73 27.46 -23.91
N THR B 521 34.15 28.24 -24.82
CA THR B 521 32.72 28.13 -25.08
C THR B 521 32.36 26.77 -25.67
N GLN B 522 33.14 26.31 -26.64
CA GLN B 522 32.83 25.04 -27.30
C GLN B 522 32.90 23.88 -26.32
N ALA B 523 33.97 23.82 -25.53
CA ALA B 523 34.13 22.71 -24.59
C ALA B 523 33.02 22.68 -23.56
N THR B 524 32.72 23.83 -22.97
CA THR B 524 31.64 23.90 -21.97
C THR B 524 30.31 23.51 -22.60
N PHE B 525 30.01 24.06 -23.78
CA PHE B 525 28.74 23.74 -24.43
C PHE B 525 28.62 22.25 -24.67
N MET B 526 29.66 21.64 -25.24
CA MET B 526 29.58 20.23 -25.59
C MET B 526 29.51 19.34 -24.36
N VAL B 527 30.32 19.63 -23.34
CA VAL B 527 30.32 18.79 -22.14
C VAL B 527 28.97 18.89 -21.44
N PHE B 528 28.42 20.11 -21.32
CA PHE B 528 27.12 20.26 -20.67
C PHE B 528 26.02 19.58 -21.48
N GLN B 529 26.05 19.70 -22.80
CA GLN B 529 25.04 19.03 -23.62
C GLN B 529 25.12 17.52 -23.47
N ALA B 530 26.34 16.97 -23.47
CA ALA B 530 26.50 15.53 -23.32
C ALA B 530 26.02 15.07 -21.95
N LEU B 531 26.34 15.82 -20.90
CA LEU B 531 25.87 15.47 -19.56
C LEU B 531 24.36 15.51 -19.47
N ALA B 532 23.74 16.54 -20.06
CA ALA B 532 22.29 16.63 -20.06
C ALA B 532 21.66 15.47 -20.82
N GLN B 533 22.24 15.11 -21.97
CA GLN B 533 21.72 13.99 -22.74
C GLN B 533 21.83 12.69 -21.95
N TYR B 534 22.97 12.48 -21.28
CA TYR B 534 23.13 11.28 -20.46
C TYR B 534 22.11 11.23 -19.34
N GLN B 535 21.90 12.37 -18.66
CA GLN B 535 20.93 12.40 -17.58
C GLN B 535 19.52 12.12 -18.09
N LYS B 536 19.16 12.71 -19.23
CA LYS B 536 17.82 12.51 -19.78
C LYS B 536 17.59 11.05 -20.17
N ASP B 537 18.56 10.44 -20.86
CA ASP B 537 18.44 9.09 -21.37
C ASP B 537 19.43 8.20 -20.64
N ALA B 538 19.00 7.66 -19.50
CA ALA B 538 19.81 6.74 -18.72
C ALA B 538 18.90 5.88 -17.86
N PRO B 539 18.07 5.03 -18.46
CA PRO B 539 17.20 4.17 -17.64
C PRO B 539 18.02 3.32 -16.69
N ASP B 540 17.50 3.15 -15.47
CA ASP B 540 18.31 2.58 -14.41
C ASP B 540 18.76 1.16 -14.75
N HIS B 541 17.81 0.23 -14.84
CA HIS B 541 18.11 -1.14 -15.20
C HIS B 541 17.16 -1.58 -16.31
N GLN B 542 17.41 -2.78 -16.84
CA GLN B 542 16.58 -3.33 -17.90
C GLN B 542 15.19 -3.64 -17.34
N GLU B 543 14.18 -3.00 -17.90
CA GLU B 543 12.82 -3.20 -17.43
C GLU B 543 12.44 -4.67 -17.50
N LEU B 544 11.86 -5.18 -16.41
CA LEU B 544 11.49 -6.58 -16.36
C LEU B 544 10.45 -6.90 -17.42
N ASN B 545 10.59 -8.08 -18.04
CA ASN B 545 9.64 -8.54 -19.04
C ASN B 545 9.35 -10.03 -18.87
N LEU B 546 9.40 -10.52 -17.62
CA LEU B 546 9.28 -11.95 -17.39
C LEU B 546 7.88 -12.44 -17.71
N ASP B 547 7.80 -13.56 -18.43
CA ASP B 547 6.54 -14.22 -18.76
C ASP B 547 6.67 -15.67 -18.29
N VAL B 548 6.08 -15.98 -17.15
CA VAL B 548 6.24 -17.29 -16.52
C VAL B 548 4.98 -18.11 -16.75
N SER B 549 5.17 -19.34 -17.24
CA SER B 549 4.07 -20.26 -17.50
C SER B 549 4.19 -21.43 -16.54
N LEU B 550 3.12 -21.69 -15.79
CA LEU B 550 3.06 -22.77 -14.82
C LEU B 550 2.13 -23.86 -15.35
N GLN B 551 2.64 -25.09 -15.44
CA GLN B 551 1.88 -26.24 -15.89
C GLN B 551 1.72 -27.20 -14.71
N LEU B 552 0.47 -27.49 -14.36
CA LEU B 552 0.13 -28.39 -13.28
C LEU B 552 -0.73 -29.53 -13.82
N PRO B 553 -0.45 -30.78 -13.47
CA PRO B 553 -1.26 -31.88 -14.01
C PRO B 553 -2.74 -31.76 -13.68
N SER B 554 -3.07 -31.27 -12.49
CA SER B 554 -4.47 -31.11 -12.13
C SER B 554 -5.15 -30.07 -13.00
N ARG B 555 -4.46 -28.95 -13.26
CA ARG B 555 -5.02 -27.86 -14.05
C ARG B 555 -4.66 -28.06 -15.51
N SER B 556 -5.67 -28.29 -16.36
CA SER B 556 -5.42 -28.51 -17.77
C SER B 556 -4.79 -27.29 -18.43
N SER B 557 -5.28 -26.09 -18.09
CA SER B 557 -4.81 -24.87 -18.70
C SER B 557 -3.62 -24.30 -17.93
N LYS B 558 -2.57 -23.94 -18.65
CA LYS B 558 -1.40 -23.34 -18.03
C LYS B 558 -1.73 -21.97 -17.47
N ILE B 559 -1.04 -21.59 -16.41
CA ILE B 559 -1.22 -20.29 -15.77
C ILE B 559 -0.08 -19.39 -16.22
N THR B 560 -0.40 -18.31 -16.92
CA THR B 560 0.58 -17.39 -17.46
C THR B 560 0.56 -16.10 -16.64
N HIS B 561 1.75 -15.68 -16.20
CA HIS B 561 1.89 -14.46 -15.39
C HIS B 561 2.96 -13.58 -16.00
N ARG B 562 2.72 -12.27 -15.97
CA ARG B 562 3.64 -11.27 -16.52
C ARG B 562 4.17 -10.41 -15.39
N ILE B 563 5.48 -10.26 -15.33
CA ILE B 563 6.16 -9.43 -14.34
C ILE B 563 7.00 -8.41 -15.08
N HIS B 564 6.70 -7.13 -14.89
CA HIS B 564 7.42 -6.07 -15.55
C HIS B 564 7.52 -4.85 -14.63
N TRP B 565 8.52 -4.03 -14.90
CA TRP B 565 8.76 -2.83 -14.10
C TRP B 565 7.72 -1.76 -14.45
N GLU B 566 7.64 -0.74 -13.59
CA GLU B 566 6.72 0.38 -13.75
C GLU B 566 5.26 -0.08 -13.69
N SER B 567 5.01 -1.26 -13.11
CA SER B 567 3.66 -1.78 -12.98
C SER B 567 3.37 -2.33 -11.59
N ALA B 568 4.35 -2.36 -10.69
CA ALA B 568 4.16 -2.89 -9.34
C ALA B 568 3.71 -4.35 -9.37
N SER B 569 4.15 -5.09 -10.38
CA SER B 569 3.82 -6.51 -10.52
C SER B 569 4.96 -7.42 -10.12
N LEU B 570 6.02 -6.88 -9.50
CA LEU B 570 7.15 -7.70 -9.10
C LEU B 570 6.77 -8.72 -8.04
N LEU B 571 5.66 -8.53 -7.34
CA LEU B 571 5.21 -9.43 -6.28
C LEU B 571 3.95 -10.13 -6.79
N ARG B 572 4.03 -11.45 -6.99
CA ARG B 572 2.91 -12.24 -7.47
C ARG B 572 2.72 -13.46 -6.59
N SER B 573 1.47 -13.89 -6.43
CA SER B 573 1.14 -15.05 -5.62
C SER B 573 0.12 -15.92 -6.34
N GLU B 574 0.30 -17.24 -6.22
CA GLU B 574 -0.63 -18.20 -6.78
C GLU B 574 -0.85 -19.32 -5.77
N GLU B 575 -2.04 -19.92 -5.82
CA GLU B 575 -2.42 -20.98 -4.90
C GLU B 575 -2.97 -22.17 -5.70
N THR B 576 -2.62 -23.37 -5.25
CA THR B 576 -3.11 -24.60 -5.85
C THR B 576 -3.59 -25.54 -4.75
N LYS B 577 -4.75 -26.17 -4.99
CA LYS B 577 -5.33 -27.08 -4.02
C LYS B 577 -4.72 -28.46 -4.05
N GLU B 578 -3.98 -28.81 -5.10
CA GLU B 578 -3.37 -30.12 -5.25
C GLU B 578 -1.86 -29.97 -5.40
N ASN B 579 -1.11 -30.85 -4.75
CA ASN B 579 0.35 -30.86 -4.81
C ASN B 579 0.79 -31.98 -5.74
N GLU B 580 1.44 -31.61 -6.84
CA GLU B 580 1.91 -32.57 -7.83
C GLU B 580 3.25 -32.10 -8.39
N GLY B 581 3.80 -32.88 -9.30
CA GLY B 581 5.07 -32.55 -9.92
C GLY B 581 4.93 -31.56 -11.05
N PHE B 582 4.73 -30.28 -10.71
CA PHE B 582 4.42 -29.28 -11.72
C PHE B 582 5.70 -28.74 -12.36
N THR B 583 5.52 -27.89 -13.36
CA THR B 583 6.64 -27.31 -14.10
C THR B 583 6.44 -25.80 -14.26
N VAL B 584 7.55 -25.07 -14.29
CA VAL B 584 7.55 -23.63 -14.47
C VAL B 584 8.55 -23.28 -15.56
N THR B 585 8.10 -22.54 -16.56
CA THR B 585 8.93 -22.09 -17.67
C THR B 585 9.02 -20.57 -17.64
N ALA B 586 10.25 -20.04 -17.61
CA ALA B 586 10.48 -18.61 -17.57
C ALA B 586 10.68 -18.07 -18.98
N GLU B 587 10.78 -16.75 -19.10
CA GLU B 587 10.97 -16.09 -20.38
C GLU B 587 11.22 -14.61 -20.12
N GLY B 588 11.60 -13.90 -21.17
CA GLY B 588 11.74 -12.46 -21.10
C GLY B 588 13.05 -12.01 -20.49
N LYS B 589 13.14 -10.69 -20.32
CA LYS B 589 14.32 -10.04 -19.76
C LYS B 589 13.99 -9.57 -18.35
N GLY B 590 14.78 -10.01 -17.39
CA GLY B 590 14.59 -9.58 -16.00
C GLY B 590 15.12 -10.62 -15.04
N GLN B 591 14.90 -10.33 -13.76
CA GLN B 591 15.32 -11.19 -12.67
C GLN B 591 14.12 -11.51 -11.78
N GLY B 592 14.02 -12.76 -11.34
CA GLY B 592 12.92 -13.17 -10.50
C GLY B 592 13.28 -14.39 -9.67
N THR B 593 12.52 -14.59 -8.60
CA THR B 593 12.73 -15.71 -7.68
C THR B 593 11.39 -16.37 -7.39
N LEU B 594 11.37 -17.70 -7.41
CA LEU B 594 10.18 -18.48 -7.11
C LEU B 594 10.36 -19.15 -5.76
N SER B 595 9.30 -19.16 -4.96
CA SER B 595 9.28 -19.86 -3.68
C SER B 595 7.96 -20.61 -3.56
N VAL B 596 8.02 -21.94 -3.57
CA VAL B 596 6.85 -22.80 -3.48
C VAL B 596 6.85 -23.46 -2.11
N VAL B 597 5.77 -23.26 -1.36
CA VAL B 597 5.65 -23.73 0.01
C VAL B 597 4.31 -24.43 0.17
N THR B 598 4.31 -25.59 0.81
CA THR B 598 3.10 -26.39 1.02
C THR B 598 2.66 -26.29 2.47
N MET B 599 1.34 -26.11 2.68
CA MET B 599 0.76 -26.05 4.00
C MET B 599 -0.31 -27.13 4.12
N TYR B 600 -0.25 -27.90 5.20
CA TYR B 600 -1.16 -29.01 5.43
C TYR B 600 -1.24 -29.26 6.94
N HIS B 601 -1.83 -30.39 7.31
CA HIS B 601 -1.95 -30.79 8.71
C HIS B 601 -1.09 -32.03 8.93
N ALA B 602 -0.04 -31.88 9.74
CA ALA B 602 0.86 -32.99 10.00
C ALA B 602 0.26 -33.93 11.05
N LYS B 603 0.89 -35.09 11.20
CA LYS B 603 0.44 -36.07 12.18
C LYS B 603 0.60 -35.53 13.59
N ALA B 604 -0.30 -35.96 14.48
CA ALA B 604 -0.26 -35.49 15.86
C ALA B 604 0.98 -35.96 16.61
N LYS B 605 1.66 -36.98 16.11
CA LYS B 605 2.85 -37.52 16.78
C LYS B 605 2.43 -37.97 18.18
N ASP B 606 3.36 -37.93 19.14
CA ASP B 606 3.06 -38.31 20.52
C ASP B 606 3.40 -37.22 21.52
N GLN B 607 4.13 -36.17 21.12
CA GLN B 607 4.47 -35.09 22.03
C GLN B 607 3.29 -34.17 22.32
N LEU B 608 2.19 -34.30 21.58
CA LEU B 608 1.03 -33.43 21.77
C LEU B 608 0.38 -33.76 23.11
N THR B 609 0.64 -32.92 24.11
CA THR B 609 0.09 -33.09 25.46
C THR B 609 -0.07 -31.71 26.07
N CYS B 610 -0.28 -31.67 27.39
CA CYS B 610 -0.38 -30.39 28.08
C CYS B 610 0.92 -29.60 27.96
N ASN B 611 2.07 -30.27 28.13
CA ASN B 611 3.40 -29.72 27.97
C ASN B 611 3.73 -28.66 29.01
N LYS B 612 2.87 -28.44 30.00
CA LYS B 612 3.11 -27.44 31.04
C LYS B 612 2.84 -27.95 32.44
N PHE B 613 2.11 -29.05 32.60
CA PHE B 613 1.76 -29.59 33.90
C PHE B 613 1.55 -31.09 33.79
N ASP B 614 1.91 -31.82 34.84
CA ASP B 614 1.64 -33.24 34.96
C ASP B 614 0.53 -33.43 35.99
N LEU B 615 -0.60 -33.98 35.57
CA LEU B 615 -1.81 -34.01 36.38
C LEU B 615 -2.03 -35.40 36.95
N LYS B 616 -2.25 -35.47 38.27
CA LYS B 616 -2.59 -36.70 38.96
C LYS B 616 -4.02 -36.60 39.47
N VAL B 617 -4.87 -37.48 39.00
CA VAL B 617 -6.29 -37.53 39.39
C VAL B 617 -6.65 -38.99 39.67
N THR B 618 -7.35 -39.21 40.77
CA THR B 618 -7.74 -40.56 41.16
C THR B 618 -9.03 -40.50 41.97
N ILE B 619 -9.79 -41.60 41.90
CA ILE B 619 -11.04 -41.75 42.66
C ILE B 619 -11.03 -43.12 43.30
N LYS B 620 -11.40 -43.19 44.57
CA LYS B 620 -11.42 -44.43 45.34
C LYS B 620 -12.71 -44.50 46.14
N PRO B 621 -13.16 -45.71 46.49
CA PRO B 621 -14.37 -45.84 47.31
C PRO B 621 -14.10 -45.47 48.76
N ALA B 622 -15.19 -45.41 49.53
CA ALA B 622 -15.08 -45.06 50.93
C ALA B 622 -14.33 -46.15 51.69
N PRO B 623 -13.64 -45.79 52.78
CA PRO B 623 -12.88 -46.78 53.56
C PRO B 623 -13.78 -47.66 54.42
N LYS B 633 -25.33 -42.81 50.37
CA LYS B 633 -24.20 -41.96 50.01
C LYS B 633 -22.91 -42.77 49.99
N ASN B 634 -22.33 -42.94 48.80
CA ASN B 634 -21.09 -43.69 48.68
C ASN B 634 -19.95 -43.01 49.42
N THR B 635 -19.88 -41.68 49.33
CA THR B 635 -18.84 -40.90 50.00
C THR B 635 -17.45 -41.33 49.53
N MET B 636 -17.20 -41.15 48.24
CA MET B 636 -15.92 -41.53 47.66
C MET B 636 -14.84 -40.54 48.07
N ILE B 637 -13.59 -40.92 47.81
CA ILE B 637 -12.42 -40.08 48.07
C ILE B 637 -11.77 -39.75 46.73
N LEU B 638 -11.67 -38.46 46.42
CA LEU B 638 -11.14 -38.00 45.14
C LEU B 638 -9.88 -37.19 45.41
N GLU B 639 -8.83 -37.49 44.65
CA GLU B 639 -7.55 -36.81 44.74
C GLU B 639 -7.25 -36.14 43.40
N ILE B 640 -6.93 -34.86 43.45
CA ILE B 640 -6.58 -34.08 42.26
C ILE B 640 -5.42 -33.17 42.60
N CYS B 641 -4.40 -33.14 41.74
CA CYS B 641 -3.31 -32.19 41.91
C CYS B 641 -2.43 -32.23 40.68
N THR B 642 -1.41 -31.38 40.66
CA THR B 642 -0.57 -31.17 39.49
C THR B 642 0.87 -30.92 39.92
N ARG B 643 1.79 -31.14 38.99
CA ARG B 643 3.21 -30.92 39.19
C ARG B 643 3.76 -30.10 38.03
N TYR B 644 4.70 -29.20 38.36
CA TYR B 644 5.34 -28.34 37.37
C TYR B 644 6.68 -28.94 36.96
N ARG B 645 6.94 -28.97 35.66
CA ARG B 645 8.16 -29.54 35.10
C ARG B 645 9.26 -28.50 34.90
N GLY B 646 9.01 -27.24 35.26
CA GLY B 646 9.98 -26.19 35.06
C GLY B 646 11.02 -26.11 36.16
N ASP B 647 11.84 -25.07 36.08
CA ASP B 647 12.94 -24.87 37.01
C ASP B 647 12.57 -23.96 38.18
N GLN B 648 11.36 -23.41 38.22
CA GLN B 648 10.97 -22.51 39.28
C GLN B 648 9.47 -22.60 39.50
N ASP B 649 9.05 -22.27 40.72
CA ASP B 649 7.65 -22.41 41.10
C ASP B 649 6.76 -21.52 40.24
N ALA B 650 5.65 -22.08 39.76
CA ALA B 650 4.73 -21.33 38.93
C ALA B 650 3.96 -20.30 39.76
N THR B 651 3.34 -19.36 39.05
CA THR B 651 2.56 -18.31 39.69
C THR B 651 1.19 -18.86 40.08
N MET B 652 0.27 -17.97 40.46
CA MET B 652 -1.06 -18.41 40.87
C MET B 652 -1.72 -19.21 39.77
N SER B 653 -2.35 -20.33 40.16
CA SER B 653 -3.01 -21.22 39.22
C SER B 653 -4.45 -21.44 39.67
N ILE B 654 -5.29 -21.85 38.71
CA ILE B 654 -6.71 -22.09 38.95
C ILE B 654 -7.03 -23.52 38.54
N LEU B 655 -7.70 -24.24 39.42
CA LEU B 655 -8.15 -25.60 39.17
C LEU B 655 -9.68 -25.61 39.14
N ASP B 656 -10.25 -26.11 38.06
CA ASP B 656 -11.69 -26.23 37.89
C ASP B 656 -12.07 -27.71 37.87
N ILE B 657 -12.98 -28.09 38.76
CA ILE B 657 -13.42 -29.47 38.90
C ILE B 657 -14.91 -29.52 38.58
N SER B 658 -15.28 -30.35 37.60
CA SER B 658 -16.68 -30.60 37.25
C SER B 658 -17.02 -32.01 37.71
N MET B 659 -17.85 -32.11 38.73
CA MET B 659 -18.20 -33.40 39.31
C MET B 659 -19.30 -34.08 38.49
N MET B 660 -19.35 -35.40 38.61
CA MET B 660 -20.36 -36.17 37.92
C MET B 660 -21.75 -35.85 38.47
N THR B 661 -22.76 -36.02 37.62
CA THR B 661 -24.12 -35.72 38.02
C THR B 661 -24.51 -36.56 39.23
N GLY B 662 -25.15 -35.90 40.21
CA GLY B 662 -25.55 -36.56 41.44
C GLY B 662 -24.50 -36.56 42.54
N PHE B 663 -23.30 -36.05 42.26
CA PHE B 663 -22.22 -36.00 43.24
C PHE B 663 -21.94 -34.54 43.60
N ALA B 664 -21.62 -34.32 44.87
CA ALA B 664 -21.33 -32.99 45.39
C ALA B 664 -20.07 -33.04 46.23
N PRO B 665 -19.40 -31.90 46.43
CA PRO B 665 -18.22 -31.87 47.31
C PRO B 665 -18.64 -31.95 48.77
N ASP B 666 -17.64 -32.19 49.62
CA ASP B 666 -17.85 -32.27 51.06
C ASP B 666 -17.67 -30.87 51.66
N THR B 667 -18.74 -30.34 52.25
CA THR B 667 -18.66 -29.00 52.83
C THR B 667 -17.65 -28.94 53.96
N ASP B 668 -17.63 -29.96 54.82
CA ASP B 668 -16.69 -29.97 55.93
C ASP B 668 -15.24 -29.97 55.44
N ASP B 669 -14.95 -30.79 54.42
CA ASP B 669 -13.60 -30.84 53.89
C ASP B 669 -13.19 -29.50 53.30
N LEU B 670 -14.08 -28.86 52.54
CA LEU B 670 -13.76 -27.56 51.96
C LEU B 670 -13.54 -26.52 53.05
N LYS B 671 -14.38 -26.52 54.08
CA LYS B 671 -14.20 -25.56 55.17
C LYS B 671 -12.87 -25.78 55.89
N GLN B 672 -12.52 -27.04 56.14
CA GLN B 672 -11.25 -27.33 56.79
C GLN B 672 -10.07 -26.92 55.92
N LEU B 673 -10.19 -27.10 54.61
CA LEU B 673 -9.09 -26.77 53.71
C LEU B 673 -8.98 -25.26 53.46
N ALA B 674 -10.07 -24.52 53.66
CA ALA B 674 -10.04 -23.08 53.37
C ALA B 674 -8.99 -22.36 54.20
N ASN B 675 -8.92 -22.68 55.50
CA ASN B 675 -7.94 -22.03 56.37
C ASN B 675 -6.50 -22.44 56.07
N GLY B 676 -6.30 -23.47 55.26
CA GLY B 676 -4.94 -23.89 54.95
C GLY B 676 -4.18 -22.79 54.22
N VAL B 677 -2.89 -22.69 54.54
CA VAL B 677 -2.04 -21.67 53.94
C VAL B 677 -1.78 -22.01 52.48
N ASP B 678 -1.49 -20.97 51.68
CA ASP B 678 -1.21 -21.08 50.25
C ASP B 678 -2.41 -21.54 49.45
N ARG B 679 -3.61 -21.54 50.03
CA ARG B 679 -4.82 -21.98 49.35
C ARG B 679 -5.98 -21.12 49.80
N TYR B 680 -6.78 -20.66 48.83
CA TYR B 680 -7.93 -19.80 49.11
C TYR B 680 -9.13 -20.29 48.32
N ILE B 681 -10.31 -20.21 48.94
CA ILE B 681 -11.57 -20.57 48.31
C ILE B 681 -12.53 -19.40 48.45
N SER B 682 -13.20 -19.04 47.37
CA SER B 682 -14.11 -17.91 47.39
C SER B 682 -15.25 -18.14 48.39
N LYS B 683 -15.67 -17.06 49.04
CA LYS B 683 -16.74 -17.16 50.02
C LYS B 683 -18.03 -17.67 49.38
N TYR B 684 -18.34 -17.18 48.19
CA TYR B 684 -19.56 -17.62 47.51
C TYR B 684 -19.56 -19.13 47.28
N GLU B 685 -18.39 -19.69 46.99
CA GLU B 685 -18.29 -21.15 46.82
C GLU B 685 -18.56 -21.87 48.13
N LEU B 686 -18.08 -21.33 49.25
CA LEU B 686 -18.23 -22.01 50.53
C LEU B 686 -19.70 -22.22 50.88
N ASP B 687 -20.52 -21.19 50.71
CA ASP B 687 -21.96 -21.29 50.97
C ASP B 687 -22.63 -21.72 49.68
N LYS B 688 -22.95 -23.01 49.60
CA LYS B 688 -23.50 -23.60 48.39
C LYS B 688 -24.27 -24.86 48.78
N ALA B 689 -24.59 -25.70 47.81
CA ALA B 689 -25.34 -26.95 47.95
C ALA B 689 -26.83 -26.70 48.04
N PHE B 690 -27.29 -25.45 47.85
CA PHE B 690 -28.73 -25.20 47.81
C PHE B 690 -29.39 -25.93 46.65
N SER B 691 -28.74 -25.93 45.48
CA SER B 691 -29.24 -26.63 44.31
C SER B 691 -28.26 -27.68 43.81
N ASP B 692 -26.98 -27.32 43.66
CA ASP B 692 -25.97 -28.26 43.18
C ASP B 692 -24.60 -27.60 43.33
N ARG B 693 -23.56 -28.44 43.29
CA ARG B 693 -22.18 -27.99 43.39
C ARG B 693 -21.32 -28.72 42.38
N ASN B 694 -21.81 -28.84 41.15
CA ASN B 694 -21.07 -29.57 40.12
C ASN B 694 -19.73 -28.90 39.81
N THR B 695 -19.72 -27.57 39.73
CA THR B 695 -18.53 -26.81 39.39
C THR B 695 -17.86 -26.28 40.64
N LEU B 696 -16.55 -26.50 40.76
CA LEU B 696 -15.77 -26.00 41.89
C LEU B 696 -14.48 -25.39 41.36
N ILE B 697 -14.07 -24.28 41.99
CA ILE B 697 -12.87 -23.56 41.59
C ILE B 697 -11.95 -23.42 42.79
N ILE B 698 -10.67 -23.72 42.61
CA ILE B 698 -9.67 -23.61 43.64
C ILE B 698 -8.52 -22.77 43.12
N TYR B 699 -8.07 -21.82 43.93
CA TYR B 699 -6.95 -20.93 43.58
C TYR B 699 -5.74 -21.35 44.40
N LEU B 700 -4.64 -21.65 43.71
CA LEU B 700 -3.39 -22.06 44.35
C LEU B 700 -2.36 -20.95 44.18
N ASP B 701 -1.75 -20.54 45.29
CA ASP B 701 -0.71 -19.51 45.22
C ASP B 701 0.48 -19.99 44.40
N LYS B 702 0.91 -21.23 44.60
CA LYS B 702 2.02 -21.79 43.85
C LYS B 702 1.94 -23.30 43.91
N VAL B 703 2.63 -23.95 42.96
CA VAL B 703 2.68 -25.40 42.86
C VAL B 703 4.14 -25.83 42.87
N SER B 704 4.48 -26.79 43.73
CA SER B 704 5.85 -27.27 43.81
C SER B 704 6.23 -28.01 42.54
N HIS B 705 7.43 -27.71 42.03
CA HIS B 705 7.93 -28.33 40.81
C HIS B 705 8.88 -29.50 41.10
N SER B 706 9.07 -29.86 42.36
CA SER B 706 10.01 -30.91 42.74
C SER B 706 9.35 -32.09 43.42
N GLU B 707 8.37 -31.86 44.29
CA GLU B 707 7.71 -32.94 45.01
C GLU B 707 6.19 -32.81 44.86
N ASP B 708 5.51 -33.95 44.91
CA ASP B 708 4.06 -34.00 44.78
C ASP B 708 3.44 -34.03 46.17
N ASP B 709 3.40 -32.85 46.79
CA ASP B 709 2.80 -32.68 48.12
C ASP B 709 1.42 -32.05 47.92
N CYS B 710 0.43 -32.90 47.65
CA CYS B 710 -0.93 -32.43 47.41
C CYS B 710 -1.93 -33.15 48.29
N LEU B 711 -3.22 -32.94 48.03
CA LEU B 711 -4.28 -33.32 48.95
C LEU B 711 -5.34 -34.15 48.23
N ALA B 712 -6.27 -34.68 49.03
CA ALA B 712 -7.45 -35.36 48.54
C ALA B 712 -8.61 -35.05 49.47
N PHE B 713 -9.83 -35.10 48.93
CA PHE B 713 -11.00 -34.75 49.72
C PHE B 713 -12.16 -35.69 49.37
N LYS B 714 -13.14 -35.71 50.26
CA LYS B 714 -14.29 -36.59 50.11
C LYS B 714 -15.37 -35.93 49.26
N VAL B 715 -16.08 -36.76 48.49
CA VAL B 715 -17.20 -36.33 47.66
C VAL B 715 -18.40 -37.21 48.01
N HIS B 716 -19.54 -36.57 48.25
CA HIS B 716 -20.76 -37.26 48.65
C HIS B 716 -21.71 -37.41 47.48
N GLN B 717 -22.68 -38.32 47.64
CA GLN B 717 -23.70 -38.59 46.63
C GLN B 717 -25.07 -38.29 47.22
N TYR B 718 -25.88 -37.54 46.47
CA TYR B 718 -27.22 -37.18 46.89
C TYR B 718 -28.31 -37.65 45.93
N PHE B 719 -28.02 -37.71 44.64
CA PHE B 719 -28.99 -38.17 43.64
C PHE B 719 -28.36 -39.28 42.81
N ASN B 720 -29.08 -40.38 42.63
CA ASN B 720 -28.61 -41.53 41.89
C ASN B 720 -29.18 -41.49 40.48
N VAL B 721 -28.31 -41.41 39.48
CA VAL B 721 -28.70 -41.37 38.08
C VAL B 721 -27.84 -42.37 37.32
N GLU B 722 -28.48 -43.18 36.48
CA GLU B 722 -27.76 -44.16 35.67
C GLU B 722 -26.92 -43.45 34.62
N LEU B 723 -25.79 -44.06 34.27
CA LEU B 723 -24.85 -43.52 33.29
C LEU B 723 -24.37 -42.13 33.73
N ILE B 724 -23.72 -42.09 34.89
CA ILE B 724 -23.22 -40.83 35.42
C ILE B 724 -22.16 -40.26 34.49
N GLN B 725 -22.25 -38.97 34.22
CA GLN B 725 -21.28 -38.32 33.35
C GLN B 725 -19.90 -38.35 34.00
N PRO B 726 -18.85 -38.74 33.27
CA PRO B 726 -17.51 -38.74 33.88
C PRO B 726 -17.11 -37.36 34.38
N GLY B 727 -16.44 -37.33 35.53
CA GLY B 727 -15.98 -36.07 36.08
C GLY B 727 -14.77 -35.54 35.32
N ALA B 728 -14.64 -34.22 35.31
CA ALA B 728 -13.60 -33.54 34.55
C ALA B 728 -12.77 -32.64 35.46
N VAL B 729 -11.50 -32.50 35.11
CA VAL B 729 -10.56 -31.66 35.85
C VAL B 729 -9.78 -30.81 34.85
N LYS B 730 -9.63 -29.53 35.15
CA LYS B 730 -8.84 -28.62 34.34
C LYS B 730 -7.96 -27.77 35.25
N VAL B 731 -6.76 -27.45 34.77
CA VAL B 731 -5.83 -26.60 35.51
C VAL B 731 -5.20 -25.62 34.54
N TYR B 732 -5.12 -24.35 34.93
CA TYR B 732 -4.52 -23.36 34.06
C TYR B 732 -3.97 -22.20 34.88
N ALA B 733 -2.91 -21.59 34.39
CA ALA B 733 -2.33 -20.42 35.03
C ALA B 733 -3.26 -19.22 34.86
N TYR B 734 -3.22 -18.31 35.84
CA TYR B 734 -4.09 -17.14 35.79
C TYR B 734 -3.74 -16.23 34.61
N TYR B 735 -2.47 -16.20 34.21
CA TYR B 735 -2.02 -15.32 33.14
C TYR B 735 -2.01 -16.00 31.77
N ASN B 736 -2.42 -17.26 31.68
CA ASN B 736 -2.43 -17.97 30.40
C ASN B 736 -3.43 -19.11 30.46
N LEU B 737 -4.36 -19.13 29.51
CA LEU B 737 -5.35 -20.19 29.42
C LEU B 737 -5.02 -21.24 28.36
N GLU B 738 -4.18 -20.89 27.38
CA GLU B 738 -3.80 -21.88 26.37
C GLU B 738 -3.07 -23.06 27.01
N GLU B 739 -2.20 -22.79 27.97
CA GLU B 739 -1.46 -23.84 28.67
C GLU B 739 -2.32 -24.44 29.79
N SER B 740 -3.47 -24.97 29.39
CA SER B 740 -4.41 -25.60 30.30
C SER B 740 -4.36 -27.11 30.11
N CYS B 741 -4.23 -27.84 31.22
CA CYS B 741 -4.17 -29.29 31.21
C CYS B 741 -5.50 -29.85 31.70
N THR B 742 -6.03 -30.83 30.97
CA THR B 742 -7.33 -31.40 31.24
C THR B 742 -7.23 -32.91 31.43
N ARG B 743 -8.10 -33.43 32.29
CA ARG B 743 -8.15 -34.87 32.58
C ARG B 743 -9.59 -35.25 32.88
N PHE B 744 -9.87 -36.55 32.77
CA PHE B 744 -11.18 -37.10 33.04
C PHE B 744 -11.06 -38.31 33.94
N TYR B 745 -12.04 -38.48 34.82
CA TYR B 745 -12.07 -39.59 35.76
C TYR B 745 -13.48 -40.16 35.85
N HIS B 746 -13.56 -41.44 36.19
CA HIS B 746 -14.84 -42.13 36.32
C HIS B 746 -14.65 -43.38 37.17
N PRO B 747 -15.53 -43.64 38.16
CA PRO B 747 -15.31 -44.81 39.02
C PRO B 747 -15.24 -46.12 38.26
N GLU B 748 -16.05 -46.29 37.22
CA GLU B 748 -16.11 -47.54 36.47
C GLU B 748 -15.08 -47.59 35.35
N LYS B 749 -15.05 -46.56 34.49
CA LYS B 749 -14.11 -46.55 33.37
C LYS B 749 -12.68 -46.44 33.88
N GLU B 750 -11.74 -46.95 33.07
CA GLU B 750 -10.34 -46.96 33.48
C GLU B 750 -9.82 -45.55 33.71
N ASP B 751 -10.14 -44.62 32.80
CA ASP B 751 -9.68 -43.24 32.92
C ASP B 751 -10.78 -42.26 32.52
N GLY B 752 -12.04 -42.68 32.62
CA GLY B 752 -13.14 -41.80 32.27
C GLY B 752 -13.27 -41.53 30.79
N LYS B 753 -12.75 -42.40 29.94
CA LYS B 753 -12.82 -42.24 28.50
C LYS B 753 -13.99 -43.05 27.95
N LEU B 754 -14.83 -42.40 27.16
CA LEU B 754 -16.00 -43.06 26.59
C LEU B 754 -15.58 -44.20 25.68
N ASN B 755 -16.25 -45.34 25.83
CA ASN B 755 -15.94 -46.51 25.01
C ASN B 755 -16.26 -46.25 23.55
N LYS B 756 -15.39 -46.74 22.67
CA LYS B 756 -15.59 -46.58 21.23
C LYS B 756 -14.79 -47.65 20.50
N LEU B 757 -15.28 -48.03 19.33
CA LEU B 757 -14.60 -49.00 18.48
C LEU B 757 -13.92 -48.25 17.34
N CYS B 758 -12.59 -48.34 17.29
CA CYS B 758 -11.83 -47.58 16.31
C CYS B 758 -10.78 -48.45 15.65
N ARG B 759 -10.64 -48.28 14.34
CA ARG B 759 -9.57 -48.87 13.56
C ARG B 759 -8.88 -47.78 12.77
N ASP B 760 -7.55 -47.74 12.84
CA ASP B 760 -6.76 -46.70 12.19
C ASP B 760 -7.27 -45.35 12.72
N GLU B 761 -7.67 -44.42 11.86
CA GLU B 761 -8.19 -43.13 12.28
C GLU B 761 -9.71 -43.08 12.28
N LEU B 762 -10.39 -44.18 11.96
CA LEU B 762 -11.85 -44.22 11.89
C LEU B 762 -12.39 -44.83 13.18
N CYS B 763 -13.07 -44.01 13.98
CA CYS B 763 -13.64 -44.43 15.24
C CYS B 763 -15.16 -44.23 15.23
N ARG B 764 -15.85 -45.08 15.98
CA ARG B 764 -17.30 -45.02 16.10
C ARG B 764 -17.69 -45.18 17.56
N CYS B 765 -18.76 -44.48 17.94
CA CYS B 765 -19.22 -44.51 19.32
C CYS B 765 -19.67 -45.91 19.71
N ALA B 766 -19.42 -46.28 20.97
CA ALA B 766 -19.81 -47.58 21.49
C ALA B 766 -20.66 -47.48 22.75
N GLU B 767 -21.15 -46.29 23.09
CA GLU B 767 -21.99 -46.09 24.27
C GLU B 767 -23.42 -46.48 23.91
N GLU B 768 -23.66 -47.79 23.89
CA GLU B 768 -24.97 -48.31 23.53
C GLU B 768 -25.15 -49.68 24.18
N ASN B 769 -26.41 -50.13 24.24
CA ASN B 769 -26.71 -51.42 24.83
C ASN B 769 -26.06 -52.55 24.04
N CYS B 770 -25.68 -53.61 24.75
CA CYS B 770 -25.04 -54.74 24.10
C CYS B 770 -26.01 -55.45 23.15
N PHE B 771 -27.31 -55.35 23.40
CA PHE B 771 -28.31 -56.00 22.56
C PHE B 771 -29.62 -55.25 22.70
N ILE B 772 -30.53 -55.50 21.76
CA ILE B 772 -31.84 -54.83 21.78
C ILE B 772 -32.56 -55.13 23.08
N GLN B 773 -32.86 -56.40 23.32
CA GLN B 773 -33.55 -56.83 24.54
C GLN B 773 -33.48 -58.34 24.62
N LYS B 774 -33.86 -58.87 25.78
CA LYS B 774 -33.85 -60.31 26.00
C LYS B 774 -34.79 -61.01 25.04
N ASP B 777 -39.65 -65.05 30.50
CA ASP B 777 -40.13 -63.94 29.70
C ASP B 777 -41.36 -64.34 28.90
N LYS B 778 -42.06 -63.34 28.36
CA LYS B 778 -43.27 -63.55 27.58
C LYS B 778 -43.02 -63.45 26.08
N VAL B 779 -41.75 -63.46 25.65
CA VAL B 779 -41.45 -63.38 24.23
C VAL B 779 -41.99 -64.61 23.53
N THR B 780 -42.63 -64.40 22.38
CA THR B 780 -43.23 -65.48 21.61
C THR B 780 -42.73 -65.45 20.17
N LEU B 781 -43.30 -66.31 19.32
CA LEU B 781 -42.87 -66.37 17.92
C LEU B 781 -43.16 -65.06 17.21
N GLU B 782 -44.31 -64.43 17.50
CA GLU B 782 -44.66 -63.19 16.84
C GLU B 782 -43.64 -62.09 17.12
N GLU B 783 -43.21 -61.97 18.38
CA GLU B 783 -42.22 -60.96 18.74
C GLU B 783 -40.90 -61.21 18.03
N ARG B 784 -40.47 -62.48 17.97
CA ARG B 784 -39.23 -62.80 17.28
C ARG B 784 -39.32 -62.46 15.80
N LEU B 785 -40.45 -62.79 15.17
CA LEU B 785 -40.63 -62.45 13.75
C LEU B 785 -40.61 -60.95 13.53
N ASP B 786 -41.29 -60.20 14.42
CA ASP B 786 -41.31 -58.74 14.27
C ASP B 786 -39.92 -58.16 14.41
N LYS B 787 -39.14 -58.64 15.39
CA LYS B 787 -37.81 -58.10 15.62
C LYS B 787 -36.79 -58.60 14.61
N ALA B 788 -37.07 -59.69 13.90
CA ALA B 788 -36.14 -60.28 12.95
C ALA B 788 -36.37 -59.81 11.52
N CYS B 789 -37.35 -58.92 11.29
CA CYS B 789 -37.66 -58.44 9.95
C CYS B 789 -37.43 -56.93 9.84
N GLU B 790 -36.47 -56.41 10.60
CA GLU B 790 -36.15 -55.00 10.51
C GLU B 790 -35.42 -54.70 9.20
N PRO B 791 -35.42 -53.44 8.76
CA PRO B 791 -34.74 -53.11 7.49
C PRO B 791 -33.27 -53.50 7.47
N GLY B 792 -32.58 -53.39 8.62
CA GLY B 792 -31.17 -53.70 8.66
C GLY B 792 -30.83 -55.18 8.67
N VAL B 793 -31.82 -56.04 8.87
CA VAL B 793 -31.57 -57.49 8.91
C VAL B 793 -31.16 -57.93 7.51
N ASP B 794 -29.89 -58.29 7.35
CA ASP B 794 -29.35 -58.73 6.06
C ASP B 794 -28.83 -60.15 6.11
N TYR B 795 -28.08 -60.52 7.14
CA TYR B 795 -27.50 -61.85 7.26
C TYR B 795 -27.90 -62.46 8.58
N VAL B 796 -28.37 -63.70 8.54
CA VAL B 796 -28.73 -64.47 9.73
C VAL B 796 -27.94 -65.77 9.70
N TYR B 797 -27.25 -66.08 10.80
CA TYR B 797 -26.39 -67.25 10.87
C TYR B 797 -26.66 -68.02 12.15
N LYS B 798 -26.78 -69.34 12.02
CA LYS B 798 -26.85 -70.25 13.17
C LYS B 798 -25.56 -71.06 13.19
N THR B 799 -24.71 -70.81 14.19
CA THR B 799 -23.39 -71.41 14.22
C THR B 799 -22.96 -71.64 15.66
N ARG B 800 -21.95 -72.49 15.83
CA ARG B 800 -21.44 -72.85 17.14
C ARG B 800 -20.21 -72.00 17.45
N LEU B 801 -20.29 -71.20 18.50
CA LEU B 801 -19.14 -70.44 18.99
C LEU B 801 -18.27 -71.36 19.84
N VAL B 802 -16.99 -71.45 19.48
CA VAL B 802 -16.04 -72.35 20.15
C VAL B 802 -14.85 -71.55 20.66
N LYS B 803 -14.16 -70.87 19.76
CA LYS B 803 -12.92 -70.17 20.08
C LYS B 803 -13.19 -68.70 20.36
N VAL B 804 -12.53 -68.17 21.39
CA VAL B 804 -12.64 -66.78 21.77
C VAL B 804 -11.24 -66.23 22.03
N GLN B 805 -10.98 -65.02 21.54
CA GLN B 805 -9.69 -64.37 21.68
C GLN B 805 -9.84 -63.07 22.46
N LEU B 806 -8.81 -62.73 23.23
CA LEU B 806 -8.79 -61.52 24.03
C LEU B 806 -7.74 -60.56 23.49
N SER B 807 -8.10 -59.29 23.38
CA SER B 807 -7.23 -58.24 22.89
C SER B 807 -7.09 -57.15 23.93
N ASN B 808 -6.22 -56.18 23.64
CA ASN B 808 -5.95 -55.08 24.56
C ASN B 808 -7.07 -54.04 24.58
N ASP B 809 -7.97 -54.06 23.60
CA ASP B 809 -9.04 -53.08 23.51
C ASP B 809 -10.41 -53.69 23.74
N PHE B 810 -10.78 -54.72 22.98
CA PHE B 810 -12.08 -55.35 23.11
C PHE B 810 -11.95 -56.83 22.80
N ASP B 811 -12.86 -57.62 23.37
CA ASP B 811 -12.84 -59.06 23.17
C ASP B 811 -13.16 -59.39 21.72
N GLU B 812 -12.45 -60.38 21.18
CA GLU B 812 -12.63 -60.84 19.80
C GLU B 812 -13.05 -62.30 19.81
N TYR B 813 -14.14 -62.60 19.12
CA TYR B 813 -14.68 -63.95 19.02
C TYR B 813 -14.51 -64.43 17.58
N ILE B 814 -13.92 -65.61 17.42
CA ILE B 814 -13.71 -66.22 16.12
C ILE B 814 -14.85 -67.21 15.93
N MET B 815 -15.91 -66.77 15.24
CA MET B 815 -17.07 -67.61 15.00
C MET B 815 -16.83 -68.42 13.73
N ALA B 816 -16.90 -69.74 13.86
CA ALA B 816 -16.66 -70.65 12.74
C ALA B 816 -17.99 -71.01 12.09
N ILE B 817 -18.05 -70.89 10.77
CA ILE B 817 -19.29 -71.11 10.04
C ILE B 817 -19.58 -72.60 9.96
N GLU B 818 -20.44 -73.09 10.84
CA GLU B 818 -20.87 -74.49 10.77
C GLU B 818 -21.79 -74.72 9.58
N GLN B 819 -22.69 -73.76 9.31
CA GLN B 819 -23.60 -73.84 8.18
C GLN B 819 -24.27 -72.49 8.02
N THR B 820 -24.52 -72.10 6.77
CA THR B 820 -25.08 -70.79 6.44
C THR B 820 -26.57 -70.93 6.14
N ILE B 821 -27.39 -70.17 6.84
CA ILE B 821 -28.83 -70.16 6.61
C ILE B 821 -29.20 -69.13 5.56
N LYS B 822 -28.77 -67.89 5.73
CA LYS B 822 -29.05 -66.81 4.79
C LYS B 822 -27.81 -65.96 4.65
N SER B 823 -27.38 -65.73 3.40
CA SER B 823 -26.20 -64.94 3.11
C SER B 823 -26.62 -63.58 2.57
N GLY B 824 -26.13 -62.52 3.21
CA GLY B 824 -26.45 -61.17 2.78
C GLY B 824 -25.47 -60.63 1.76
N SER B 825 -24.92 -59.44 2.02
CA SER B 825 -23.97 -58.85 1.08
C SER B 825 -22.72 -59.72 0.94
N ASP B 826 -22.22 -60.25 2.06
CA ASP B 826 -21.02 -61.09 2.04
C ASP B 826 -21.41 -62.51 1.69
N GLU B 827 -21.01 -62.97 0.51
CA GLU B 827 -21.30 -64.33 0.06
C GLU B 827 -20.21 -65.26 0.57
N VAL B 828 -20.33 -65.63 1.84
CA VAL B 828 -19.36 -66.49 2.52
C VAL B 828 -19.94 -67.90 2.58
N GLN B 829 -19.13 -68.89 2.22
CA GLN B 829 -19.56 -70.28 2.23
C GLN B 829 -19.24 -70.91 3.58
N VAL B 830 -19.64 -72.17 3.74
CA VAL B 830 -19.42 -72.88 4.99
C VAL B 830 -17.97 -73.33 5.07
N GLY B 831 -17.32 -73.01 6.19
CA GLY B 831 -15.94 -73.40 6.39
C GLY B 831 -15.07 -72.25 6.88
N GLN B 832 -15.38 -71.04 6.45
CA GLN B 832 -14.61 -69.87 6.84
C GLN B 832 -14.98 -69.42 8.25
N GLN B 833 -14.13 -68.59 8.82
CA GLN B 833 -14.32 -68.03 10.15
C GLN B 833 -14.40 -66.52 10.07
N ARG B 834 -15.24 -65.94 10.94
CA ARG B 834 -15.44 -64.47 10.98
C ARG B 834 -15.05 -63.97 12.37
N THR B 835 -14.72 -62.69 12.47
CA THR B 835 -14.32 -62.04 13.71
C THR B 835 -15.43 -61.12 14.20
N PHE B 836 -15.77 -61.20 15.48
CA PHE B 836 -16.74 -60.32 16.11
C PHE B 836 -16.07 -59.61 17.27
N ILE B 837 -16.10 -58.28 17.26
CA ILE B 837 -15.46 -57.47 18.29
C ILE B 837 -16.54 -56.93 19.22
N SER B 838 -16.50 -57.35 20.48
CA SER B 838 -17.48 -56.92 21.48
C SER B 838 -16.77 -56.71 22.80
N PRO B 839 -17.31 -55.83 23.66
CA PRO B 839 -16.70 -55.65 24.98
C PRO B 839 -16.80 -56.91 25.82
N ILE B 840 -15.83 -57.08 26.72
CA ILE B 840 -15.83 -58.23 27.61
C ILE B 840 -17.04 -58.17 28.55
N LYS B 841 -17.42 -56.97 28.97
CA LYS B 841 -18.55 -56.83 29.87
C LYS B 841 -19.84 -57.31 29.21
N CYS B 842 -20.00 -57.06 27.91
CA CYS B 842 -21.21 -57.45 27.21
C CYS B 842 -21.38 -58.97 27.15
N ARG B 843 -20.31 -59.73 27.42
CA ARG B 843 -20.43 -61.19 27.38
C ARG B 843 -21.43 -61.69 28.40
N GLU B 844 -21.39 -61.13 29.62
CA GLU B 844 -22.34 -61.55 30.65
C GLU B 844 -23.76 -61.06 30.33
N ALA B 845 -23.87 -59.88 29.71
CA ALA B 845 -25.20 -59.37 29.37
C ALA B 845 -25.91 -60.27 28.39
N LEU B 846 -25.19 -60.81 27.41
CA LEU B 846 -25.76 -61.71 26.41
C LEU B 846 -25.74 -63.16 26.83
N LYS B 847 -25.29 -63.46 28.05
CA LYS B 847 -25.22 -64.83 28.57
C LYS B 847 -24.62 -65.78 27.55
N LEU B 848 -23.52 -65.35 26.94
CA LEU B 848 -22.82 -66.18 25.97
C LEU B 848 -21.97 -67.23 26.68
N GLU B 849 -21.94 -68.43 26.10
CA GLU B 849 -21.18 -69.54 26.65
C GLU B 849 -20.30 -70.13 25.56
N GLU B 850 -19.06 -70.46 25.92
CA GLU B 850 -18.12 -71.03 24.97
C GLU B 850 -18.58 -72.42 24.53
N LYS B 851 -18.32 -72.74 23.26
CA LYS B 851 -18.65 -74.05 22.70
C LYS B 851 -20.16 -74.30 22.79
N LYS B 852 -20.92 -73.41 22.16
CA LYS B 852 -22.37 -73.52 22.20
C LYS B 852 -22.97 -72.91 20.93
N HIS B 853 -24.15 -73.39 20.56
CA HIS B 853 -24.83 -72.91 19.37
C HIS B 853 -25.54 -71.59 19.64
N TYR B 854 -25.51 -70.70 18.64
CA TYR B 854 -26.14 -69.40 18.75
C TYR B 854 -26.61 -68.96 17.36
N LEU B 855 -27.72 -68.23 17.34
CA LEU B 855 -28.27 -67.64 16.12
C LEU B 855 -28.15 -66.13 16.23
N MET B 856 -27.42 -65.51 15.30
CA MET B 856 -27.20 -64.07 15.34
C MET B 856 -27.45 -63.46 13.96
N TRP B 857 -27.96 -62.23 13.99
CA TRP B 857 -28.10 -61.42 12.80
C TRP B 857 -27.88 -59.96 13.16
N GLY B 858 -27.26 -59.21 12.25
CA GLY B 858 -26.94 -57.82 12.51
C GLY B 858 -27.31 -56.90 11.38
N LEU B 859 -26.84 -55.64 11.46
CA LEU B 859 -27.13 -54.65 10.45
C LEU B 859 -26.16 -54.80 9.27
N SER B 860 -26.36 -53.95 8.25
CA SER B 860 -25.49 -53.95 7.08
C SER B 860 -24.41 -52.87 7.14
N SER B 861 -24.58 -51.85 7.99
CA SER B 861 -23.61 -50.78 8.13
C SER B 861 -22.62 -51.04 9.26
N ASP B 862 -22.70 -52.20 9.93
CA ASP B 862 -21.83 -52.52 11.03
C ASP B 862 -20.51 -53.14 10.59
N PHE B 863 -20.28 -53.30 9.29
CA PHE B 863 -19.05 -53.89 8.82
C PHE B 863 -17.85 -53.09 9.30
N TRP B 864 -16.84 -53.79 9.82
CA TRP B 864 -15.63 -53.18 10.32
C TRP B 864 -14.44 -53.84 9.65
N GLY B 865 -13.63 -53.05 8.94
CA GLY B 865 -12.47 -53.53 8.23
C GLY B 865 -12.62 -53.34 6.73
N GLU B 866 -11.73 -53.98 5.96
CA GLU B 866 -11.77 -53.92 4.47
C GLU B 866 -12.61 -55.09 3.96
N LYS B 867 -12.92 -55.13 2.66
CA LYS B 867 -13.69 -56.24 2.05
C LYS B 867 -13.22 -57.56 2.67
N PRO B 868 -11.93 -57.94 2.53
CA PRO B 868 -11.41 -59.18 3.13
C PRO B 868 -11.71 -59.26 4.63
N ASN B 869 -11.51 -58.16 5.36
CA ASN B 869 -11.70 -58.13 6.84
C ASN B 869 -13.08 -57.54 7.16
N LEU B 870 -14.14 -58.36 7.18
CA LEU B 870 -15.50 -57.89 7.53
C LEU B 870 -15.74 -58.11 9.03
N SER B 871 -14.81 -57.75 9.91
CA SER B 871 -15.08 -57.90 11.34
C SER B 871 -16.36 -57.19 11.72
N TYR B 872 -17.20 -57.89 12.47
CA TYR B 872 -18.52 -57.38 12.87
C TYR B 872 -18.46 -56.78 14.26
N ILE B 873 -19.46 -55.95 14.56
CA ILE B 873 -19.60 -55.29 15.85
C ILE B 873 -20.99 -55.61 16.40
N ILE B 874 -21.05 -56.04 17.65
CA ILE B 874 -22.30 -56.41 18.30
C ILE B 874 -22.75 -55.18 19.09
N GLY B 875 -23.55 -54.34 18.46
CA GLY B 875 -24.07 -53.14 19.07
C GLY B 875 -25.45 -53.35 19.68
N LYS B 876 -26.19 -52.24 19.81
CA LYS B 876 -27.53 -52.29 20.36
C LYS B 876 -28.57 -52.77 19.35
N ASP B 877 -28.21 -52.91 18.07
CA ASP B 877 -29.12 -53.37 17.05
C ASP B 877 -28.87 -54.82 16.63
N THR B 878 -27.67 -55.33 16.86
CA THR B 878 -27.38 -56.73 16.54
C THR B 878 -28.10 -57.64 17.52
N TRP B 879 -28.75 -58.67 16.98
CA TRP B 879 -29.51 -59.62 17.77
C TRP B 879 -28.79 -60.96 17.82
N VAL B 880 -28.65 -61.51 19.03
CA VAL B 880 -28.05 -62.82 19.24
C VAL B 880 -28.93 -63.59 20.22
N GLU B 881 -29.21 -64.85 19.90
CA GLU B 881 -30.04 -65.71 20.72
C GLU B 881 -29.36 -67.06 20.91
N HIS B 882 -29.60 -67.67 22.06
CA HIS B 882 -28.99 -68.94 22.41
C HIS B 882 -29.83 -70.09 21.85
N TRP B 883 -29.17 -71.04 21.20
CA TRP B 883 -29.82 -72.22 20.66
C TRP B 883 -29.53 -73.42 21.55
N PRO B 884 -30.51 -74.01 22.23
CA PRO B 884 -30.21 -75.16 23.09
C PRO B 884 -29.59 -76.31 22.31
N GLU B 885 -28.69 -77.03 22.96
CA GLU B 885 -28.02 -78.15 22.33
C GLU B 885 -29.04 -79.16 21.81
N GLU B 886 -28.59 -80.01 20.88
CA GLU B 886 -29.48 -81.00 20.28
C GLU B 886 -30.09 -81.90 21.35
N ASP B 887 -29.29 -82.28 22.35
CA ASP B 887 -29.77 -83.13 23.44
C ASP B 887 -30.32 -82.34 24.62
N GLU B 888 -30.32 -81.00 24.53
CA GLU B 888 -30.83 -80.18 25.61
C GLU B 888 -32.30 -79.82 25.45
N CYS B 889 -32.86 -79.95 24.24
CA CYS B 889 -34.26 -79.64 24.01
C CYS B 889 -35.20 -80.62 24.67
N GLN B 890 -34.69 -81.77 25.14
CA GLN B 890 -35.56 -82.78 25.75
C GLN B 890 -36.19 -82.28 27.05
N ASP B 891 -35.57 -81.30 27.71
CA ASP B 891 -36.12 -80.82 28.97
C ASP B 891 -37.48 -80.16 28.74
N GLU B 892 -38.37 -80.30 29.74
CA GLU B 892 -39.73 -79.83 29.58
C GLU B 892 -39.80 -78.32 29.37
N GLU B 893 -39.01 -77.56 30.14
CA GLU B 893 -39.08 -76.11 30.05
C GLU B 893 -38.46 -75.58 28.77
N ASN B 894 -37.57 -76.33 28.14
CA ASN B 894 -36.95 -75.91 26.88
C ASN B 894 -37.74 -76.34 25.65
N GLN B 895 -38.81 -77.12 25.84
CA GLN B 895 -39.58 -77.57 24.68
C GLN B 895 -40.21 -76.40 23.96
N LYS B 896 -40.80 -75.46 24.69
CA LYS B 896 -41.45 -74.32 24.05
C LYS B 896 -40.45 -73.47 23.29
N GLN B 897 -39.31 -73.17 23.92
CA GLN B 897 -38.29 -72.35 23.26
C GLN B 897 -37.74 -73.05 22.02
N CYS B 898 -37.46 -74.36 22.13
CA CYS B 898 -36.94 -75.09 20.99
C CYS B 898 -37.95 -75.11 19.84
N GLN B 899 -39.23 -75.35 20.16
CA GLN B 899 -40.26 -75.36 19.13
C GLN B 899 -40.39 -73.99 18.47
N ASP B 900 -40.37 -72.92 19.26
CA ASP B 900 -40.46 -71.58 18.69
C ASP B 900 -39.27 -71.29 17.79
N LEU B 901 -38.06 -71.65 18.22
CA LEU B 901 -36.89 -71.42 17.39
C LEU B 901 -36.95 -72.21 16.09
N GLY B 902 -37.38 -73.47 16.17
CA GLY B 902 -37.51 -74.26 14.96
C GLY B 902 -38.54 -73.70 14.00
N ALA B 903 -39.69 -73.27 14.53
CA ALA B 903 -40.72 -72.67 13.67
C ALA B 903 -40.21 -71.38 13.03
N PHE B 904 -39.51 -70.54 13.80
CA PHE B 904 -38.98 -69.30 13.24
C PHE B 904 -37.96 -69.59 12.15
N THR B 905 -37.07 -70.56 12.39
CA THR B 905 -36.06 -70.88 11.38
C THR B 905 -36.71 -71.45 10.12
N GLU B 906 -37.69 -72.33 10.27
CA GLU B 906 -38.34 -72.91 9.10
C GLU B 906 -39.09 -71.85 8.31
N SER B 907 -39.78 -70.94 9.00
CA SER B 907 -40.57 -69.93 8.31
C SER B 907 -39.68 -69.01 7.46
N MET B 908 -38.60 -68.51 8.06
CA MET B 908 -37.74 -67.58 7.34
C MET B 908 -37.00 -68.28 6.20
N VAL B 909 -36.54 -69.51 6.43
CA VAL B 909 -35.78 -70.23 5.41
C VAL B 909 -36.66 -70.48 4.19
N VAL B 910 -37.89 -70.94 4.41
CA VAL B 910 -38.78 -71.26 3.28
C VAL B 910 -39.20 -69.99 2.57
N PHE B 911 -39.61 -68.96 3.33
CA PHE B 911 -40.12 -67.72 2.76
C PHE B 911 -39.22 -66.53 3.06
N GLY B 912 -38.90 -66.28 4.32
CA GLY B 912 -38.11 -65.13 4.70
C GLY B 912 -38.96 -63.92 5.02
N CYS B 913 -38.33 -62.94 5.67
CA CYS B 913 -39.04 -61.72 6.04
C CYS B 913 -39.47 -60.97 4.78
N PRO B 914 -40.72 -60.50 4.71
CA PRO B 914 -41.13 -59.75 3.50
C PRO B 914 -40.27 -58.52 3.25
N ASN B 915 -39.84 -57.84 4.31
CA ASN B 915 -39.01 -56.65 4.15
C ASN B 915 -37.59 -57.03 3.76
N THR C 39 30.11 -34.74 -40.09
CA THR C 39 31.16 -34.00 -39.42
C THR C 39 30.67 -32.62 -39.01
N LYS C 40 31.26 -32.08 -37.93
CA LYS C 40 30.86 -30.77 -37.44
C LYS C 40 31.17 -29.65 -38.44
N GLU C 41 32.10 -29.89 -39.37
CA GLU C 41 32.40 -28.88 -40.37
C GLU C 41 31.18 -28.58 -41.24
N GLY C 42 30.42 -29.61 -41.61
CA GLY C 42 29.23 -29.39 -42.39
C GLY C 42 28.20 -28.56 -41.65
N ALA C 43 27.99 -28.85 -40.36
CA ALA C 43 27.05 -28.07 -39.56
C ALA C 43 27.51 -26.63 -39.43
N ALA C 44 28.82 -26.41 -39.23
CA ALA C 44 29.34 -25.05 -39.15
C ALA C 44 29.13 -24.31 -40.46
N ALA C 45 29.38 -24.97 -41.59
CA ALA C 45 29.17 -24.34 -42.88
C ALA C 45 27.70 -24.01 -43.09
N LEU C 46 26.80 -24.92 -42.71
CA LEU C 46 25.38 -24.64 -42.85
C LEU C 46 24.96 -23.45 -42.00
N CYS C 47 25.45 -23.38 -40.76
CA CYS C 47 25.13 -22.24 -39.90
C CYS C 47 25.67 -20.94 -40.50
N LYS C 48 26.89 -20.97 -41.03
CA LYS C 48 27.46 -19.78 -41.66
C LYS C 48 26.62 -19.34 -42.85
N MET C 49 26.19 -20.30 -43.68
CA MET C 49 25.39 -19.96 -44.84
C MET C 49 24.05 -19.37 -44.42
N LYS C 50 23.43 -19.95 -43.40
CA LYS C 50 22.16 -19.41 -42.91
C LYS C 50 22.34 -17.99 -42.40
N HIS C 51 23.41 -17.74 -41.64
CA HIS C 51 23.66 -16.40 -41.12
C HIS C 51 23.88 -15.41 -42.25
N LEU C 52 24.66 -15.80 -43.26
CA LEU C 52 24.91 -14.92 -44.39
C LEU C 52 23.62 -14.62 -45.16
N ALA C 53 22.78 -15.64 -45.36
CA ALA C 53 21.52 -15.43 -46.05
C ALA C 53 20.62 -14.48 -45.25
N ASP C 54 20.56 -14.66 -43.94
CA ASP C 54 19.75 -13.76 -43.12
C ASP C 54 20.28 -12.33 -43.20
N LYS C 55 21.60 -12.16 -43.13
CA LYS C 55 22.18 -10.82 -43.23
C LYS C 55 21.86 -10.18 -44.56
N VAL C 56 21.99 -10.94 -45.66
CA VAL C 56 21.69 -10.39 -46.97
C VAL C 56 20.22 -9.99 -47.06
N ALA C 57 19.34 -10.85 -46.55
CA ALA C 57 17.90 -10.57 -46.62
C ALA C 57 17.53 -9.32 -45.81
N LYS C 58 18.12 -9.16 -44.62
CA LYS C 58 17.67 -8.11 -43.70
C LYS C 58 18.53 -6.85 -43.74
N GLU C 59 19.78 -6.92 -44.21
CA GLU C 59 20.67 -5.77 -44.18
C GLU C 59 21.02 -5.27 -45.58
N ARG C 60 21.56 -6.14 -46.44
CA ARG C 60 22.02 -5.68 -47.75
C ARG C 60 20.85 -5.31 -48.65
N SER C 61 19.80 -6.11 -48.66
CA SER C 61 18.68 -5.87 -49.57
C SER C 61 18.04 -4.52 -49.29
N GLN C 62 17.69 -4.25 -48.03
CA GLN C 62 17.03 -2.99 -47.70
C GLN C 62 17.95 -1.81 -47.99
N GLU C 63 19.23 -1.92 -47.65
CA GLU C 63 20.15 -0.80 -47.83
C GLU C 63 20.33 -0.49 -49.32
N LEU C 64 20.43 -1.53 -50.16
CA LEU C 64 20.72 -1.31 -51.57
C LEU C 64 19.63 -0.49 -52.25
N LYS C 65 18.37 -0.80 -51.97
CA LYS C 65 17.27 -0.08 -52.62
C LYS C 65 17.27 1.40 -52.26
N ASP C 66 17.49 1.72 -50.99
CA ASP C 66 17.45 3.11 -50.54
C ASP C 66 18.56 3.97 -51.15
N ARG C 67 19.62 3.35 -51.66
CA ARG C 67 20.74 4.09 -52.25
C ARG C 67 20.60 4.29 -53.75
N THR C 68 19.51 3.80 -54.36
CA THR C 68 19.32 3.90 -55.79
C THR C 68 18.35 5.02 -56.20
N GLN C 69 17.45 5.43 -55.31
CA GLN C 69 16.47 6.46 -55.63
C GLN C 69 16.94 7.85 -55.24
N ASN C 70 18.14 7.99 -54.67
CA ASN C 70 18.66 9.29 -54.26
C ASN C 70 19.26 10.08 -55.40
N PHE C 71 19.72 9.42 -56.47
CA PHE C 71 20.31 10.14 -57.59
C PHE C 71 19.29 11.05 -58.25
N ALA C 72 18.05 10.58 -58.42
CA ALA C 72 17.01 11.41 -59.03
C ALA C 72 16.72 12.63 -58.18
N GLY C 73 16.66 12.47 -56.85
CA GLY C 73 16.40 13.59 -55.97
C GLY C 73 17.53 14.59 -55.86
N TYR C 74 18.76 14.18 -56.20
CA TYR C 74 19.91 15.07 -56.18
C TYR C 74 20.13 15.78 -57.50
N ILE C 75 19.93 15.08 -58.63
CA ILE C 75 20.10 15.72 -59.94
C ILE C 75 19.09 16.86 -60.11
N GLU C 76 17.83 16.59 -59.78
CA GLU C 76 16.80 17.62 -59.88
C GLU C 76 17.08 18.78 -58.94
N PHE C 77 17.52 18.47 -57.71
CA PHE C 77 17.83 19.53 -56.75
C PHE C 77 18.95 20.42 -57.26
N GLU C 78 20.00 19.82 -57.82
CA GLU C 78 21.12 20.62 -58.31
C GLU C 78 20.73 21.40 -59.56
N LEU C 79 19.88 20.84 -60.41
CA LEU C 79 19.37 21.58 -61.55
C LEU C 79 18.58 22.79 -61.08
N TYR C 80 17.73 22.61 -60.07
CA TYR C 80 16.97 23.73 -59.52
C TYR C 80 17.88 24.79 -58.92
N ARG C 81 18.92 24.37 -58.20
CA ARG C 81 19.86 25.34 -57.62
C ARG C 81 20.60 26.10 -58.71
N ILE C 82 21.01 25.42 -59.79
CA ILE C 82 21.68 26.11 -60.89
C ILE C 82 20.74 27.10 -61.55
N ASP C 83 19.48 26.71 -61.75
CA ASP C 83 18.51 27.62 -62.34
C ASP C 83 18.30 28.84 -61.45
N TYR C 84 18.22 28.62 -60.14
CA TYR C 84 18.05 29.75 -59.21
C TYR C 84 19.26 30.67 -59.26
N TRP C 85 20.47 30.10 -59.31
CA TRP C 85 21.67 30.93 -59.41
C TRP C 85 21.67 31.74 -60.69
N LEU C 86 21.28 31.13 -61.81
CA LEU C 86 21.22 31.85 -63.07
C LEU C 86 20.19 32.97 -63.00
N GLU C 87 19.02 32.70 -62.40
CA GLU C 87 17.99 33.71 -62.29
C GLU C 87 18.46 34.90 -61.45
N LYS C 88 19.14 34.62 -60.33
CA LYS C 88 19.64 35.69 -59.48
C LYS C 88 20.65 36.57 -60.19
N LEU C 89 21.33 36.06 -61.22
CA LEU C 89 22.35 36.82 -61.94
C LEU C 89 21.66 37.74 -62.93
N ASN C 90 21.86 39.05 -62.78
CA ASN C 90 21.25 40.05 -63.64
C ASN C 90 19.74 39.87 -63.69
N GLY C 91 19.15 39.65 -62.51
CA GLY C 91 17.73 39.45 -62.39
C GLY C 91 16.98 40.75 -62.26
N PRO C 92 15.74 40.70 -61.74
CA PRO C 92 14.96 41.93 -61.59
C PRO C 92 15.59 42.94 -60.65
N LYS C 93 16.47 42.51 -59.76
CA LYS C 93 17.15 43.40 -58.82
C LYS C 93 18.64 43.08 -58.85
N GLY C 94 19.39 43.70 -57.95
CA GLY C 94 20.83 43.51 -57.89
C GLY C 94 21.33 43.31 -56.47
N ARG C 95 22.50 43.87 -56.17
CA ARG C 95 23.12 43.74 -54.85
C ARG C 95 23.32 42.27 -54.48
N LYS C 96 23.67 41.45 -55.48
CA LYS C 96 23.90 40.02 -55.25
C LYS C 96 25.38 39.82 -54.95
N ASP C 97 25.78 40.30 -53.78
CA ASP C 97 27.16 40.19 -53.28
C ASP C 97 28.10 40.75 -54.35
N GLY C 98 29.12 40.01 -54.80
CA GLY C 98 30.05 40.55 -55.78
C GLY C 98 29.56 40.54 -57.20
N TYR C 99 28.53 39.74 -57.49
CA TYR C 99 27.98 39.67 -58.84
C TYR C 99 27.36 40.99 -59.27
N ALA C 100 26.99 41.86 -58.32
CA ALA C 100 26.37 43.13 -58.68
C ALA C 100 27.33 44.01 -59.48
N LYS C 101 28.59 44.05 -59.06
CA LYS C 101 29.61 44.88 -59.71
C LYS C 101 30.37 44.11 -60.79
N LEU C 102 30.00 42.87 -61.05
CA LEU C 102 30.69 42.06 -62.04
C LEU C 102 30.66 42.73 -63.41
N SER C 103 31.78 42.61 -64.13
CA SER C 103 31.90 43.25 -65.43
C SER C 103 30.89 42.68 -66.41
N ASP C 104 30.52 43.51 -67.40
CA ASP C 104 29.53 43.10 -68.39
C ASP C 104 30.03 41.90 -69.19
N SER C 105 31.31 41.91 -69.58
CA SER C 105 31.84 40.82 -70.38
C SER C 105 31.78 39.49 -69.62
N ASP C 106 32.14 39.51 -68.34
CA ASP C 106 32.17 38.27 -67.57
C ASP C 106 30.77 37.69 -67.38
N ILE C 107 29.74 38.55 -67.36
CA ILE C 107 28.38 38.07 -67.18
C ILE C 107 27.97 37.15 -68.32
N GLU C 108 28.34 37.52 -69.55
CA GLU C 108 27.99 36.69 -70.70
C GLU C 108 28.62 35.30 -70.59
N LYS C 109 29.90 35.24 -70.22
CA LYS C 109 30.56 33.95 -70.07
C LYS C 109 29.94 33.14 -68.94
N VAL C 110 29.61 33.79 -67.83
CA VAL C 110 28.99 33.08 -66.71
C VAL C 110 27.65 32.49 -67.13
N LYS C 111 26.85 33.28 -67.84
CA LYS C 111 25.56 32.78 -68.31
C LYS C 111 25.74 31.64 -69.29
N GLU C 112 26.71 31.75 -70.21
CA GLU C 112 26.94 30.68 -71.18
C GLU C 112 27.34 29.39 -70.49
N ILE C 113 28.26 29.46 -69.53
CA ILE C 113 28.72 28.25 -68.85
C ILE C 113 27.61 27.65 -68.00
N PHE C 114 26.80 28.51 -67.35
CA PHE C 114 25.67 28.01 -66.58
C PHE C 114 24.68 27.29 -67.48
N ASN C 115 24.37 27.87 -68.64
CA ASN C 115 23.44 27.23 -69.57
C ASN C 115 24.00 25.92 -70.09
N LYS C 116 25.30 25.88 -70.39
CA LYS C 116 25.90 24.64 -70.86
C LYS C 116 25.82 23.55 -69.80
N ALA C 117 26.13 23.89 -68.55
CA ALA C 117 26.05 22.92 -67.47
C ALA C 117 24.63 22.44 -67.27
N LYS C 118 23.66 23.35 -67.32
CA LYS C 118 22.26 22.96 -67.16
C LYS C 118 21.82 22.02 -68.27
N ASP C 119 22.20 22.32 -69.51
CA ASP C 119 21.85 21.45 -70.63
C ASP C 119 22.51 20.08 -70.47
N GLY C 120 23.77 20.05 -70.05
CA GLY C 120 24.46 18.77 -69.91
C GLY C 120 23.87 17.91 -68.82
N ILE C 121 23.52 18.50 -67.69
CA ILE C 121 23.05 17.73 -66.54
C ILE C 121 21.66 17.15 -66.73
N THR C 122 20.83 17.74 -67.61
CA THR C 122 19.45 17.30 -67.73
C THR C 122 19.35 15.87 -68.24
N LYS C 123 20.22 15.49 -69.19
CA LYS C 123 20.08 14.21 -69.86
C LYS C 123 20.27 13.02 -68.92
N GLN C 124 20.82 13.22 -67.73
CA GLN C 124 21.10 12.11 -66.83
C GLN C 124 19.90 11.69 -66.01
N LEU C 125 18.82 12.48 -66.00
CA LEU C 125 17.68 12.16 -65.16
C LEU C 125 17.02 10.83 -65.51
N PRO C 126 16.65 10.55 -66.75
CA PRO C 126 15.92 9.30 -67.03
C PRO C 126 16.70 8.05 -66.67
N GLU C 127 18.03 8.06 -66.83
CA GLU C 127 18.82 6.89 -66.50
C GLU C 127 18.67 6.51 -65.04
N ALA C 128 18.71 7.51 -64.14
CA ALA C 128 18.50 7.24 -62.73
C ALA C 128 17.03 6.95 -62.41
N LYS C 129 16.11 7.60 -63.11
CA LYS C 129 14.69 7.38 -62.83
C LYS C 129 14.29 5.94 -63.13
N LYS C 130 14.68 5.42 -64.30
CA LYS C 130 14.37 4.02 -64.62
C LYS C 130 15.12 3.07 -63.69
N ALA C 131 16.37 3.38 -63.37
CA ALA C 131 17.16 2.52 -62.51
C ALA C 131 16.53 2.40 -61.12
N GLY C 132 15.97 3.50 -60.60
CA GLY C 132 15.35 3.43 -59.28
C GLY C 132 14.20 2.46 -59.23
N GLU C 133 13.29 2.53 -60.20
CA GLU C 133 12.17 1.61 -60.22
C GLU C 133 12.61 0.17 -60.48
N GLU C 134 13.60 -0.01 -61.37
CA GLU C 134 14.10 -1.36 -61.62
C GLU C 134 14.69 -1.96 -60.34
N ALA C 135 15.49 -1.16 -59.62
CA ALA C 135 16.09 -1.64 -58.37
C ALA C 135 15.03 -1.94 -57.33
N GLY C 136 14.01 -1.09 -57.24
CA GLY C 136 12.93 -1.34 -56.28
C GLY C 136 12.21 -2.65 -56.57
N LYS C 137 11.86 -2.87 -57.84
CA LYS C 137 11.18 -4.12 -58.20
C LYS C 137 12.07 -5.33 -57.93
N LEU C 138 13.35 -5.23 -58.29
CA LEU C 138 14.25 -6.36 -58.07
C LEU C 138 14.44 -6.62 -56.58
N HIS C 139 14.54 -5.57 -55.77
CA HIS C 139 14.65 -5.75 -54.34
C HIS C 139 13.41 -6.41 -53.76
N THR C 140 12.23 -6.01 -54.23
CA THR C 140 11.00 -6.65 -53.76
C THR C 140 11.02 -8.14 -54.11
N GLU C 141 11.42 -8.47 -55.34
CA GLU C 141 11.47 -9.86 -55.75
C GLU C 141 12.46 -10.65 -54.90
N VAL C 142 13.63 -10.08 -54.64
CA VAL C 142 14.65 -10.77 -53.86
C VAL C 142 14.18 -10.96 -52.42
N LYS C 143 13.53 -9.94 -51.85
CA LYS C 143 13.00 -10.08 -50.49
C LYS C 143 11.94 -11.17 -50.42
N LYS C 144 11.05 -11.22 -51.41
CA LYS C 144 10.05 -12.29 -51.44
C LYS C 144 10.71 -13.66 -51.54
N ALA C 145 11.72 -13.78 -52.41
CA ALA C 145 12.40 -15.07 -52.56
C ALA C 145 13.09 -15.47 -51.26
N ALA C 146 13.75 -14.52 -50.59
CA ALA C 146 14.43 -14.84 -49.34
C ALA C 146 13.43 -15.25 -48.26
N GLU C 147 12.29 -14.54 -48.18
CA GLU C 147 11.27 -14.92 -47.20
C GLU C 147 10.68 -16.28 -47.52
N ASN C 148 10.62 -16.65 -48.79
CA ASN C 148 10.11 -17.97 -49.15
C ASN C 148 10.99 -19.06 -48.57
N ALA C 149 12.31 -18.90 -48.64
CA ALA C 149 13.25 -19.88 -48.11
C ALA C 149 13.22 -19.88 -46.58
N THR C 207 31.43 -21.80 -33.29
CA THR C 207 32.12 -22.22 -34.50
C THR C 207 32.15 -21.09 -35.53
N SER C 208 31.01 -20.84 -36.15
CA SER C 208 30.91 -19.78 -37.15
C SER C 208 30.94 -18.39 -36.54
N TYR C 209 30.74 -18.27 -35.22
CA TYR C 209 30.76 -16.95 -34.60
C TYR C 209 32.15 -16.31 -34.70
N GLU C 210 33.20 -17.11 -34.54
CA GLU C 210 34.56 -16.57 -34.61
C GLU C 210 34.88 -16.04 -36.01
N GLU C 211 34.12 -16.46 -37.01
CA GLU C 211 34.36 -16.02 -38.38
C GLU C 211 33.68 -14.70 -38.71
N ASN C 212 32.95 -14.11 -37.76
CA ASN C 212 32.27 -12.84 -38.01
C ASN C 212 33.22 -11.75 -38.50
N TYR C 213 34.52 -11.94 -38.37
CA TYR C 213 35.48 -10.95 -38.86
C TYR C 213 35.41 -10.80 -40.38
N ASP C 214 34.81 -11.77 -41.08
CA ASP C 214 34.72 -11.67 -42.54
C ASP C 214 34.02 -10.38 -42.95
N TRP C 215 32.86 -10.09 -42.34
CA TRP C 215 32.09 -8.83 -42.61
C TRP C 215 31.94 -8.61 -44.12
N SER C 216 31.60 -9.65 -44.87
CA SER C 216 31.39 -9.50 -46.31
C SER C 216 30.20 -10.36 -46.73
N ALA C 217 29.20 -9.72 -47.32
CA ALA C 217 28.00 -10.40 -47.80
C ALA C 217 27.61 -9.86 -49.18
N ASN C 218 28.59 -9.68 -50.05
CA ASN C 218 28.35 -9.11 -51.38
C ASN C 218 27.98 -10.19 -52.40
N ALA C 219 28.90 -11.14 -52.62
CA ALA C 219 28.64 -12.24 -53.56
C ALA C 219 29.17 -13.55 -53.01
N LEU C 220 29.17 -13.72 -51.69
CA LEU C 220 29.75 -14.89 -51.05
C LEU C 220 28.79 -16.06 -50.94
N GLN C 221 27.50 -15.85 -51.23
CA GLN C 221 26.52 -16.93 -51.07
C GLN C 221 26.80 -18.08 -52.04
N VAL C 222 26.95 -17.77 -53.32
CA VAL C 222 27.15 -18.82 -54.32
C VAL C 222 28.46 -19.54 -54.07
N ALA C 223 29.53 -18.81 -53.76
CA ALA C 223 30.82 -19.44 -53.52
C ALA C 223 30.77 -20.33 -52.27
N LEU C 224 30.14 -19.83 -51.20
CA LEU C 224 30.01 -20.63 -49.99
C LEU C 224 29.24 -21.92 -50.26
N ASN C 225 28.16 -21.83 -51.04
CA ASN C 225 27.45 -23.03 -51.45
C ASN C 225 28.37 -23.93 -52.28
N SER C 226 29.27 -23.33 -53.05
CA SER C 226 30.20 -24.12 -53.86
C SER C 226 31.11 -24.97 -52.99
N TRP C 227 31.74 -24.35 -51.97
CA TRP C 227 32.53 -25.17 -51.06
C TRP C 227 31.66 -26.17 -50.30
N GLU C 228 30.46 -25.76 -49.90
CA GLU C 228 29.61 -26.65 -49.12
C GLU C 228 29.27 -27.92 -49.90
N ASP C 229 28.95 -27.78 -51.19
CA ASP C 229 28.63 -28.94 -52.00
C ASP C 229 29.82 -29.88 -52.12
N VAL C 230 31.02 -29.33 -52.30
CA VAL C 230 32.23 -30.13 -52.43
C VAL C 230 32.53 -30.82 -51.10
N GLU C 260 14.67 -29.29 -50.74
CA GLU C 260 13.55 -28.41 -51.06
C GLU C 260 13.97 -26.95 -50.92
N TRP C 261 14.78 -26.65 -49.90
CA TRP C 261 15.26 -25.30 -49.66
C TRP C 261 16.47 -24.93 -50.50
N GLN C 262 17.05 -25.90 -51.22
CA GLN C 262 18.21 -25.61 -52.06
C GLN C 262 17.82 -24.90 -53.36
N THR C 263 16.64 -25.21 -53.92
CA THR C 263 16.28 -24.65 -55.22
C THR C 263 16.21 -23.13 -55.22
N PRO C 264 15.58 -22.47 -54.25
CA PRO C 264 15.52 -20.99 -54.32
C PRO C 264 16.90 -20.33 -54.24
N TYR C 265 17.88 -21.00 -53.65
CA TYR C 265 19.20 -20.40 -53.48
C TYR C 265 19.92 -20.18 -54.81
N LYS C 266 19.48 -20.85 -55.88
CA LYS C 266 20.19 -20.76 -57.15
C LYS C 266 20.03 -19.39 -57.80
N GLU C 267 18.83 -18.82 -57.82
CA GLU C 267 18.57 -17.55 -58.49
C GLU C 267 18.87 -16.34 -57.62
N THR C 268 19.11 -16.53 -56.31
CA THR C 268 19.40 -15.40 -55.45
C THR C 268 20.68 -14.70 -55.88
N VAL C 269 21.71 -15.46 -56.21
CA VAL C 269 22.98 -14.86 -56.63
C VAL C 269 22.80 -14.10 -57.94
N GLU C 270 22.05 -14.68 -58.88
CA GLU C 270 21.81 -13.99 -60.15
C GLU C 270 21.07 -12.68 -59.93
N LYS C 271 20.03 -12.71 -59.09
CA LYS C 271 19.29 -11.47 -58.80
C LYS C 271 20.18 -10.45 -58.12
N LEU C 272 21.04 -10.89 -57.20
CA LEU C 272 21.93 -9.96 -56.51
C LEU C 272 22.93 -9.33 -57.48
N ARG C 273 23.46 -10.13 -58.40
CA ARG C 273 24.38 -9.58 -59.41
C ARG C 273 23.66 -8.59 -60.32
N GLU C 274 22.42 -8.90 -60.69
CA GLU C 274 21.64 -7.96 -61.51
C GLU C 274 21.41 -6.66 -60.76
N LEU C 275 21.11 -6.74 -59.46
CA LEU C 275 20.94 -5.54 -58.65
C LEU C 275 22.23 -4.75 -58.58
N GLU C 276 23.36 -5.45 -58.42
CA GLU C 276 24.66 -4.77 -58.38
C GLU C 276 24.92 -4.03 -59.69
N ASP C 277 24.62 -4.68 -60.82
CA ASP C 277 24.81 -4.01 -62.11
C ASP C 277 23.89 -2.80 -62.25
N ALA C 278 22.63 -2.94 -61.83
CA ALA C 278 21.71 -1.81 -61.91
C ALA C 278 22.19 -0.64 -61.06
N TYR C 279 22.67 -0.92 -59.84
CA TYR C 279 23.20 0.14 -59.00
C TYR C 279 24.47 0.74 -59.58
N GLN C 280 25.31 -0.08 -60.23
CA GLN C 280 26.51 0.42 -60.86
C GLN C 280 26.17 1.38 -61.99
N ARG C 281 25.10 1.10 -62.74
CA ARG C 281 24.68 2.02 -63.78
C ARG C 281 24.38 3.40 -63.20
N GLY C 282 23.58 3.44 -62.13
CA GLY C 282 23.26 4.72 -61.51
C GLY C 282 24.48 5.40 -60.91
N LYS C 283 25.39 4.62 -60.32
CA LYS C 283 26.61 5.20 -59.78
C LYS C 283 27.45 5.83 -60.88
N LYS C 284 27.57 5.16 -62.02
CA LYS C 284 28.32 5.71 -63.15
C LYS C 284 27.65 6.98 -63.66
N ALA C 285 26.32 6.98 -63.75
CA ALA C 285 25.61 8.18 -64.18
C ALA C 285 25.86 9.35 -63.24
N HIS C 286 25.79 9.09 -61.93
CA HIS C 286 26.04 10.14 -60.96
C HIS C 286 27.48 10.65 -61.06
N ASP C 287 28.45 9.74 -61.20
CA ASP C 287 29.84 10.15 -61.33
C ASP C 287 30.07 10.99 -62.57
N ALA C 288 29.46 10.62 -63.69
CA ALA C 288 29.55 11.43 -64.90
C ALA C 288 28.92 12.79 -64.71
N MET C 289 27.78 12.85 -64.00
CA MET C 289 27.14 14.14 -63.75
C MET C 289 28.05 15.08 -62.97
N LEU C 290 28.95 14.53 -62.15
CA LEU C 290 29.82 15.37 -61.34
C LEU C 290 30.71 16.26 -62.21
N GLY C 291 31.12 15.77 -63.38
CA GLY C 291 31.99 16.55 -64.24
C GLY C 291 31.39 17.89 -64.60
N TYR C 292 30.11 17.91 -64.95
CA TYR C 292 29.42 19.16 -65.25
C TYR C 292 28.91 19.86 -63.99
N ALA C 293 28.67 19.12 -62.91
CA ALA C 293 28.20 19.73 -61.68
C ALA C 293 29.25 20.58 -60.99
N ASN C 294 30.50 20.11 -60.97
CA ASN C 294 31.56 20.79 -60.24
C ASN C 294 31.97 22.12 -60.86
N THR C 295 31.92 22.22 -62.19
CA THR C 295 32.39 23.44 -62.85
C THR C 295 31.55 24.65 -62.45
N ALA C 296 30.23 24.50 -62.42
CA ALA C 296 29.37 25.62 -62.07
C ALA C 296 29.63 26.09 -60.65
N TYR C 297 29.74 25.16 -59.71
CA TYR C 297 30.02 25.54 -58.32
C TYR C 297 31.38 26.21 -58.20
N ALA C 298 32.39 25.78 -58.94
CA ALA C 298 33.72 26.45 -58.90
C ALA C 298 33.56 27.93 -59.26
N VAL C 299 33.25 28.25 -60.51
CA VAL C 299 33.10 29.65 -61.00
C VAL C 299 32.23 30.43 -60.01
N ASN C 300 31.23 29.81 -59.37
CA ASN C 300 30.34 30.50 -58.40
C ASN C 300 31.17 31.17 -57.30
N THR C 301 31.81 30.39 -56.41
CA THR C 301 32.62 30.93 -55.29
C THR C 301 33.97 31.44 -55.79
N LYS C 302 34.24 31.39 -57.09
CA LYS C 302 35.48 32.02 -57.62
C LYS C 302 35.13 33.49 -57.83
N VAL C 303 34.06 33.74 -58.59
CA VAL C 303 33.59 35.12 -58.86
C VAL C 303 32.98 35.63 -57.57
N GLU C 304 32.54 34.73 -56.67
CA GLU C 304 31.86 35.29 -55.51
C GLU C 304 32.78 36.23 -54.73
N GLN C 305 34.10 36.05 -54.86
CA GLN C 305 35.10 36.90 -54.18
C GLN C 305 35.51 38.04 -55.13
N GLU C 306 36.64 38.70 -54.85
CA GLU C 306 37.10 39.82 -55.71
C GLU C 306 38.03 39.27 -56.80
N LYS C 307 37.55 38.34 -57.61
CA LYS C 307 38.35 37.73 -58.72
C LYS C 307 37.95 38.38 -60.05
N PRO C 308 38.85 39.12 -60.73
CA PRO C 308 38.52 39.70 -62.04
C PRO C 308 38.51 38.74 -63.24
N LEU C 309 37.91 39.20 -64.34
CA LEU C 309 37.76 38.37 -65.57
C LEU C 309 38.97 37.48 -65.81
N THR C 310 40.19 38.00 -65.72
CA THR C 310 41.43 37.23 -66.01
C THR C 310 41.30 35.79 -65.52
N GLU C 311 41.61 35.52 -64.24
CA GLU C 311 41.56 34.16 -63.66
C GLU C 311 40.30 33.43 -64.12
N VAL C 312 39.13 34.04 -63.95
CA VAL C 312 37.82 33.39 -64.29
C VAL C 312 37.92 32.76 -65.69
N ILE C 313 38.06 33.55 -66.75
CA ILE C 313 38.08 33.04 -68.16
C ILE C 313 39.26 32.09 -68.34
N ALA C 314 40.43 32.42 -67.78
CA ALA C 314 41.64 31.57 -67.85
C ALA C 314 41.28 30.14 -67.45
N ALA C 315 40.59 29.94 -66.31
CA ALA C 315 40.21 28.61 -65.80
C ALA C 315 39.05 28.04 -66.62
N ALA C 316 38.04 28.86 -66.95
CA ALA C 316 36.86 28.43 -67.74
C ALA C 316 37.33 27.76 -69.04
#